data_5X5S
#
_entry.id   5X5S
#
_entity_poly.entity_id   1
_entity_poly.type   'polypeptide(L)'
_entity_poly.pdbx_seq_one_letter_code
;TPSASGLTKVATVSAASSLIGEGFMAQCDNPTIEGDGPIGKTLYVVGDFADASWKQKPHRAYRYVGENTYQAVVDEKAGA
FRMQYASKDWSPQFTADGLELTPGKTASLKRGGYGQDTAVTLPEAGQYVWSLKFTDSGDPEQIMVSKCPLEHHHHHH
;
_entity_poly.pdbx_strand_id   A
#
# COMPACT_ATOMS: atom_id res chain seq x y z
N THR A 1 13.47 -11.78 -19.11
CA THR A 1 14.15 -10.58 -19.67
C THR A 1 13.21 -9.80 -20.59
N PRO A 2 13.19 -8.46 -20.46
CA PRO A 2 12.32 -7.58 -21.27
C PRO A 2 12.83 -7.45 -22.71
N SER A 3 14.15 -7.46 -22.88
CA SER A 3 14.78 -7.35 -24.21
C SER A 3 14.38 -6.04 -24.91
N ALA A 4 14.92 -5.83 -26.11
CA ALA A 4 14.64 -4.63 -26.88
C ALA A 4 14.51 -4.94 -28.37
N SER A 5 13.28 -5.10 -28.84
CA SER A 5 13.02 -5.41 -30.25
C SER A 5 13.26 -4.18 -31.13
N GLY A 6 12.40 -3.17 -30.98
CA GLY A 6 12.53 -1.96 -31.76
C GLY A 6 11.78 -0.79 -31.16
N LEU A 7 11.92 -0.59 -29.85
CA LEU A 7 11.25 0.50 -29.15
C LEU A 7 12.27 1.48 -28.56
N THR A 8 12.10 2.76 -28.88
CA THR A 8 13.01 3.80 -28.38
C THR A 8 12.22 5.03 -27.94
N LYS A 9 11.43 5.59 -28.85
CA LYS A 9 10.62 6.78 -28.55
C LYS A 9 9.26 6.39 -27.98
N VAL A 10 8.83 7.13 -26.95
CA VAL A 10 7.55 6.86 -26.31
C VAL A 10 6.41 7.60 -27.02
N ALA A 11 5.28 6.92 -27.19
CA ALA A 11 4.12 7.50 -27.86
C ALA A 11 3.44 8.56 -26.98
N THR A 12 3.21 9.74 -27.55
CA THR A 12 2.58 10.83 -26.83
C THR A 12 1.09 10.94 -27.18
N VAL A 13 0.27 11.16 -26.16
CA VAL A 13 -1.18 11.28 -26.34
C VAL A 13 -1.55 12.69 -26.81
N SER A 14 -2.34 12.75 -27.90
CA SER A 14 -2.76 14.02 -28.48
C SER A 14 -1.58 14.82 -29.01
N ALA A 15 -0.88 15.54 -28.13
CA ALA A 15 0.28 16.34 -28.53
C ALA A 15 0.93 16.99 -27.32
N ALA A 16 2.25 16.88 -27.23
CA ALA A 16 3.01 17.47 -26.13
C ALA A 16 4.49 17.51 -26.44
N SER A 17 4.97 18.69 -26.87
CA SER A 17 6.39 18.87 -27.22
C SER A 17 7.26 18.74 -25.98
N SER A 18 7.98 17.61 -25.87
CA SER A 18 8.86 17.37 -24.74
C SER A 18 10.32 17.35 -25.16
N LEU A 19 11.00 18.49 -25.02
CA LEU A 19 12.41 18.60 -25.37
C LEU A 19 13.31 18.20 -24.20
N ILE A 20 12.80 18.37 -22.97
CA ILE A 20 13.55 18.02 -21.77
C ILE A 20 12.69 17.21 -20.81
N GLY A 21 13.31 16.19 -20.20
CA GLY A 21 12.59 15.33 -19.27
C GLY A 21 13.40 14.99 -18.04
N GLU A 22 12.72 14.89 -16.90
CA GLU A 22 13.37 14.57 -15.63
C GLU A 22 13.16 13.10 -15.29
N GLY A 23 14.14 12.52 -14.60
CA GLY A 23 14.06 11.13 -14.20
C GLY A 23 13.06 10.89 -13.09
N PHE A 24 11.77 11.03 -13.41
CA PHE A 24 10.71 10.83 -12.43
C PHE A 24 10.60 9.37 -12.02
N MET A 25 10.87 8.46 -12.97
CA MET A 25 10.81 7.02 -12.70
C MET A 25 11.80 6.62 -11.59
N ALA A 26 12.85 7.43 -11.40
CA ALA A 26 13.86 7.15 -10.37
C ALA A 26 13.30 7.34 -8.95
N GLN A 27 12.10 7.91 -8.84
CA GLN A 27 11.47 8.13 -7.54
C GLN A 27 10.70 6.90 -7.04
N CYS A 28 10.89 5.75 -7.71
CA CYS A 28 10.21 4.51 -7.34
C CYS A 28 8.70 4.63 -7.52
N ASP A 29 8.29 5.10 -8.69
CA ASP A 29 6.87 5.26 -9.00
C ASP A 29 6.54 4.63 -10.35
N ASN A 30 5.91 3.44 -10.31
CA ASN A 30 5.55 2.74 -11.55
C ASN A 30 4.30 3.37 -12.18
N PRO A 31 4.14 3.24 -13.51
CA PRO A 31 2.99 3.79 -14.23
C PRO A 31 1.68 3.15 -13.78
N THR A 32 0.74 3.98 -13.33
CA THR A 32 -0.55 3.49 -12.87
C THR A 32 -1.67 3.84 -13.85
N ILE A 33 -2.00 2.88 -14.70
CA ILE A 33 -3.05 3.03 -15.71
C ILE A 33 -4.36 2.43 -15.21
N GLU A 34 -5.45 2.77 -15.88
CA GLU A 34 -6.76 2.24 -15.50
C GLU A 34 -6.79 0.72 -15.65
N GLY A 35 -6.78 0.02 -14.51
CA GLY A 35 -6.80 -1.44 -14.51
C GLY A 35 -8.07 -1.99 -13.91
N ASP A 36 -7.94 -3.11 -13.20
CA ASP A 36 -9.09 -3.74 -12.55
C ASP A 36 -9.04 -3.53 -11.03
N GLY A 37 -8.69 -2.31 -10.61
CA GLY A 37 -8.62 -2.00 -9.19
C GLY A 37 -9.99 -1.79 -8.58
N PRO A 38 -10.07 -1.60 -7.26
CA PRO A 38 -11.35 -1.38 -6.56
C PRO A 38 -11.98 -0.05 -6.91
N ILE A 39 -12.83 -0.06 -7.94
CA ILE A 39 -13.50 1.15 -8.39
C ILE A 39 -14.53 1.63 -7.38
N GLY A 40 -14.81 2.93 -7.38
CA GLY A 40 -15.77 3.50 -6.45
C GLY A 40 -15.40 3.25 -4.99
N LYS A 41 -14.11 3.03 -4.74
CA LYS A 41 -13.64 2.77 -3.38
C LYS A 41 -12.48 3.69 -3.01
N THR A 42 -12.57 4.30 -1.83
CA THR A 42 -11.52 5.20 -1.34
C THR A 42 -10.86 4.64 -0.07
N LEU A 43 -9.56 4.85 0.06
CA LEU A 43 -8.81 4.37 1.23
C LEU A 43 -8.33 5.53 2.09
N TYR A 44 -8.45 5.38 3.41
CA TYR A 44 -8.02 6.41 4.34
C TYR A 44 -7.04 5.87 5.38
N VAL A 45 -5.85 6.46 5.43
CA VAL A 45 -4.81 6.04 6.37
C VAL A 45 -4.56 7.11 7.43
N VAL A 46 -4.42 6.68 8.69
CA VAL A 46 -4.18 7.60 9.80
C VAL A 46 -2.97 7.16 10.63
N GLY A 47 -1.97 8.04 10.71
CA GLY A 47 -0.78 7.73 11.48
C GLY A 47 -0.83 8.30 12.89
N ASP A 48 -0.31 7.54 13.86
CA ASP A 48 -0.29 7.96 15.25
C ASP A 48 0.90 7.39 16.01
N PHE A 49 1.76 8.29 16.49
CA PHE A 49 2.95 7.90 17.25
C PHE A 49 3.68 9.14 17.76
N ALA A 50 4.29 9.88 16.83
CA ALA A 50 5.04 11.09 17.19
C ALA A 50 4.31 12.35 16.72
N ASP A 51 3.52 12.23 15.65
CA ASP A 51 2.79 13.37 15.12
C ASP A 51 1.28 13.23 15.36
N ALA A 52 0.63 12.28 14.66
CA ALA A 52 -0.81 12.06 14.79
C ALA A 52 -1.57 13.08 13.96
N SER A 53 -0.95 13.50 12.86
CA SER A 53 -1.54 14.48 11.95
C SER A 53 -2.84 13.98 11.33
N TRP A 54 -2.86 12.68 10.98
CA TRP A 54 -4.05 12.08 10.37
C TRP A 54 -4.43 12.80 9.07
N LYS A 55 -3.44 13.03 8.22
CA LYS A 55 -3.66 13.73 6.95
C LYS A 55 -3.84 12.74 5.79
N GLN A 56 -4.79 13.04 4.90
CA GLN A 56 -5.06 12.19 3.74
C GLN A 56 -5.46 13.06 2.55
N LYS A 57 -4.48 13.41 1.72
CA LYS A 57 -4.74 14.24 0.54
C LYS A 57 -5.68 13.52 -0.44
N PRO A 58 -6.69 14.24 -0.97
CA PRO A 58 -7.66 13.66 -1.91
C PRO A 58 -7.02 13.28 -3.26
N HIS A 59 -6.07 14.10 -3.73
CA HIS A 59 -5.38 13.84 -4.98
C HIS A 59 -4.64 12.50 -4.95
N ARG A 60 -4.27 12.05 -3.75
CA ARG A 60 -3.55 10.78 -3.59
C ARG A 60 -4.28 9.87 -2.59
N ALA A 61 -5.56 10.17 -2.32
CA ALA A 61 -6.37 9.38 -1.39
C ALA A 61 -6.62 7.97 -1.94
N TYR A 62 -6.54 7.82 -3.27
CA TYR A 62 -6.77 6.53 -3.90
C TYR A 62 -6.25 6.51 -5.33
N ARG A 63 -5.13 5.82 -5.54
CA ARG A 63 -4.54 5.70 -6.87
C ARG A 63 -4.78 4.31 -7.46
N TYR A 64 -5.26 4.27 -8.70
CA TYR A 64 -5.56 3.01 -9.37
C TYR A 64 -4.37 2.48 -10.16
N VAL A 65 -3.91 1.29 -9.77
CA VAL A 65 -2.80 0.64 -10.46
C VAL A 65 -3.34 -0.31 -11.51
N GLY A 66 -3.05 -0.02 -12.79
CA GLY A 66 -3.54 -0.85 -13.86
C GLY A 66 -2.96 -2.25 -13.83
N GLU A 67 -3.53 -3.09 -12.97
CA GLU A 67 -3.08 -4.48 -12.81
C GLU A 67 -3.71 -5.14 -11.58
N ASN A 68 -4.97 -4.77 -11.25
CA ASN A 68 -5.65 -5.32 -10.08
C ASN A 68 -4.88 -4.97 -8.81
N THR A 69 -4.07 -3.90 -8.87
CA THR A 69 -3.27 -3.47 -7.73
C THR A 69 -3.71 -2.08 -7.24
N TYR A 70 -3.44 -1.81 -5.97
CA TYR A 70 -3.79 -0.53 -5.36
C TYR A 70 -2.53 0.16 -4.83
N GLN A 71 -2.47 1.48 -5.02
CA GLN A 71 -1.33 2.27 -4.56
C GLN A 71 -1.78 3.57 -3.91
N ALA A 72 -1.12 3.94 -2.81
CA ALA A 72 -1.45 5.17 -2.09
C ALA A 72 -0.21 5.73 -1.39
N VAL A 73 0.26 6.88 -1.87
CA VAL A 73 1.44 7.53 -1.27
C VAL A 73 1.08 8.18 0.06
N VAL A 74 1.87 7.89 1.09
CA VAL A 74 1.61 8.44 2.43
C VAL A 74 2.87 9.06 3.05
N ASP A 75 2.69 10.19 3.73
CA ASP A 75 3.80 10.90 4.39
C ASP A 75 3.62 10.88 5.91
N GLU A 76 4.61 10.30 6.61
CA GLU A 76 4.56 10.22 8.07
C GLU A 76 5.92 10.54 8.71
N LYS A 77 5.91 10.75 10.04
CA LYS A 77 7.13 11.07 10.79
C LYS A 77 8.15 9.93 10.71
N ALA A 78 9.34 10.19 11.24
CA ALA A 78 10.42 9.19 11.23
C ALA A 78 10.73 8.65 12.62
N GLY A 79 11.05 7.36 12.68
CA GLY A 79 11.40 6.72 13.93
C GLY A 79 10.19 6.19 14.68
N ALA A 80 9.86 4.92 14.42
CA ALA A 80 8.73 4.25 15.07
C ALA A 80 7.42 5.00 14.85
N PHE A 81 6.61 4.50 13.92
CA PHE A 81 5.32 5.12 13.61
C PHE A 81 4.26 4.06 13.33
N ARG A 82 3.07 4.25 13.90
CA ARG A 82 1.96 3.33 13.72
C ARG A 82 0.87 3.95 12.84
N MET A 83 0.22 3.14 12.02
CA MET A 83 -0.84 3.63 11.14
C MET A 83 -1.91 2.56 10.89
N GLN A 84 -3.07 3.01 10.43
CA GLN A 84 -4.19 2.11 10.15
C GLN A 84 -4.94 2.55 8.89
N TYR A 85 -5.56 1.58 8.20
CA TYR A 85 -6.31 1.85 6.98
C TYR A 85 -7.78 1.47 7.16
N ALA A 86 -8.68 2.37 6.76
CA ALA A 86 -10.11 2.13 6.87
C ALA A 86 -10.91 3.11 6.01
N SER A 87 -12.09 2.67 5.56
CA SER A 87 -12.95 3.50 4.73
C SER A 87 -13.93 4.31 5.59
N LYS A 88 -14.74 5.15 4.93
CA LYS A 88 -15.71 5.97 5.63
C LYS A 88 -17.03 5.24 5.85
N ASP A 89 -17.41 4.39 4.89
CA ASP A 89 -18.64 3.62 4.97
C ASP A 89 -18.38 2.20 5.50
N TRP A 90 -17.46 2.08 6.46
CA TRP A 90 -17.12 0.79 7.04
C TRP A 90 -16.81 -0.25 5.96
N SER A 91 -16.11 0.18 4.92
CA SER A 91 -15.74 -0.70 3.81
C SER A 91 -14.45 -1.45 4.12
N PRO A 92 -14.00 -2.35 3.21
CA PRO A 92 -12.77 -3.12 3.40
C PRO A 92 -11.60 -2.29 3.92
N GLN A 93 -11.14 -2.62 5.13
CA GLN A 93 -10.04 -1.90 5.76
C GLN A 93 -8.80 -2.77 5.86
N PHE A 94 -7.75 -2.24 6.51
CA PHE A 94 -6.50 -2.98 6.68
C PHE A 94 -6.13 -3.03 8.16
N THR A 95 -5.86 -4.23 8.66
CA THR A 95 -5.50 -4.42 10.07
C THR A 95 -4.33 -5.39 10.20
N ALA A 96 -3.17 -4.88 10.62
CA ALA A 96 -1.99 -5.72 10.79
C ALA A 96 -1.83 -6.18 12.23
N ASP A 97 -2.45 -7.32 12.54
CA ASP A 97 -2.40 -7.89 13.88
C ASP A 97 -1.06 -8.57 14.13
N GLY A 98 -0.22 -7.95 14.98
CA GLY A 98 1.08 -8.51 15.28
C GLY A 98 1.94 -8.70 14.04
N LEU A 99 1.75 -7.84 13.06
CA LEU A 99 2.49 -7.90 11.79
C LEU A 99 3.83 -7.19 11.91
N GLU A 100 3.80 -5.93 12.38
CA GLU A 100 5.01 -5.12 12.51
C GLU A 100 5.73 -5.01 11.18
N LEU A 101 5.31 -4.03 10.39
CA LEU A 101 5.88 -3.80 9.06
C LEU A 101 7.25 -3.12 9.16
N THR A 102 8.11 -3.47 8.21
CA THR A 102 9.46 -2.89 8.15
C THR A 102 9.74 -2.38 6.74
N PRO A 103 10.64 -1.38 6.61
CA PRO A 103 10.99 -0.80 5.31
C PRO A 103 11.27 -1.86 4.25
N GLY A 104 10.38 -1.98 3.27
CA GLY A 104 10.54 -2.97 2.22
C GLY A 104 10.04 -4.34 2.62
N LYS A 105 8.97 -4.38 3.42
CA LYS A 105 8.39 -5.63 3.88
C LYS A 105 6.90 -5.71 3.58
N THR A 106 6.40 -6.92 3.36
CA THR A 106 5.00 -7.14 3.06
C THR A 106 4.15 -7.22 4.33
N ALA A 107 2.93 -6.71 4.25
CA ALA A 107 2.01 -6.71 5.39
C ALA A 107 0.73 -7.50 5.08
N SER A 108 0.15 -8.11 6.10
CA SER A 108 -1.07 -8.90 5.95
C SER A 108 -2.30 -7.98 5.86
N LEU A 109 -3.14 -8.22 4.86
CA LEU A 109 -4.35 -7.43 4.66
C LEU A 109 -5.54 -8.07 5.37
N LYS A 110 -5.86 -7.56 6.57
CA LYS A 110 -6.98 -8.09 7.35
C LYS A 110 -8.16 -7.10 7.34
N ARG A 111 -9.07 -7.25 8.31
CA ARG A 111 -10.23 -6.37 8.39
C ARG A 111 -10.57 -6.03 9.85
N GLY A 112 -11.41 -5.02 10.04
CA GLY A 112 -11.81 -4.60 11.38
C GLY A 112 -11.13 -3.31 11.79
N GLY A 113 -11.94 -2.31 12.15
CA GLY A 113 -11.41 -1.02 12.57
C GLY A 113 -11.14 -0.94 14.05
N TYR A 114 -10.43 -1.94 14.60
CA TYR A 114 -10.12 -1.98 16.02
C TYR A 114 -9.14 -3.12 16.35
N GLY A 115 -8.16 -3.35 15.47
CA GLY A 115 -7.20 -4.41 15.68
C GLY A 115 -5.87 -3.88 16.22
N GLN A 116 -4.77 -4.42 15.70
CA GLN A 116 -3.44 -4.00 16.13
C GLN A 116 -2.80 -3.07 15.10
N ASP A 117 -2.11 -2.04 15.60
CA ASP A 117 -1.45 -1.07 14.72
C ASP A 117 -0.13 -1.61 14.20
N THR A 118 0.25 -1.17 12.99
CA THR A 118 1.50 -1.61 12.37
C THR A 118 2.60 -0.58 12.60
N ALA A 119 3.63 -0.97 13.36
CA ALA A 119 4.75 -0.09 13.65
C ALA A 119 5.92 -0.34 12.70
N VAL A 120 6.42 0.73 12.10
CA VAL A 120 7.54 0.64 11.16
C VAL A 120 8.75 1.41 11.67
N THR A 121 9.91 0.76 11.65
CA THR A 121 11.15 1.37 12.10
C THR A 121 11.88 2.07 10.94
N LEU A 122 11.69 3.38 10.83
CA LEU A 122 12.32 4.16 9.77
C LEU A 122 12.99 5.41 10.35
N PRO A 123 14.33 5.42 10.44
CA PRO A 123 15.10 6.55 10.98
C PRO A 123 15.13 7.78 10.04
N GLU A 124 14.34 7.74 8.96
CA GLU A 124 14.29 8.84 8.00
C GLU A 124 12.85 9.27 7.74
N ALA A 125 12.61 10.59 7.77
CA ALA A 125 11.28 11.14 7.55
C ALA A 125 10.99 11.31 6.06
N GLY A 126 9.75 11.04 5.66
CA GLY A 126 9.37 11.17 4.26
C GLY A 126 8.12 10.40 3.92
N GLN A 127 7.76 10.38 2.64
CA GLN A 127 6.58 9.66 2.19
C GLN A 127 6.96 8.39 1.44
N TYR A 128 6.28 7.29 1.76
CA TYR A 128 6.53 6.01 1.13
C TYR A 128 5.35 5.60 0.27
N VAL A 129 5.58 4.67 -0.66
CA VAL A 129 4.53 4.20 -1.56
C VAL A 129 4.09 2.78 -1.21
N TRP A 130 2.79 2.62 -0.99
CA TRP A 130 2.22 1.32 -0.65
C TRP A 130 1.66 0.62 -1.89
N SER A 131 2.32 -0.47 -2.30
CA SER A 131 1.87 -1.22 -3.46
C SER A 131 1.32 -2.58 -3.01
N LEU A 132 0.09 -2.88 -3.40
CA LEU A 132 -0.54 -4.14 -2.99
C LEU A 132 -1.50 -4.65 -4.04
N LYS A 133 -1.55 -5.97 -4.20
CA LYS A 133 -2.44 -6.60 -5.17
C LYS A 133 -3.59 -7.30 -4.47
N PHE A 134 -4.80 -7.10 -4.98
CA PHE A 134 -5.98 -7.72 -4.39
C PHE A 134 -6.58 -8.76 -5.33
N THR A 135 -7.11 -9.82 -4.74
CA THR A 135 -7.72 -10.92 -5.49
C THR A 135 -9.02 -10.47 -6.17
N ASP A 136 -9.46 -11.28 -7.13
CA ASP A 136 -10.69 -11.01 -7.87
C ASP A 136 -11.88 -11.73 -7.23
N SER A 137 -11.65 -12.98 -6.78
CA SER A 137 -12.70 -13.78 -6.15
C SER A 137 -12.91 -13.37 -4.69
N GLY A 138 -11.86 -12.84 -4.06
CA GLY A 138 -11.96 -12.41 -2.67
C GLY A 138 -11.36 -13.41 -1.69
N ASP A 139 -10.28 -14.08 -2.07
CA ASP A 139 -9.63 -15.05 -1.19
C ASP A 139 -8.24 -14.57 -0.76
N PRO A 140 -7.23 -14.61 -1.67
CA PRO A 140 -5.86 -14.18 -1.35
C PRO A 140 -5.69 -12.67 -1.37
N GLU A 141 -4.84 -12.15 -0.47
CA GLU A 141 -4.59 -10.72 -0.39
C GLU A 141 -3.24 -10.44 0.28
N GLN A 142 -2.34 -9.76 -0.45
CA GLN A 142 -1.02 -9.43 0.08
C GLN A 142 -0.69 -7.95 -0.12
N ILE A 143 0.07 -7.39 0.82
CA ILE A 143 0.46 -5.99 0.78
C ILE A 143 1.98 -5.85 0.80
N MET A 144 2.49 -4.82 0.12
CA MET A 144 3.94 -4.57 0.07
C MET A 144 4.23 -3.07 0.06
N VAL A 145 5.17 -2.63 0.89
CA VAL A 145 5.52 -1.22 0.95
C VAL A 145 7.03 -1.02 1.14
N SER A 146 7.57 -0.03 0.43
CA SER A 146 8.99 0.29 0.51
C SER A 146 9.22 1.79 0.55
N LYS A 147 10.39 2.21 1.05
CA LYS A 147 10.72 3.63 1.14
C LYS A 147 11.68 4.03 0.02
N CYS A 148 11.40 5.17 -0.61
CA CYS A 148 12.25 5.67 -1.69
C CYS A 148 12.88 7.02 -1.32
N PRO A 149 14.21 7.08 -1.23
CA PRO A 149 14.94 8.32 -0.89
C PRO A 149 14.90 9.36 -2.02
N THR A 1 18.35 19.24 -26.50
CA THR A 1 17.89 20.03 -25.33
C THR A 1 19.01 20.92 -24.79
N PRO A 2 18.66 22.14 -24.30
CA PRO A 2 19.63 23.08 -23.75
C PRO A 2 20.14 22.66 -22.38
N SER A 3 21.47 22.63 -22.23
CA SER A 3 22.10 22.24 -20.96
C SER A 3 23.50 22.82 -20.85
N ALA A 4 23.89 23.17 -19.61
CA ALA A 4 25.22 23.74 -19.36
C ALA A 4 25.59 23.62 -17.88
N SER A 5 24.88 24.36 -17.03
CA SER A 5 25.13 24.34 -15.59
C SER A 5 23.95 24.94 -14.82
N GLY A 6 24.12 25.06 -13.50
CA GLY A 6 23.06 25.61 -12.66
C GLY A 6 21.95 24.60 -12.39
N LEU A 7 20.73 24.94 -12.77
CA LEU A 7 19.58 24.07 -12.58
C LEU A 7 19.40 23.70 -11.10
N THR A 8 18.85 24.64 -10.33
CA THR A 8 18.62 24.43 -8.90
C THR A 8 17.13 24.44 -8.59
N LYS A 9 16.55 23.25 -8.43
CA LYS A 9 15.12 23.13 -8.13
C LYS A 9 14.85 23.33 -6.63
N VAL A 10 14.06 24.35 -6.31
CA VAL A 10 13.72 24.65 -4.92
C VAL A 10 12.23 24.47 -4.64
N ALA A 11 11.39 25.19 -5.39
CA ALA A 11 9.94 25.10 -5.24
C ALA A 11 9.41 23.76 -5.76
N THR A 12 8.72 23.03 -4.89
CA THR A 12 8.15 21.73 -5.24
C THR A 12 6.80 21.91 -5.94
N VAL A 13 6.58 21.13 -7.00
CA VAL A 13 5.33 21.18 -7.74
C VAL A 13 4.35 20.09 -7.29
N SER A 14 3.40 20.48 -6.44
CA SER A 14 2.40 19.54 -5.93
C SER A 14 1.09 19.66 -6.71
N ALA A 15 1.19 19.91 -8.01
CA ALA A 15 0.03 20.04 -8.87
C ALA A 15 0.30 19.48 -10.26
N ALA A 16 -0.56 18.59 -10.73
CA ALA A 16 -0.40 17.96 -12.04
C ALA A 16 -0.45 19.01 -13.15
N SER A 17 0.72 19.31 -13.72
CA SER A 17 0.82 20.30 -14.79
C SER A 17 0.45 19.66 -16.13
N SER A 18 -0.10 20.49 -17.02
CA SER A 18 -0.52 20.04 -18.35
C SER A 18 0.69 19.64 -19.20
N LEU A 19 0.65 18.42 -19.74
CA LEU A 19 1.73 17.90 -20.59
C LEU A 19 3.11 18.16 -19.96
N ILE A 20 3.23 17.81 -18.68
CA ILE A 20 4.47 18.01 -17.94
C ILE A 20 5.22 16.70 -17.74
N GLY A 21 6.54 16.78 -17.73
CA GLY A 21 7.36 15.61 -17.52
C GLY A 21 7.77 15.43 -16.08
N GLU A 22 7.77 14.18 -15.62
CA GLU A 22 8.15 13.87 -14.24
C GLU A 22 8.97 12.57 -14.17
N GLY A 23 10.01 12.59 -13.33
CA GLY A 23 10.85 11.42 -13.18
C GLY A 23 10.35 10.47 -12.10
N PHE A 24 9.29 9.71 -12.43
CA PHE A 24 8.71 8.76 -11.49
C PHE A 24 9.72 7.70 -11.08
N MET A 25 10.55 7.27 -12.04
CA MET A 25 11.58 6.26 -11.78
C MET A 25 12.65 6.81 -10.83
N ALA A 26 12.89 8.12 -10.89
CA ALA A 26 13.89 8.76 -10.04
C ALA A 26 13.45 8.75 -8.57
N GLN A 27 12.13 8.82 -8.35
CA GLN A 27 11.58 8.80 -6.99
C GLN A 27 11.00 7.43 -6.63
N CYS A 28 11.21 6.42 -7.48
CA CYS A 28 10.72 5.07 -7.25
C CYS A 28 9.19 5.06 -7.13
N ASP A 29 8.51 5.16 -8.27
CA ASP A 29 7.06 5.16 -8.30
C ASP A 29 6.54 4.36 -9.50
N ASN A 30 5.92 3.23 -9.23
CA ASN A 30 5.38 2.38 -10.29
C ASN A 30 4.14 3.01 -10.93
N PRO A 31 4.22 3.38 -12.22
CA PRO A 31 3.09 3.99 -12.93
C PRO A 31 1.88 3.06 -12.99
N THR A 32 0.76 3.54 -12.44
CA THR A 32 -0.47 2.75 -12.42
C THR A 32 -1.56 3.39 -13.27
N ILE A 33 -2.26 2.55 -14.03
CA ILE A 33 -3.36 3.00 -14.89
C ILE A 33 -4.66 2.35 -14.46
N GLU A 34 -5.77 3.04 -14.69
CA GLU A 34 -7.08 2.52 -14.31
C GLU A 34 -7.33 1.12 -14.88
N GLY A 35 -7.29 0.12 -14.01
CA GLY A 35 -7.52 -1.26 -14.42
C GLY A 35 -8.93 -1.72 -14.09
N ASP A 36 -9.09 -2.25 -12.87
CA ASP A 36 -10.38 -2.73 -12.41
C ASP A 36 -10.74 -2.10 -11.05
N GLY A 37 -10.26 -0.88 -10.80
CA GLY A 37 -10.53 -0.19 -9.55
C GLY A 37 -11.94 0.38 -9.49
N PRO A 38 -12.72 -0.02 -8.47
CA PRO A 38 -14.10 0.46 -8.29
C PRO A 38 -14.18 1.99 -8.20
N ILE A 39 -14.81 2.61 -9.21
CA ILE A 39 -14.95 4.06 -9.26
C ILE A 39 -16.09 4.52 -8.35
N GLY A 40 -16.03 5.81 -7.97
CA GLY A 40 -17.06 6.38 -7.10
C GLY A 40 -16.89 6.00 -5.63
N LYS A 41 -15.71 5.49 -5.27
CA LYS A 41 -15.44 5.11 -3.88
C LYS A 41 -14.11 5.69 -3.41
N THR A 42 -14.15 6.31 -2.22
CA THR A 42 -12.94 6.91 -1.63
C THR A 42 -12.56 6.21 -0.33
N LEU A 43 -11.26 6.01 -0.14
CA LEU A 43 -10.76 5.37 1.08
C LEU A 43 -10.03 6.39 1.94
N TYR A 44 -10.09 6.21 3.26
CA TYR A 44 -9.43 7.11 4.20
C TYR A 44 -8.14 6.50 4.74
N VAL A 45 -7.09 7.31 4.79
CA VAL A 45 -5.78 6.86 5.29
C VAL A 45 -5.42 7.58 6.59
N VAL A 46 -5.32 6.81 7.67
CA VAL A 46 -4.97 7.36 8.97
C VAL A 46 -3.73 6.70 9.54
N GLY A 47 -3.05 7.40 10.44
CA GLY A 47 -1.85 6.86 11.05
C GLY A 47 -1.14 7.89 11.91
N ASP A 48 -0.74 7.48 13.11
CA ASP A 48 -0.04 8.37 14.03
C ASP A 48 1.46 8.40 13.71
N PHE A 49 1.83 9.29 12.79
CA PHE A 49 3.22 9.43 12.36
C PHE A 49 3.95 10.47 13.23
N ALA A 50 5.18 10.82 12.82
CA ALA A 50 5.98 11.80 13.54
C ALA A 50 5.63 13.23 13.14
N ASP A 51 5.59 13.49 11.82
CA ASP A 51 5.28 14.83 11.32
C ASP A 51 4.09 14.78 10.35
N ALA A 52 3.00 14.13 10.78
CA ALA A 52 1.79 14.03 9.95
C ALA A 52 0.56 13.84 10.83
N SER A 53 0.58 12.79 11.64
CA SER A 53 -0.54 12.48 12.54
C SER A 53 -1.88 12.48 11.80
N TRP A 54 -2.24 11.33 11.23
CA TRP A 54 -3.50 11.17 10.49
C TRP A 54 -3.55 12.10 9.28
N LYS A 55 -2.60 11.91 8.35
CA LYS A 55 -2.53 12.73 7.15
C LYS A 55 -3.23 12.05 5.97
N GLN A 56 -4.24 12.71 5.43
CA GLN A 56 -4.99 12.17 4.29
C GLN A 56 -5.08 13.21 3.17
N LYS A 57 -4.23 13.05 2.15
CA LYS A 57 -4.22 13.96 1.01
C LYS A 57 -5.33 13.60 0.02
N PRO A 58 -6.24 14.55 -0.27
CA PRO A 58 -7.35 14.33 -1.21
C PRO A 58 -6.87 13.83 -2.57
N HIS A 59 -5.74 14.38 -3.04
CA HIS A 59 -5.16 13.98 -4.32
C HIS A 59 -4.65 12.53 -4.30
N ARG A 60 -4.51 11.97 -3.10
CA ARG A 60 -4.05 10.59 -2.93
C ARG A 60 -5.07 9.75 -2.16
N ALA A 61 -6.31 10.26 -2.08
CA ALA A 61 -7.38 9.55 -1.37
C ALA A 61 -7.50 8.10 -1.84
N TYR A 62 -7.20 7.87 -3.12
CA TYR A 62 -7.26 6.53 -3.70
C TYR A 62 -6.69 6.52 -5.12
N ARG A 63 -5.66 5.70 -5.34
CA ARG A 63 -5.02 5.61 -6.64
C ARG A 63 -5.47 4.34 -7.36
N TYR A 64 -5.70 4.45 -8.67
CA TYR A 64 -6.14 3.33 -9.48
C TYR A 64 -4.98 2.50 -9.98
N VAL A 65 -4.95 1.23 -9.57
CA VAL A 65 -3.92 0.31 -10.03
C VAL A 65 -4.50 -0.58 -11.11
N GLY A 66 -3.88 -0.59 -12.28
CA GLY A 66 -4.37 -1.38 -13.39
C GLY A 66 -4.26 -2.87 -13.14
N GLU A 67 -5.21 -3.40 -12.36
CA GLU A 67 -5.25 -4.82 -12.01
C GLU A 67 -6.12 -5.10 -10.77
N ASN A 68 -7.17 -4.30 -10.56
CA ASN A 68 -8.04 -4.48 -9.39
C ASN A 68 -7.25 -4.30 -8.09
N THR A 69 -6.15 -3.54 -8.17
CA THR A 69 -5.28 -3.30 -7.02
C THR A 69 -5.40 -1.86 -6.53
N TYR A 70 -5.07 -1.64 -5.26
CA TYR A 70 -5.12 -0.30 -4.66
C TYR A 70 -3.74 0.14 -4.19
N GLN A 71 -3.40 1.39 -4.47
CA GLN A 71 -2.09 1.95 -4.08
C GLN A 71 -2.22 3.42 -3.70
N ALA A 72 -1.36 3.85 -2.77
CA ALA A 72 -1.37 5.24 -2.30
C ALA A 72 0.03 5.69 -1.84
N VAL A 73 0.48 6.84 -2.35
CA VAL A 73 1.78 7.38 -1.97
C VAL A 73 1.67 8.27 -0.73
N VAL A 74 2.56 8.03 0.24
CA VAL A 74 2.56 8.80 1.48
C VAL A 74 3.96 9.32 1.82
N ASP A 75 4.00 10.51 2.42
CA ASP A 75 5.26 11.14 2.80
C ASP A 75 5.37 11.25 4.32
N GLU A 76 6.42 10.65 4.88
CA GLU A 76 6.63 10.68 6.34
C GLU A 76 8.05 11.13 6.68
N LYS A 77 8.25 11.51 7.95
CA LYS A 77 9.55 11.97 8.43
C LYS A 77 10.28 10.86 9.21
N ALA A 78 11.51 11.14 9.61
CA ALA A 78 12.32 10.18 10.36
C ALA A 78 11.67 9.79 11.68
N GLY A 79 11.72 8.50 11.99
CA GLY A 79 11.12 8.00 13.22
C GLY A 79 10.06 6.95 12.97
N ALA A 80 9.97 5.98 13.87
CA ALA A 80 8.99 4.90 13.75
C ALA A 80 7.56 5.45 13.85
N PHE A 81 6.69 4.95 12.99
CA PHE A 81 5.30 5.39 12.95
C PHE A 81 4.34 4.23 12.69
N ARG A 82 3.15 4.32 13.26
CA ARG A 82 2.13 3.30 13.10
C ARG A 82 0.90 3.88 12.39
N MET A 83 0.30 3.10 11.49
CA MET A 83 -0.87 3.56 10.76
C MET A 83 -1.83 2.42 10.43
N GLN A 84 -2.95 2.78 9.79
CA GLN A 84 -3.97 1.80 9.41
C GLN A 84 -4.97 2.43 8.42
N TYR A 85 -5.45 1.63 7.47
CA TYR A 85 -6.39 2.12 6.48
C TYR A 85 -7.84 1.80 6.88
N ALA A 86 -8.75 2.73 6.59
CA ALA A 86 -10.17 2.55 6.91
C ALA A 86 -11.03 3.54 6.12
N SER A 87 -11.98 3.01 5.34
CA SER A 87 -12.86 3.85 4.53
C SER A 87 -13.88 4.58 5.41
N LYS A 88 -14.28 5.77 4.97
CA LYS A 88 -15.25 6.59 5.71
C LYS A 88 -16.60 5.87 5.85
N ASP A 89 -16.98 5.11 4.81
CA ASP A 89 -18.25 4.38 4.84
C ASP A 89 -18.05 2.92 5.26
N TRP A 90 -17.05 2.68 6.12
CA TRP A 90 -16.75 1.34 6.61
C TRP A 90 -16.59 0.34 5.46
N SER A 91 -15.93 0.79 4.39
CA SER A 91 -15.70 -0.05 3.21
C SER A 91 -14.43 -0.89 3.40
N PRO A 92 -14.20 -1.88 2.50
CA PRO A 92 -13.02 -2.75 2.57
C PRO A 92 -11.73 -1.99 2.88
N GLN A 93 -11.27 -2.13 4.12
CA GLN A 93 -10.06 -1.44 4.58
C GLN A 93 -8.90 -2.44 4.73
N PHE A 94 -7.77 -1.95 5.25
CA PHE A 94 -6.59 -2.78 5.43
C PHE A 94 -6.14 -2.77 6.90
N THR A 95 -6.08 -3.96 7.48
CA THR A 95 -5.67 -4.12 8.87
C THR A 95 -4.63 -5.24 8.98
N ALA A 96 -3.53 -4.93 9.67
CA ALA A 96 -2.47 -5.90 9.88
C ALA A 96 -2.30 -6.22 11.35
N ASP A 97 -2.47 -7.50 11.70
CA ASP A 97 -2.32 -7.94 13.09
C ASP A 97 -0.88 -7.76 13.58
N GLY A 98 -0.48 -8.52 14.60
CA GLY A 98 0.88 -8.42 15.13
C GLY A 98 1.92 -8.85 14.10
N LEU A 99 2.15 -7.98 13.11
CA LEU A 99 3.09 -8.25 12.03
C LEU A 99 4.33 -7.34 12.15
N GLU A 100 4.10 -6.05 12.43
CA GLU A 100 5.18 -5.08 12.57
C GLU A 100 5.94 -4.97 11.24
N LEU A 101 5.37 -4.17 10.34
CA LEU A 101 5.97 -3.97 9.02
C LEU A 101 7.22 -3.10 9.08
N THR A 102 8.16 -3.39 8.20
CA THR A 102 9.41 -2.65 8.13
C THR A 102 9.63 -2.12 6.71
N PRO A 103 10.39 -1.01 6.56
CA PRO A 103 10.67 -0.40 5.25
C PRO A 103 11.05 -1.43 4.20
N GLY A 104 10.17 -1.64 3.22
CA GLY A 104 10.42 -2.61 2.17
C GLY A 104 10.06 -4.03 2.60
N LYS A 105 9.01 -4.17 3.41
CA LYS A 105 8.57 -5.47 3.90
C LYS A 105 7.10 -5.72 3.57
N THR A 106 6.76 -7.00 3.39
CA THR A 106 5.39 -7.40 3.07
C THR A 106 4.49 -7.31 4.31
N ALA A 107 3.25 -6.86 4.09
CA ALA A 107 2.27 -6.72 5.16
C ALA A 107 1.14 -7.74 5.00
N SER A 108 0.59 -8.17 6.13
CA SER A 108 -0.51 -9.14 6.13
C SER A 108 -1.87 -8.45 6.16
N LEU A 109 -2.82 -8.99 5.39
CA LEU A 109 -4.17 -8.44 5.31
C LEU A 109 -5.19 -9.49 5.75
N LYS A 110 -5.61 -9.43 7.00
CA LYS A 110 -6.57 -10.38 7.54
C LYS A 110 -8.01 -9.96 7.25
N ARG A 111 -8.49 -8.93 7.96
CA ARG A 111 -9.85 -8.43 7.77
C ARG A 111 -10.05 -7.10 8.50
N GLY A 112 -10.51 -6.09 7.75
CA GLY A 112 -10.73 -4.76 8.32
C GLY A 112 -11.71 -4.77 9.48
N GLY A 113 -11.67 -3.70 10.29
CA GLY A 113 -12.56 -3.60 11.43
C GLY A 113 -11.87 -2.95 12.62
N TYR A 114 -11.26 -3.78 13.47
CA TYR A 114 -10.56 -3.30 14.65
C TYR A 114 -9.51 -4.31 15.13
N GLY A 115 -8.25 -4.06 14.77
CA GLY A 115 -7.17 -4.94 15.17
C GLY A 115 -5.97 -4.17 15.69
N GLN A 116 -4.79 -4.50 15.18
CA GLN A 116 -3.55 -3.84 15.60
C GLN A 116 -3.02 -2.95 14.48
N ASP A 117 -2.42 -1.83 14.87
CA ASP A 117 -1.85 -0.89 13.91
C ASP A 117 -0.46 -1.34 13.50
N THR A 118 -0.22 -1.40 12.19
CA THR A 118 1.08 -1.82 11.68
C THR A 118 2.15 -0.80 12.04
N ALA A 119 3.09 -1.23 12.89
CA ALA A 119 4.17 -0.36 13.33
C ALA A 119 5.37 -0.45 12.40
N VAL A 120 5.80 0.70 11.88
CA VAL A 120 6.94 0.76 10.96
C VAL A 120 8.08 1.56 11.56
N THR A 121 9.26 0.95 11.63
CA THR A 121 10.44 1.61 12.18
C THR A 121 11.20 2.36 11.08
N LEU A 122 11.36 3.66 11.26
CA LEU A 122 12.06 4.50 10.28
C LEU A 122 13.17 5.30 10.95
N PRO A 123 14.44 4.97 10.66
CA PRO A 123 15.59 5.68 11.24
C PRO A 123 15.98 6.94 10.45
N GLU A 124 15.14 7.34 9.48
CA GLU A 124 15.41 8.50 8.65
C GLU A 124 14.16 8.94 7.90
N ALA A 125 14.07 10.23 7.61
CA ALA A 125 12.93 10.80 6.90
C ALA A 125 12.89 10.30 5.46
N GLY A 126 11.68 10.04 4.97
CA GLY A 126 11.51 9.56 3.61
C GLY A 126 10.08 9.16 3.31
N GLN A 127 9.63 9.45 2.08
CA GLN A 127 8.26 9.12 1.67
C GLN A 127 8.18 7.68 1.16
N TYR A 128 7.28 6.90 1.75
CA TYR A 128 7.10 5.50 1.36
C TYR A 128 5.87 5.34 0.47
N VAL A 129 5.85 4.28 -0.33
CA VAL A 129 4.74 4.01 -1.24
C VAL A 129 3.92 2.81 -0.75
N TRP A 130 2.64 3.03 -0.50
CA TRP A 130 1.75 1.97 -0.03
C TRP A 130 1.15 1.22 -1.22
N SER A 131 1.53 -0.04 -1.38
CA SER A 131 1.04 -0.87 -2.46
C SER A 131 0.43 -2.16 -1.91
N LEU A 132 -0.77 -2.49 -2.36
CA LEU A 132 -1.46 -3.70 -1.90
C LEU A 132 -2.04 -4.48 -3.08
N LYS A 133 -1.86 -5.79 -3.07
CA LYS A 133 -2.36 -6.65 -4.15
C LYS A 133 -3.30 -7.72 -3.61
N PHE A 134 -4.46 -7.84 -4.26
CA PHE A 134 -5.47 -8.83 -3.88
C PHE A 134 -6.13 -9.42 -5.12
N THR A 135 -6.47 -10.71 -5.05
CA THR A 135 -7.10 -11.40 -6.17
C THR A 135 -8.62 -11.44 -6.01
N ASP A 136 -9.32 -11.84 -7.07
CA ASP A 136 -10.78 -11.93 -7.06
C ASP A 136 -11.25 -13.23 -6.37
N SER A 137 -10.32 -14.10 -6.00
CA SER A 137 -10.66 -15.36 -5.35
C SER A 137 -11.27 -15.13 -3.96
N GLY A 138 -10.93 -14.01 -3.34
CA GLY A 138 -11.45 -13.68 -2.01
C GLY A 138 -10.74 -14.42 -0.89
N ASP A 139 -9.46 -14.73 -1.12
CA ASP A 139 -8.64 -15.44 -0.12
C ASP A 139 -7.22 -14.87 -0.08
N PRO A 140 -6.46 -14.97 -1.19
CA PRO A 140 -5.07 -14.46 -1.25
C PRO A 140 -5.03 -12.93 -1.12
N GLU A 141 -4.28 -12.45 -0.13
CA GLU A 141 -4.16 -11.01 0.12
C GLU A 141 -2.79 -10.68 0.74
N GLN A 142 -2.01 -9.88 0.02
CA GLN A 142 -0.69 -9.48 0.49
C GLN A 142 -0.42 -7.99 0.19
N ILE A 143 0.39 -7.35 1.04
CA ILE A 143 0.71 -5.93 0.87
C ILE A 143 2.23 -5.72 0.82
N MET A 144 2.67 -4.70 0.08
CA MET A 144 4.09 -4.39 -0.05
C MET A 144 4.33 -2.88 -0.04
N VAL A 145 5.14 -2.42 0.92
CA VAL A 145 5.46 -0.99 1.05
C VAL A 145 6.97 -0.78 1.18
N SER A 146 7.50 0.20 0.44
CA SER A 146 8.92 0.51 0.47
C SER A 146 9.16 2.02 0.43
N LYS A 147 10.30 2.45 0.96
CA LYS A 147 10.67 3.86 0.99
C LYS A 147 11.95 4.10 0.18
N CYS A 148 11.85 4.97 -0.82
CA CYS A 148 13.00 5.30 -1.67
C CYS A 148 13.51 6.70 -1.38
N PRO A 149 14.80 6.83 -1.00
CA PRO A 149 15.41 8.13 -0.69
C PRO A 149 15.26 9.14 -1.83
N THR A 1 5.89 -14.34 -19.60
CA THR A 1 5.36 -13.17 -20.36
C THR A 1 4.15 -12.54 -19.66
N PRO A 2 3.94 -11.22 -19.83
CA PRO A 2 2.82 -10.51 -19.22
C PRO A 2 1.47 -11.14 -19.54
N SER A 3 1.37 -11.75 -20.72
CA SER A 3 0.14 -12.41 -21.16
C SER A 3 -0.14 -13.65 -20.31
N ALA A 4 -0.98 -13.49 -19.29
CA ALA A 4 -1.35 -14.59 -18.40
C ALA A 4 -2.83 -14.91 -18.50
N SER A 5 -3.66 -13.86 -18.46
CA SER A 5 -5.11 -14.03 -18.56
C SER A 5 -5.74 -12.90 -19.37
N GLY A 6 -5.64 -13.00 -20.69
CA GLY A 6 -6.20 -11.99 -21.57
C GLY A 6 -5.16 -11.33 -22.45
N LEU A 7 -5.28 -10.02 -22.64
CA LEU A 7 -4.36 -9.26 -23.47
C LEU A 7 -4.30 -9.80 -24.90
N THR A 8 -5.47 -10.10 -25.47
CA THR A 8 -5.56 -10.62 -26.83
C THR A 8 -5.39 -9.52 -27.87
N LYS A 9 -6.01 -8.36 -27.61
CA LYS A 9 -5.92 -7.22 -28.52
C LYS A 9 -5.19 -6.05 -27.87
N VAL A 10 -4.07 -5.65 -28.45
CA VAL A 10 -3.28 -4.52 -27.94
C VAL A 10 -3.64 -3.22 -28.65
N ALA A 11 -4.80 -3.19 -29.31
CA ALA A 11 -5.25 -2.00 -30.04
C ALA A 11 -5.96 -1.03 -29.10
N THR A 12 -5.76 0.27 -29.33
CA THR A 12 -6.39 1.31 -28.51
C THR A 12 -7.87 1.48 -28.88
N VAL A 13 -8.73 1.46 -27.86
CA VAL A 13 -10.17 1.61 -28.07
C VAL A 13 -10.77 2.63 -27.10
N SER A 14 -10.51 2.42 -25.80
CA SER A 14 -11.02 3.31 -24.76
C SER A 14 -10.15 4.56 -24.64
N ALA A 15 -10.76 5.66 -24.21
CA ALA A 15 -10.05 6.92 -24.04
C ALA A 15 -9.10 6.88 -22.84
N ALA A 16 -7.90 7.43 -23.01
CA ALA A 16 -6.91 7.45 -21.94
C ALA A 16 -6.62 8.88 -21.47
N SER A 17 -6.67 9.09 -20.16
CA SER A 17 -6.42 10.41 -19.58
C SER A 17 -4.94 10.80 -19.75
N SER A 18 -4.71 12.10 -19.92
CA SER A 18 -3.35 12.63 -20.10
C SER A 18 -2.40 12.10 -19.01
N LEU A 19 -1.32 11.45 -19.44
CA LEU A 19 -0.34 10.90 -18.51
C LEU A 19 0.83 11.86 -18.32
N ILE A 20 0.68 12.80 -17.38
CA ILE A 20 1.72 13.78 -17.09
C ILE A 20 1.84 14.02 -15.58
N GLY A 21 3.07 14.08 -15.09
CA GLY A 21 3.29 14.30 -13.67
C GLY A 21 4.57 15.07 -13.39
N GLU A 22 4.53 15.91 -12.36
CA GLU A 22 5.69 16.72 -11.99
C GLU A 22 6.03 16.54 -10.50
N GLY A 23 7.32 16.45 -10.19
CA GLY A 23 7.76 16.27 -8.82
C GLY A 23 8.92 15.29 -8.70
N PHE A 24 9.91 15.65 -7.88
CA PHE A 24 11.08 14.79 -7.66
C PHE A 24 10.68 13.44 -7.06
N MET A 25 9.64 13.46 -6.21
CA MET A 25 9.14 12.26 -5.56
C MET A 25 8.70 11.18 -6.56
N ALA A 26 8.56 11.56 -7.84
CA ALA A 26 8.16 10.63 -8.88
C ALA A 26 9.30 9.69 -9.30
N GLN A 27 10.39 9.69 -8.54
CA GLN A 27 11.55 8.83 -8.84
C GLN A 27 11.34 7.39 -8.37
N CYS A 28 10.39 7.18 -7.44
CA CYS A 28 10.13 5.84 -6.91
C CYS A 28 8.63 5.55 -6.83
N ASP A 29 8.08 5.03 -7.92
CA ASP A 29 6.66 4.71 -7.98
C ASP A 29 6.31 4.02 -9.30
N ASN A 30 5.59 2.91 -9.20
CA ASN A 30 5.20 2.14 -10.38
C ASN A 30 4.00 2.81 -11.09
N PRO A 31 3.95 2.72 -12.43
CA PRO A 31 2.85 3.32 -13.21
C PRO A 31 1.50 2.71 -12.86
N THR A 32 0.60 3.52 -12.32
CA THR A 32 -0.71 3.05 -11.93
C THR A 32 -1.77 3.48 -12.96
N ILE A 33 -2.09 2.55 -13.85
CA ILE A 33 -3.08 2.78 -14.91
C ILE A 33 -4.44 2.24 -14.48
N GLU A 34 -5.48 2.70 -15.13
CA GLU A 34 -6.84 2.27 -14.79
C GLU A 34 -7.00 0.75 -15.04
N GLY A 35 -7.06 -0.01 -13.94
CA GLY A 35 -7.22 -1.44 -14.04
C GLY A 35 -8.59 -1.90 -13.58
N ASP A 36 -8.62 -2.90 -12.70
CA ASP A 36 -9.88 -3.42 -12.17
C ASP A 36 -10.09 -2.97 -10.71
N GLY A 37 -9.78 -1.70 -10.44
CA GLY A 37 -9.94 -1.17 -9.10
C GLY A 37 -11.35 -0.67 -8.82
N PRO A 38 -11.70 -0.49 -7.53
CA PRO A 38 -13.04 -0.02 -7.14
C PRO A 38 -13.30 1.45 -7.49
N ILE A 39 -14.28 1.68 -8.35
CA ILE A 39 -14.64 3.03 -8.78
C ILE A 39 -15.28 3.83 -7.66
N GLY A 40 -15.13 5.15 -7.72
CA GLY A 40 -15.72 6.04 -6.71
C GLY A 40 -15.39 5.66 -5.28
N LYS A 41 -14.41 4.78 -5.09
CA LYS A 41 -14.02 4.35 -3.75
C LYS A 41 -12.75 5.06 -3.29
N THR A 42 -12.79 5.59 -2.06
CA THR A 42 -11.65 6.31 -1.48
C THR A 42 -11.11 5.58 -0.26
N LEU A 43 -9.79 5.58 -0.11
CA LEU A 43 -9.13 4.94 1.02
C LEU A 43 -8.49 5.99 1.93
N TYR A 44 -8.88 5.98 3.20
CA TYR A 44 -8.35 6.94 4.17
C TYR A 44 -7.45 6.26 5.20
N VAL A 45 -6.18 6.66 5.22
CA VAL A 45 -5.22 6.11 6.17
C VAL A 45 -4.77 7.16 7.18
N VAL A 46 -4.70 6.79 8.44
CA VAL A 46 -4.30 7.71 9.50
C VAL A 46 -3.14 7.14 10.33
N GLY A 47 -2.06 7.93 10.45
CA GLY A 47 -0.91 7.49 11.22
C GLY A 47 -0.81 8.21 12.55
N ASP A 48 -0.63 7.44 13.62
CA ASP A 48 -0.54 8.00 14.97
C ASP A 48 0.79 7.67 15.63
N PHE A 49 1.76 8.58 15.50
CA PHE A 49 3.11 8.43 16.08
C PHE A 49 4.12 9.30 15.35
N ALA A 50 5.25 9.58 16.00
CA ALA A 50 6.31 10.40 15.41
C ALA A 50 5.77 11.73 14.88
N ASP A 51 4.79 12.29 15.60
CA ASP A 51 4.17 13.55 15.20
C ASP A 51 3.59 13.48 13.79
N ALA A 52 2.58 12.64 13.63
CA ALA A 52 1.92 12.47 12.33
C ALA A 52 0.65 13.30 12.26
N SER A 53 -0.10 13.34 13.36
CA SER A 53 -1.34 14.11 13.43
C SER A 53 -2.31 13.69 12.32
N TRP A 54 -2.28 12.42 11.93
CA TRP A 54 -3.16 11.89 10.89
C TRP A 54 -3.05 12.73 9.61
N LYS A 55 -1.85 12.75 9.02
CA LYS A 55 -1.59 13.52 7.80
C LYS A 55 -1.75 12.65 6.55
N GLN A 56 -2.64 13.06 5.66
CA GLN A 56 -2.90 12.33 4.41
C GLN A 56 -3.76 13.15 3.47
N LYS A 57 -3.17 13.60 2.36
CA LYS A 57 -3.88 14.40 1.36
C LYS A 57 -4.86 13.54 0.56
N PRO A 58 -6.15 13.93 0.51
CA PRO A 58 -7.18 13.18 -0.23
C PRO A 58 -6.80 12.95 -1.69
N HIS A 59 -6.08 13.90 -2.28
CA HIS A 59 -5.64 13.80 -3.68
C HIS A 59 -4.82 12.53 -3.92
N ARG A 60 -4.21 11.99 -2.87
CA ARG A 60 -3.40 10.77 -2.98
C ARG A 60 -3.98 9.65 -2.10
N ALA A 61 -5.21 9.84 -1.62
CA ALA A 61 -5.87 8.85 -0.78
C ALA A 61 -6.62 7.79 -1.61
N TYR A 62 -6.45 7.82 -2.93
CA TYR A 62 -7.12 6.87 -3.80
C TYR A 62 -6.38 6.73 -5.14
N ARG A 63 -5.44 5.79 -5.19
CA ARG A 63 -4.66 5.56 -6.40
C ARG A 63 -5.04 4.22 -7.02
N TYR A 64 -5.61 4.27 -8.22
CA TYR A 64 -6.03 3.06 -8.93
C TYR A 64 -4.84 2.36 -9.57
N VAL A 65 -4.57 1.13 -9.14
CA VAL A 65 -3.48 0.35 -9.70
C VAL A 65 -4.01 -0.58 -10.78
N GLY A 66 -3.53 -0.39 -12.01
CA GLY A 66 -3.99 -1.21 -13.12
C GLY A 66 -3.59 -2.66 -12.98
N GLU A 67 -4.34 -3.39 -12.15
CA GLU A 67 -4.07 -4.80 -11.90
C GLU A 67 -4.95 -5.37 -10.76
N ASN A 68 -6.14 -4.80 -10.56
CA ASN A 68 -7.03 -5.24 -9.50
C ASN A 68 -6.38 -5.03 -8.12
N THR A 69 -5.41 -4.10 -8.07
CA THR A 69 -4.70 -3.80 -6.83
C THR A 69 -4.88 -2.34 -6.44
N TYR A 70 -4.71 -2.05 -5.14
CA TYR A 70 -4.87 -0.69 -4.64
C TYR A 70 -3.63 -0.24 -3.86
N GLN A 71 -3.30 1.05 -3.97
CA GLN A 71 -2.15 1.62 -3.28
C GLN A 71 -2.38 3.09 -2.94
N ALA A 72 -1.64 3.59 -1.96
CA ALA A 72 -1.76 4.98 -1.54
C ALA A 72 -0.44 5.53 -0.99
N VAL A 73 0.06 6.60 -1.59
CA VAL A 73 1.32 7.21 -1.15
C VAL A 73 1.12 8.00 0.15
N VAL A 74 1.98 7.72 1.14
CA VAL A 74 1.89 8.38 2.44
C VAL A 74 3.25 8.95 2.87
N ASP A 75 3.23 10.15 3.44
CA ASP A 75 4.46 10.79 3.92
C ASP A 75 4.85 10.25 5.29
N GLU A 76 6.14 9.94 5.47
CA GLU A 76 6.64 9.40 6.72
C GLU A 76 7.55 10.40 7.44
N LYS A 77 7.46 10.42 8.77
CA LYS A 77 8.28 11.33 9.58
C LYS A 77 8.75 10.65 10.87
N ALA A 78 10.04 10.28 10.89
CA ALA A 78 10.65 9.61 12.05
C ALA A 78 10.11 8.19 12.23
N GLY A 79 10.99 7.28 12.65
CA GLY A 79 10.62 5.89 12.84
C GLY A 79 9.68 5.65 14.00
N ALA A 80 9.02 4.50 13.95
CA ALA A 80 8.06 4.08 14.97
C ALA A 80 6.73 4.80 14.81
N PHE A 81 5.96 4.40 13.81
CA PHE A 81 4.65 5.01 13.55
C PHE A 81 3.62 3.93 13.18
N ARG A 82 2.42 4.06 13.75
CA ARG A 82 1.35 3.11 13.49
C ARG A 82 0.26 3.76 12.63
N MET A 83 -0.24 3.03 11.63
CA MET A 83 -1.27 3.55 10.75
C MET A 83 -2.26 2.46 10.33
N GLN A 84 -3.43 2.88 9.84
CA GLN A 84 -4.47 1.97 9.40
C GLN A 84 -5.30 2.58 8.27
N TYR A 85 -5.68 1.75 7.30
CA TYR A 85 -6.48 2.22 6.16
C TYR A 85 -7.97 1.93 6.38
N ALA A 86 -8.82 2.87 5.97
CA ALA A 86 -10.26 2.73 6.10
C ALA A 86 -11.01 3.63 5.12
N SER A 87 -11.87 3.02 4.30
CA SER A 87 -12.66 3.77 3.32
C SER A 87 -13.71 4.64 4.00
N LYS A 88 -14.31 5.56 3.23
CA LYS A 88 -15.32 6.47 3.76
C LYS A 88 -16.68 5.77 3.92
N ASP A 89 -17.04 4.94 2.94
CA ASP A 89 -18.32 4.23 2.99
C ASP A 89 -18.15 2.81 3.57
N TRP A 90 -17.25 2.67 4.54
CA TRP A 90 -16.98 1.37 5.18
C TRP A 90 -16.69 0.28 4.14
N SER A 91 -15.97 0.66 3.08
CA SER A 91 -15.61 -0.27 2.01
C SER A 91 -14.32 -1.02 2.37
N PRO A 92 -13.87 -1.96 1.50
CA PRO A 92 -12.65 -2.75 1.75
C PRO A 92 -11.50 -1.91 2.30
N GLN A 93 -11.04 -2.26 3.50
CA GLN A 93 -9.95 -1.55 4.16
C GLN A 93 -8.76 -2.48 4.41
N PHE A 94 -7.73 -1.96 5.09
CA PHE A 94 -6.54 -2.76 5.41
C PHE A 94 -6.30 -2.78 6.92
N THR A 95 -6.31 -3.98 7.50
CA THR A 95 -6.11 -4.13 8.93
C THR A 95 -5.28 -5.37 9.24
N ALA A 96 -4.16 -5.16 9.93
CA ALA A 96 -3.26 -6.26 10.30
C ALA A 96 -3.43 -6.61 11.77
N ASP A 97 -3.12 -7.86 12.10
CA ASP A 97 -3.22 -8.33 13.48
C ASP A 97 -1.87 -8.28 14.19
N GLY A 98 -1.00 -7.37 13.76
CA GLY A 98 0.31 -7.22 14.37
C GLY A 98 1.41 -7.89 13.55
N LEU A 99 2.53 -7.20 13.40
CA LEU A 99 3.66 -7.73 12.63
C LEU A 99 4.88 -6.81 12.70
N GLU A 100 4.65 -5.49 12.71
CA GLU A 100 5.73 -4.52 12.76
C GLU A 100 6.59 -4.65 11.50
N LEU A 101 6.08 -4.07 10.42
CA LEU A 101 6.74 -4.12 9.12
C LEU A 101 7.99 -3.25 9.10
N THR A 102 8.98 -3.68 8.32
CA THR A 102 10.24 -2.96 8.17
C THR A 102 10.37 -2.43 6.74
N PRO A 103 10.97 -1.23 6.57
CA PRO A 103 11.16 -0.60 5.25
C PRO A 103 11.60 -1.61 4.19
N GLY A 104 10.74 -1.81 3.17
CA GLY A 104 11.05 -2.74 2.11
C GLY A 104 10.62 -4.15 2.43
N LYS A 105 9.51 -4.30 3.15
CA LYS A 105 8.99 -5.61 3.53
C LYS A 105 7.50 -5.72 3.22
N THR A 106 7.05 -6.95 2.99
CA THR A 106 5.66 -7.22 2.67
C THR A 106 4.82 -7.28 3.95
N ALA A 107 3.62 -6.71 3.90
CA ALA A 107 2.71 -6.69 5.04
C ALA A 107 1.59 -7.72 4.88
N SER A 108 1.13 -8.27 6.00
CA SER A 108 0.06 -9.26 5.98
C SER A 108 -1.31 -8.59 5.98
N LEU A 109 -2.20 -9.06 5.10
CA LEU A 109 -3.54 -8.50 4.99
C LEU A 109 -4.59 -9.48 5.52
N LYS A 110 -5.55 -8.96 6.28
CA LYS A 110 -6.62 -9.79 6.86
C LYS A 110 -7.87 -9.73 5.99
N ARG A 111 -8.52 -8.55 5.96
CA ARG A 111 -9.74 -8.34 5.19
C ARG A 111 -10.22 -6.91 5.30
N GLY A 112 -10.23 -6.39 6.54
CA GLY A 112 -10.68 -5.02 6.77
C GLY A 112 -11.62 -4.91 7.96
N GLY A 113 -11.47 -3.83 8.73
CA GLY A 113 -12.31 -3.63 9.89
C GLY A 113 -11.60 -2.87 10.99
N TYR A 114 -11.25 -3.57 12.07
CA TYR A 114 -10.56 -2.96 13.20
C TYR A 114 -9.57 -3.94 13.82
N GLY A 115 -8.29 -3.79 13.47
CA GLY A 115 -7.27 -4.67 14.00
C GLY A 115 -6.16 -3.92 14.72
N GLN A 116 -4.92 -4.32 14.46
CA GLN A 116 -3.75 -3.69 15.08
C GLN A 116 -2.95 -2.91 14.05
N ASP A 117 -2.65 -1.64 14.36
CA ASP A 117 -1.88 -0.79 13.45
C ASP A 117 -0.46 -1.33 13.26
N THR A 118 0.04 -1.23 12.03
CA THR A 118 1.39 -1.69 11.70
C THR A 118 2.42 -0.62 12.00
N ALA A 119 3.47 -1.00 12.74
CA ALA A 119 4.54 -0.08 13.11
C ALA A 119 5.77 -0.29 12.25
N VAL A 120 6.33 0.81 11.73
CA VAL A 120 7.52 0.75 10.89
C VAL A 120 8.66 1.55 11.51
N THR A 121 9.84 0.92 11.61
CA THR A 121 11.00 1.58 12.19
C THR A 121 11.89 2.20 11.10
N LEU A 122 11.66 3.48 10.82
CA LEU A 122 12.43 4.21 9.83
C LEU A 122 12.89 5.55 10.40
N PRO A 123 14.15 5.66 10.85
CA PRO A 123 14.70 6.90 11.42
C PRO A 123 14.96 7.99 10.40
N GLU A 124 14.70 7.72 9.12
CA GLU A 124 14.91 8.69 8.05
C GLU A 124 13.59 9.17 7.48
N ALA A 125 13.36 10.49 7.53
CA ALA A 125 12.14 11.08 7.01
C ALA A 125 12.12 11.07 5.49
N GLY A 126 11.10 10.42 4.92
CA GLY A 126 10.98 10.34 3.47
C GLY A 126 9.61 9.87 3.01
N GLN A 127 9.34 10.01 1.71
CA GLN A 127 8.06 9.60 1.15
C GLN A 127 7.89 8.09 1.19
N TYR A 128 6.74 7.65 1.67
CA TYR A 128 6.43 6.23 1.77
C TYR A 128 5.30 5.86 0.81
N VAL A 129 5.34 4.64 0.28
CA VAL A 129 4.30 4.19 -0.64
C VAL A 129 3.69 2.88 -0.15
N TRP A 130 2.38 2.92 0.09
CA TRP A 130 1.65 1.74 0.55
C TRP A 130 0.92 1.07 -0.60
N SER A 131 1.37 -0.13 -0.97
CA SER A 131 0.76 -0.87 -2.06
C SER A 131 0.25 -2.21 -1.57
N LEU A 132 -0.82 -2.70 -2.19
CA LEU A 132 -1.42 -3.98 -1.81
C LEU A 132 -1.70 -4.83 -3.06
N LYS A 133 -1.36 -6.11 -3.00
CA LYS A 133 -1.58 -7.02 -4.11
C LYS A 133 -2.42 -8.22 -3.70
N PHE A 134 -3.57 -8.38 -4.35
CA PHE A 134 -4.48 -9.48 -4.06
C PHE A 134 -5.11 -10.02 -5.34
N THR A 135 -5.33 -11.33 -5.39
CA THR A 135 -5.94 -11.97 -6.57
C THR A 135 -7.46 -11.99 -6.45
N ASP A 136 -8.12 -12.40 -7.54
CA ASP A 136 -9.58 -12.47 -7.57
C ASP A 136 -10.08 -13.83 -7.07
N SER A 137 -9.17 -14.67 -6.55
CA SER A 137 -9.53 -15.99 -6.05
C SER A 137 -10.35 -15.89 -4.76
N GLY A 138 -10.15 -14.80 -4.01
CA GLY A 138 -10.88 -14.61 -2.77
C GLY A 138 -10.25 -15.36 -1.61
N ASP A 139 -8.93 -15.31 -1.52
CA ASP A 139 -8.20 -15.99 -0.45
C ASP A 139 -6.81 -15.38 -0.26
N PRO A 140 -5.92 -15.52 -1.28
CA PRO A 140 -4.55 -14.97 -1.20
C PRO A 140 -4.55 -13.44 -1.18
N GLU A 141 -3.94 -12.88 -0.13
CA GLU A 141 -3.86 -11.42 0.01
C GLU A 141 -2.52 -11.01 0.61
N GLN A 142 -1.68 -10.36 -0.21
CA GLN A 142 -0.37 -9.90 0.25
C GLN A 142 -0.21 -8.40 0.07
N ILE A 143 0.58 -7.78 0.93
CA ILE A 143 0.82 -6.34 0.87
C ILE A 143 2.31 -6.04 0.74
N MET A 144 2.65 -4.96 0.05
CA MET A 144 4.05 -4.58 -0.14
C MET A 144 4.23 -3.07 0.01
N VAL A 145 5.13 -2.67 0.91
CA VAL A 145 5.39 -1.26 1.15
C VAL A 145 6.90 -0.97 1.19
N SER A 146 7.30 0.13 0.56
CA SER A 146 8.70 0.53 0.51
C SER A 146 8.84 2.05 0.68
N LYS A 147 10.01 2.49 1.14
CA LYS A 147 10.27 3.91 1.35
C LYS A 147 11.42 4.38 0.46
N CYS A 148 11.17 5.42 -0.34
CA CYS A 148 12.19 5.96 -1.24
C CYS A 148 12.40 7.45 -0.97
N PRO A 149 13.62 7.83 -0.54
CA PRO A 149 13.97 9.22 -0.25
C PRO A 149 14.10 10.08 -1.51
N THR A 1 -1.59 -37.02 3.60
CA THR A 1 -1.42 -37.99 4.72
C THR A 1 -2.67 -38.07 5.59
N PRO A 2 -3.58 -39.02 5.27
CA PRO A 2 -4.83 -39.20 6.02
C PRO A 2 -4.58 -39.40 7.52
N SER A 3 -4.60 -38.30 8.27
CA SER A 3 -4.36 -38.35 9.71
C SER A 3 -5.16 -37.26 10.43
N ALA A 4 -5.53 -37.54 11.68
CA ALA A 4 -6.30 -36.59 12.49
C ALA A 4 -5.41 -35.45 13.02
N SER A 5 -4.13 -35.74 13.21
CA SER A 5 -3.17 -34.74 13.71
C SER A 5 -3.11 -33.51 12.82
N GLY A 6 -2.85 -33.74 11.53
CA GLY A 6 -2.77 -32.64 10.58
C GLY A 6 -1.34 -32.41 10.10
N LEU A 7 -0.70 -33.47 9.61
CA LEU A 7 0.68 -33.39 9.12
C LEU A 7 0.70 -33.32 7.59
N THR A 8 1.62 -32.52 7.06
CA THR A 8 1.76 -32.36 5.61
C THR A 8 3.05 -31.61 5.25
N LYS A 9 3.48 -31.73 3.99
CA LYS A 9 4.69 -31.08 3.52
C LYS A 9 4.36 -29.77 2.79
N VAL A 10 4.77 -28.64 3.37
CA VAL A 10 4.50 -27.34 2.76
C VAL A 10 5.80 -26.57 2.52
N ALA A 11 6.46 -26.90 1.41
CA ALA A 11 7.73 -26.25 1.04
C ALA A 11 7.49 -24.89 0.40
N THR A 12 8.32 -23.91 0.78
CA THR A 12 8.22 -22.56 0.24
C THR A 12 9.21 -22.34 -0.90
N VAL A 13 8.70 -21.81 -2.03
CA VAL A 13 9.51 -21.53 -3.22
C VAL A 13 10.53 -22.64 -3.51
N SER A 14 10.07 -23.70 -4.16
CA SER A 14 10.92 -24.84 -4.49
C SER A 14 10.82 -25.19 -5.98
N ALA A 15 11.98 -25.46 -6.59
CA ALA A 15 12.07 -25.83 -8.01
C ALA A 15 11.65 -24.66 -8.91
N ALA A 16 12.63 -24.13 -9.65
CA ALA A 16 12.40 -23.01 -10.57
C ALA A 16 12.13 -21.70 -9.82
N SER A 17 12.82 -20.64 -10.21
CA SER A 17 12.65 -19.34 -9.58
C SER A 17 13.20 -18.21 -10.46
N SER A 18 12.32 -17.30 -10.88
CA SER A 18 12.72 -16.17 -11.73
C SER A 18 12.42 -14.85 -11.02
N LEU A 19 13.38 -13.92 -11.09
CA LEU A 19 13.24 -12.62 -10.46
C LEU A 19 13.70 -11.50 -11.41
N ILE A 20 12.80 -11.07 -12.29
CA ILE A 20 13.11 -10.02 -13.24
C ILE A 20 12.82 -8.64 -12.65
N GLY A 21 13.75 -7.69 -12.85
CA GLY A 21 13.57 -6.35 -12.32
C GLY A 21 14.69 -5.42 -12.71
N GLU A 22 14.34 -4.16 -13.00
CA GLU A 22 15.33 -3.17 -13.42
C GLU A 22 14.88 -1.76 -13.03
N GLY A 23 15.81 -0.95 -12.53
CA GLY A 23 15.49 0.41 -12.14
C GLY A 23 15.35 0.56 -10.64
N PHE A 24 16.43 0.98 -9.98
CA PHE A 24 16.43 1.18 -8.53
C PHE A 24 15.47 2.30 -8.14
N MET A 25 15.37 3.33 -8.98
CA MET A 25 14.48 4.46 -8.71
C MET A 25 13.01 4.04 -8.86
N ALA A 26 12.76 3.02 -9.68
CA ALA A 26 11.40 2.54 -9.91
C ALA A 26 11.10 1.27 -9.11
N GLN A 27 11.97 0.91 -8.16
CA GLN A 27 11.76 -0.28 -7.34
C GLN A 27 10.77 -0.01 -6.21
N CYS A 28 10.71 1.25 -5.76
CA CYS A 28 9.80 1.64 -4.70
C CYS A 28 8.42 2.04 -5.24
N ASP A 29 8.24 1.93 -6.56
CA ASP A 29 6.95 2.27 -7.19
C ASP A 29 6.96 1.92 -8.67
N ASN A 30 5.97 1.14 -9.10
CA ASN A 30 5.84 0.74 -10.49
C ASN A 30 4.88 1.66 -11.23
N PRO A 31 5.04 1.81 -12.57
CA PRO A 31 4.18 2.66 -13.39
C PRO A 31 2.70 2.33 -13.23
N THR A 32 1.89 3.34 -12.93
CA THR A 32 0.46 3.14 -12.72
C THR A 32 -0.36 3.55 -13.96
N ILE A 33 -1.18 2.61 -14.42
CA ILE A 33 -2.04 2.80 -15.59
C ILE A 33 -3.43 2.26 -15.30
N GLU A 34 -4.40 2.66 -16.10
CA GLU A 34 -5.79 2.22 -15.93
C GLU A 34 -5.87 0.69 -15.98
N GLY A 35 -6.11 0.07 -14.81
CA GLY A 35 -6.21 -1.38 -14.70
C GLY A 35 -7.57 -1.82 -14.18
N ASP A 36 -7.54 -2.70 -13.19
CA ASP A 36 -8.78 -3.21 -12.58
C ASP A 36 -8.88 -2.85 -11.10
N GLY A 37 -8.34 -1.69 -10.72
CA GLY A 37 -8.38 -1.26 -9.33
C GLY A 37 -9.80 -0.98 -8.84
N PRO A 38 -9.96 -0.61 -7.55
CA PRO A 38 -11.28 -0.33 -6.97
C PRO A 38 -11.79 1.08 -7.30
N ILE A 39 -13.00 1.14 -7.87
CA ILE A 39 -13.61 2.42 -8.22
C ILE A 39 -14.73 2.80 -7.24
N GLY A 40 -14.98 4.10 -7.11
CA GLY A 40 -16.00 4.59 -6.21
C GLY A 40 -15.70 4.24 -4.75
N LYS A 41 -14.43 4.01 -4.45
CA LYS A 41 -14.01 3.67 -3.10
C LYS A 41 -12.85 4.54 -2.65
N THR A 42 -12.97 5.09 -1.43
CA THR A 42 -11.94 5.95 -0.87
C THR A 42 -11.30 5.30 0.37
N LEU A 43 -9.98 5.22 0.38
CA LEU A 43 -9.26 4.62 1.50
C LEU A 43 -8.69 5.72 2.41
N TYR A 44 -9.07 5.68 3.69
CA TYR A 44 -8.59 6.66 4.65
C TYR A 44 -7.52 6.07 5.55
N VAL A 45 -6.32 6.66 5.51
CA VAL A 45 -5.21 6.20 6.33
C VAL A 45 -5.08 7.04 7.61
N VAL A 46 -5.23 6.36 8.74
CA VAL A 46 -5.13 7.02 10.05
C VAL A 46 -4.03 6.39 10.90
N GLY A 47 -3.89 6.88 12.14
CA GLY A 47 -2.85 6.38 13.03
C GLY A 47 -2.10 7.50 13.71
N ASP A 48 -0.99 7.93 13.09
CA ASP A 48 -0.15 9.02 13.61
C ASP A 48 1.24 8.96 12.97
N PHE A 49 1.70 10.09 12.45
CA PHE A 49 3.01 10.16 11.80
C PHE A 49 3.79 11.41 12.18
N ALA A 50 3.53 11.96 13.37
CA ALA A 50 4.22 13.18 13.83
C ALA A 50 4.15 14.30 12.78
N ASP A 51 3.13 15.14 12.90
CA ASP A 51 2.89 16.26 11.97
C ASP A 51 2.04 15.79 10.78
N ALA A 52 1.31 14.68 11.00
CA ALA A 52 0.44 14.11 9.98
C ALA A 52 -0.53 13.13 10.65
N SER A 53 -1.08 13.54 11.78
CA SER A 53 -2.02 12.72 12.55
C SER A 53 -3.33 12.54 11.78
N TRP A 54 -3.35 11.51 10.94
CA TRP A 54 -4.52 11.17 10.14
C TRP A 54 -4.70 12.16 8.99
N LYS A 55 -3.70 12.23 8.12
CA LYS A 55 -3.72 13.14 6.97
C LYS A 55 -3.93 12.36 5.68
N GLN A 56 -5.06 12.62 5.01
CA GLN A 56 -5.40 11.95 3.76
C GLN A 56 -6.30 12.82 2.91
N LYS A 57 -5.71 13.59 1.99
CA LYS A 57 -6.47 14.46 1.11
C LYS A 57 -7.19 13.66 0.04
N PRO A 58 -8.47 13.98 -0.23
CA PRO A 58 -9.29 13.28 -1.24
C PRO A 58 -8.63 13.26 -2.62
N HIS A 59 -7.78 14.26 -2.90
CA HIS A 59 -7.10 14.35 -4.18
C HIS A 59 -6.19 13.14 -4.42
N ARG A 60 -5.68 12.55 -3.34
CA ARG A 60 -4.81 11.39 -3.42
C ARG A 60 -5.28 10.28 -2.48
N ALA A 61 -6.56 10.32 -2.11
CA ALA A 61 -7.15 9.33 -1.21
C ALA A 61 -7.13 7.92 -1.82
N TYR A 62 -6.94 7.83 -3.13
CA TYR A 62 -6.90 6.54 -3.83
C TYR A 62 -6.25 6.67 -5.21
N ARG A 63 -5.27 5.82 -5.48
CA ARG A 63 -4.57 5.83 -6.77
C ARG A 63 -4.79 4.52 -7.51
N TYR A 64 -5.17 4.62 -8.79
CA TYR A 64 -5.41 3.44 -9.62
C TYR A 64 -4.11 2.80 -10.08
N VAL A 65 -3.90 1.55 -9.67
CA VAL A 65 -2.71 0.81 -10.07
C VAL A 65 -3.10 -0.26 -11.08
N GLY A 66 -2.76 -0.02 -12.35
CA GLY A 66 -3.11 -0.95 -13.41
C GLY A 66 -2.58 -2.35 -13.14
N GLU A 67 -3.40 -3.15 -12.44
CA GLU A 67 -3.05 -4.53 -12.09
C GLU A 67 -3.85 -5.06 -10.90
N ASN A 68 -5.08 -4.55 -10.69
CA ASN A 68 -5.90 -4.98 -9.56
C ASN A 68 -5.19 -4.65 -8.23
N THR A 69 -4.26 -3.69 -8.28
CA THR A 69 -3.49 -3.28 -7.11
C THR A 69 -3.86 -1.88 -6.67
N TYR A 70 -3.64 -1.57 -5.39
CA TYR A 70 -3.93 -0.25 -4.84
C TYR A 70 -2.65 0.45 -4.41
N GLN A 71 -2.53 1.73 -4.77
CA GLN A 71 -1.36 2.53 -4.42
C GLN A 71 -1.78 3.82 -3.71
N ALA A 72 -1.05 4.16 -2.64
CA ALA A 72 -1.35 5.37 -1.87
C ALA A 72 -0.10 5.94 -1.22
N VAL A 73 0.36 7.09 -1.71
CA VAL A 73 1.55 7.76 -1.16
C VAL A 73 1.20 8.45 0.15
N VAL A 74 2.03 8.24 1.17
CA VAL A 74 1.80 8.83 2.49
C VAL A 74 3.06 9.52 3.02
N ASP A 75 2.88 10.71 3.59
CA ASP A 75 3.99 11.47 4.16
C ASP A 75 4.08 11.25 5.68
N GLU A 76 5.29 10.94 6.15
CA GLU A 76 5.51 10.68 7.58
C GLU A 76 6.81 11.33 8.08
N LYS A 77 6.91 11.48 9.40
CA LYS A 77 8.11 12.06 10.03
C LYS A 77 9.17 10.99 10.25
N ALA A 78 10.35 11.42 10.69
CA ALA A 78 11.47 10.49 10.94
C ALA A 78 11.34 9.85 12.33
N GLY A 79 11.45 8.52 12.36
CA GLY A 79 11.36 7.79 13.61
C GLY A 79 9.94 7.70 14.16
N ALA A 80 9.59 6.53 14.70
CA ALA A 80 8.27 6.29 15.28
C ALA A 80 7.17 6.38 14.20
N PHE A 81 6.67 5.21 13.78
CA PHE A 81 5.63 5.15 12.76
C PHE A 81 4.48 4.24 13.17
N ARG A 82 3.25 4.67 12.89
CA ARG A 82 2.05 3.90 13.21
C ARG A 82 0.88 4.37 12.35
N MET A 83 0.21 3.43 11.66
CA MET A 83 -0.91 3.79 10.80
C MET A 83 -1.92 2.64 10.67
N GLN A 84 -3.04 2.92 10.00
CA GLN A 84 -4.10 1.94 9.79
C GLN A 84 -5.10 2.48 8.75
N TYR A 85 -5.61 1.59 7.91
CA TYR A 85 -6.58 1.97 6.87
C TYR A 85 -8.01 1.67 7.30
N ALA A 86 -8.93 2.57 6.93
CA ALA A 86 -10.35 2.42 7.26
C ALA A 86 -11.21 3.28 6.35
N SER A 87 -12.19 2.66 5.69
CA SER A 87 -13.09 3.38 4.78
C SER A 87 -14.05 4.28 5.56
N LYS A 88 -14.76 5.13 4.84
CA LYS A 88 -15.73 6.04 5.46
C LYS A 88 -17.04 5.33 5.79
N ASP A 89 -17.44 4.38 4.94
CA ASP A 89 -18.66 3.62 5.15
C ASP A 89 -18.39 2.27 5.83
N TRP A 90 -17.35 2.23 6.67
CA TRP A 90 -16.97 1.01 7.38
C TRP A 90 -16.79 -0.17 6.41
N SER A 91 -16.17 0.11 5.25
CA SER A 91 -15.92 -0.92 4.25
C SER A 91 -14.60 -1.64 4.52
N PRO A 92 -14.23 -2.64 3.69
CA PRO A 92 -12.99 -3.41 3.86
C PRO A 92 -11.79 -2.53 4.20
N GLN A 93 -11.17 -2.80 5.34
CA GLN A 93 -10.01 -2.03 5.80
C GLN A 93 -8.77 -2.91 5.93
N PHE A 94 -7.67 -2.33 6.42
CA PHE A 94 -6.42 -3.05 6.60
C PHE A 94 -5.97 -2.98 8.06
N THR A 95 -5.82 -4.16 8.66
CA THR A 95 -5.40 -4.27 10.06
C THR A 95 -4.68 -5.59 10.30
N ALA A 96 -3.38 -5.52 10.58
CA ALA A 96 -2.58 -6.71 10.80
C ALA A 96 -2.21 -6.87 12.28
N ASP A 97 -2.45 -8.05 12.82
CA ASP A 97 -2.14 -8.33 14.23
C ASP A 97 -0.67 -8.72 14.39
N GLY A 98 0.07 -7.93 15.18
CA GLY A 98 1.48 -8.21 15.40
C GLY A 98 2.26 -8.32 14.11
N LEU A 99 1.98 -7.43 13.17
CA LEU A 99 2.65 -7.44 11.86
C LEU A 99 3.98 -6.68 11.92
N GLU A 100 3.94 -5.42 12.33
CA GLU A 100 5.14 -4.59 12.40
C GLU A 100 5.76 -4.45 11.02
N LEU A 101 5.26 -3.49 10.26
CA LEU A 101 5.73 -3.23 8.90
C LEU A 101 7.14 -2.66 8.90
N THR A 102 7.92 -3.06 7.90
CA THR A 102 9.29 -2.59 7.74
C THR A 102 9.57 -2.21 6.29
N PRO A 103 10.37 -1.13 6.06
CA PRO A 103 10.70 -0.67 4.71
C PRO A 103 11.10 -1.82 3.78
N GLY A 104 10.25 -2.11 2.80
CA GLY A 104 10.53 -3.19 1.86
C GLY A 104 10.10 -4.54 2.39
N LYS A 105 9.01 -4.57 3.15
CA LYS A 105 8.48 -5.81 3.72
C LYS A 105 7.00 -5.97 3.39
N THR A 106 6.57 -7.22 3.30
CA THR A 106 5.17 -7.54 3.00
C THR A 106 4.30 -7.41 4.25
N ALA A 107 3.08 -6.91 4.08
CA ALA A 107 2.14 -6.74 5.18
C ALA A 107 1.06 -7.81 5.17
N SER A 108 0.71 -8.31 6.35
CA SER A 108 -0.31 -9.35 6.49
C SER A 108 -1.71 -8.78 6.33
N LEU A 109 -2.49 -9.38 5.43
CA LEU A 109 -3.86 -8.94 5.18
C LEU A 109 -4.86 -10.04 5.56
N LYS A 110 -5.41 -9.94 6.77
CA LYS A 110 -6.38 -10.92 7.26
C LYS A 110 -7.48 -10.24 8.08
N ARG A 111 -7.08 -9.38 9.02
CA ARG A 111 -8.05 -8.67 9.87
C ARG A 111 -8.53 -7.39 9.19
N GLY A 112 -9.85 -7.19 9.16
CA GLY A 112 -10.42 -6.00 8.54
C GLY A 112 -11.48 -5.35 9.40
N GLY A 113 -11.09 -4.91 10.59
CA GLY A 113 -12.04 -4.27 11.50
C GLY A 113 -11.58 -4.30 12.94
N TYR A 114 -10.85 -3.26 13.35
CA TYR A 114 -10.33 -3.14 14.72
C TYR A 114 -9.31 -4.25 15.02
N GLY A 115 -8.03 -3.91 14.92
CA GLY A 115 -6.97 -4.87 15.19
C GLY A 115 -5.76 -4.22 15.84
N GLN A 116 -4.56 -4.56 15.35
CA GLN A 116 -3.32 -4.00 15.89
C GLN A 116 -2.70 -3.02 14.90
N ASP A 117 -2.32 -1.84 15.39
CA ASP A 117 -1.71 -0.83 14.54
C ASP A 117 -0.34 -1.30 14.05
N THR A 118 -0.11 -1.14 12.74
CA THR A 118 1.17 -1.54 12.15
C THR A 118 2.23 -0.48 12.37
N ALA A 119 3.25 -0.83 13.15
CA ALA A 119 4.35 0.08 13.46
C ALA A 119 5.54 -0.13 12.54
N VAL A 120 6.21 0.98 12.20
CA VAL A 120 7.37 0.93 11.32
C VAL A 120 8.57 1.63 11.95
N THR A 121 9.75 1.04 11.80
CA THR A 121 10.98 1.60 12.35
C THR A 121 11.85 2.20 11.24
N LEU A 122 11.79 3.52 11.10
CA LEU A 122 12.57 4.21 10.07
C LEU A 122 13.33 5.41 10.66
N PRO A 123 14.67 5.38 10.60
CA PRO A 123 15.52 6.45 11.13
C PRO A 123 15.65 7.65 10.17
N GLU A 124 14.88 7.63 9.09
CA GLU A 124 14.92 8.71 8.10
C GLU A 124 13.51 9.22 7.79
N ALA A 125 13.41 10.53 7.59
CA ALA A 125 12.12 11.17 7.28
C ALA A 125 11.83 11.13 5.78
N GLY A 126 10.57 10.87 5.44
CA GLY A 126 10.18 10.80 4.04
C GLY A 126 8.81 10.19 3.84
N GLN A 127 8.36 10.16 2.59
CA GLN A 127 7.04 9.60 2.26
C GLN A 127 7.18 8.19 1.68
N TYR A 128 6.33 7.29 2.15
CA TYR A 128 6.34 5.90 1.69
C TYR A 128 5.12 5.61 0.82
N VAL A 129 5.18 4.52 0.06
CA VAL A 129 4.08 4.13 -0.81
C VAL A 129 3.40 2.85 -0.33
N TRP A 130 2.06 2.89 -0.24
CA TRP A 130 1.29 1.74 0.20
C TRP A 130 0.85 0.90 -0.99
N SER A 131 1.40 -0.31 -1.10
CA SER A 131 1.05 -1.21 -2.20
C SER A 131 0.21 -2.39 -1.69
N LEU A 132 -0.95 -2.58 -2.32
CA LEU A 132 -1.86 -3.66 -1.94
C LEU A 132 -2.36 -4.39 -3.17
N LYS A 133 -2.38 -5.72 -3.12
CA LYS A 133 -2.85 -6.52 -4.25
C LYS A 133 -3.91 -7.52 -3.83
N PHE A 134 -5.01 -7.56 -4.60
CA PHE A 134 -6.11 -8.49 -4.33
C PHE A 134 -6.47 -9.26 -5.59
N THR A 135 -6.87 -10.51 -5.39
CA THR A 135 -7.26 -11.39 -6.51
C THR A 135 -8.67 -11.08 -7.00
N ASP A 136 -9.11 -11.80 -8.03
CA ASP A 136 -10.45 -11.61 -8.60
C ASP A 136 -11.48 -12.49 -7.90
N SER A 137 -11.07 -13.69 -7.49
CA SER A 137 -11.97 -14.62 -6.81
C SER A 137 -12.33 -14.12 -5.42
N GLY A 138 -11.45 -13.32 -4.81
CA GLY A 138 -11.71 -12.79 -3.48
C GLY A 138 -11.21 -13.71 -2.36
N ASP A 139 -10.19 -14.52 -2.65
CA ASP A 139 -9.63 -15.43 -1.66
C ASP A 139 -8.26 -14.93 -1.17
N PRO A 140 -7.18 -15.11 -1.96
CA PRO A 140 -5.83 -14.66 -1.58
C PRO A 140 -5.74 -13.14 -1.47
N GLU A 141 -5.08 -12.65 -0.41
CA GLU A 141 -4.93 -11.23 -0.18
C GLU A 141 -3.62 -10.94 0.56
N GLN A 142 -2.72 -10.20 -0.09
CA GLN A 142 -1.44 -9.85 0.50
C GLN A 142 -1.10 -8.37 0.29
N ILE A 143 -0.21 -7.83 1.13
CA ILE A 143 0.19 -6.43 1.04
C ILE A 143 1.71 -6.30 0.92
N MET A 144 2.17 -5.19 0.33
CA MET A 144 3.59 -4.93 0.16
C MET A 144 3.91 -3.45 0.34
N VAL A 145 4.95 -3.14 1.11
CA VAL A 145 5.36 -1.77 1.37
C VAL A 145 6.80 -1.53 0.93
N SER A 146 7.06 -0.37 0.33
CA SER A 146 8.40 -0.01 -0.12
C SER A 146 8.71 1.45 0.19
N LYS A 147 10.00 1.76 0.30
CA LYS A 147 10.44 3.11 0.61
C LYS A 147 11.25 3.70 -0.55
N CYS A 148 10.98 4.95 -0.88
CA CYS A 148 11.67 5.64 -1.97
C CYS A 148 12.86 6.43 -1.43
N PRO A 149 13.92 6.58 -2.26
CA PRO A 149 15.13 7.33 -1.87
C PRO A 149 14.90 8.85 -1.80
N THR A 1 0.77 -8.96 -20.30
CA THR A 1 0.30 -9.38 -21.66
C THR A 1 0.75 -8.40 -22.74
N PRO A 2 0.43 -7.09 -22.61
CA PRO A 2 0.82 -6.08 -23.61
C PRO A 2 2.29 -5.66 -23.52
N SER A 3 2.76 -5.42 -22.29
CA SER A 3 4.15 -5.01 -22.06
C SER A 3 4.51 -3.78 -22.90
N ALA A 4 3.52 -2.92 -23.15
CA ALA A 4 3.72 -1.70 -23.93
C ALA A 4 3.43 -0.46 -23.09
N SER A 5 3.77 -0.52 -21.81
CA SER A 5 3.55 0.60 -20.91
C SER A 5 4.43 1.79 -21.26
N GLY A 6 5.69 1.51 -21.59
CA GLY A 6 6.63 2.56 -21.94
C GLY A 6 8.03 2.30 -21.41
N LEU A 7 8.71 1.32 -22.00
CA LEU A 7 10.08 0.97 -21.58
C LEU A 7 11.03 2.14 -21.78
N THR A 8 11.63 2.59 -20.68
CA THR A 8 12.58 3.72 -20.73
C THR A 8 13.99 3.26 -20.43
N LYS A 9 14.70 2.82 -21.48
CA LYS A 9 16.09 2.35 -21.34
C LYS A 9 17.07 3.50 -21.56
N VAL A 10 17.90 3.77 -20.55
CA VAL A 10 18.91 4.84 -20.58
C VAL A 10 18.30 6.21 -20.87
N ALA A 11 18.96 7.27 -20.40
CA ALA A 11 18.48 8.63 -20.59
C ALA A 11 18.76 9.11 -22.02
N THR A 12 17.69 9.33 -22.79
CA THR A 12 17.84 9.78 -24.17
C THR A 12 17.39 11.24 -24.29
N VAL A 13 18.34 12.10 -24.68
CA VAL A 13 18.07 13.54 -24.86
C VAL A 13 17.74 14.22 -23.53
N SER A 14 18.39 15.34 -23.25
CA SER A 14 18.17 16.09 -22.01
C SER A 14 17.48 17.42 -22.30
N ALA A 15 16.58 17.82 -21.40
CA ALA A 15 15.86 19.09 -21.54
C ALA A 15 15.54 19.69 -20.17
N ALA A 16 15.72 21.01 -20.05
CA ALA A 16 15.45 21.71 -18.80
C ALA A 16 13.97 21.62 -18.41
N SER A 17 13.71 21.04 -17.25
CA SER A 17 12.33 20.88 -16.75
C SER A 17 11.84 22.15 -16.08
N SER A 18 10.60 22.54 -16.40
CA SER A 18 10.00 23.74 -15.83
C SER A 18 8.80 23.37 -14.95
N LEU A 19 9.01 23.40 -13.62
CA LEU A 19 7.96 23.06 -12.66
C LEU A 19 7.42 21.64 -12.89
N ILE A 20 8.26 20.78 -13.48
CA ILE A 20 7.87 19.40 -13.75
C ILE A 20 8.98 18.43 -13.36
N GLY A 21 8.61 17.32 -12.75
CA GLY A 21 9.58 16.32 -12.34
C GLY A 21 9.59 15.11 -13.26
N GLU A 22 10.77 14.56 -13.49
CA GLU A 22 10.94 13.39 -14.34
C GLU A 22 11.73 12.30 -13.63
N GLY A 23 11.30 11.05 -13.78
CA GLY A 23 11.99 9.94 -13.13
C GLY A 23 11.22 9.39 -11.94
N PHE A 24 10.27 10.19 -11.41
CA PHE A 24 9.48 9.78 -10.26
C PHE A 24 8.80 8.42 -10.50
N MET A 25 8.36 8.18 -11.73
CA MET A 25 7.70 6.93 -12.10
C MET A 25 8.63 5.73 -11.88
N ALA A 26 9.94 5.96 -12.03
CA ALA A 26 10.93 4.89 -11.84
C ALA A 26 11.67 5.05 -10.51
N GLN A 27 11.18 5.94 -9.65
CA GLN A 27 11.80 6.19 -8.34
C GLN A 27 11.19 5.32 -7.25
N CYS A 28 9.91 4.97 -7.40
CA CYS A 28 9.21 4.12 -6.44
C CYS A 28 7.75 3.90 -6.83
N ASP A 29 7.13 4.92 -7.43
CA ASP A 29 5.74 4.84 -7.86
C ASP A 29 5.60 3.85 -9.01
N ASN A 30 5.45 2.58 -8.66
CA ASN A 30 5.31 1.52 -9.65
C ASN A 30 3.92 1.51 -10.26
N PRO A 31 3.81 1.82 -11.57
CA PRO A 31 2.53 1.84 -12.27
C PRO A 31 2.10 0.45 -12.70
N THR A 32 1.19 -0.12 -11.93
CA THR A 32 0.66 -1.44 -12.20
C THR A 32 -0.83 -1.37 -12.47
N ILE A 33 -1.22 -1.34 -13.75
CA ILE A 33 -2.62 -1.27 -14.10
C ILE A 33 -3.01 -2.33 -15.12
N GLU A 34 -3.67 -3.38 -14.64
CA GLU A 34 -4.15 -4.47 -15.48
C GLU A 34 -5.45 -5.01 -14.90
N GLY A 35 -6.56 -4.71 -15.55
CA GLY A 35 -7.87 -5.16 -15.06
C GLY A 35 -8.86 -4.02 -14.95
N ASP A 36 -9.51 -3.92 -13.78
CA ASP A 36 -10.50 -2.87 -13.54
C ASP A 36 -10.69 -2.62 -12.05
N GLY A 37 -9.94 -1.66 -11.50
CA GLY A 37 -10.04 -1.33 -10.09
C GLY A 37 -11.43 -0.84 -9.70
N PRO A 38 -11.80 -0.92 -8.39
CA PRO A 38 -13.11 -0.49 -7.91
C PRO A 38 -13.29 1.04 -7.94
N ILE A 39 -14.04 1.52 -8.92
CA ILE A 39 -14.29 2.96 -9.07
C ILE A 39 -15.34 3.47 -8.08
N GLY A 40 -15.26 4.76 -7.76
CA GLY A 40 -16.19 5.36 -6.84
C GLY A 40 -15.91 4.99 -5.39
N LYS A 41 -14.66 4.65 -5.09
CA LYS A 41 -14.28 4.26 -3.73
C LYS A 41 -13.04 5.02 -3.26
N THR A 42 -13.12 5.56 -2.05
CA THR A 42 -12.01 6.30 -1.46
C THR A 42 -11.49 5.60 -0.21
N LEU A 43 -10.18 5.61 -0.02
CA LEU A 43 -9.56 4.97 1.14
C LEU A 43 -8.94 6.01 2.07
N TYR A 44 -9.37 6.01 3.33
CA TYR A 44 -8.84 6.95 4.31
C TYR A 44 -7.81 6.27 5.20
N VAL A 45 -6.57 6.77 5.15
CA VAL A 45 -5.48 6.22 5.95
C VAL A 45 -5.05 7.19 7.04
N VAL A 46 -4.84 6.67 8.25
CA VAL A 46 -4.40 7.49 9.38
C VAL A 46 -3.10 6.95 9.94
N GLY A 47 -2.07 7.79 9.92
CA GLY A 47 -0.77 7.38 10.43
C GLY A 47 -0.26 8.30 11.52
N ASP A 48 -0.22 7.79 12.74
CA ASP A 48 0.25 8.57 13.89
C ASP A 48 1.76 8.81 13.77
N PHE A 49 2.12 9.84 13.01
CA PHE A 49 3.51 10.20 12.78
C PHE A 49 4.04 11.08 13.93
N ALA A 50 5.25 11.61 13.76
CA ALA A 50 5.87 12.47 14.78
C ALA A 50 5.36 13.91 14.69
N ASP A 51 5.60 14.55 13.55
CA ASP A 51 5.18 15.94 13.35
C ASP A 51 4.02 16.03 12.34
N ALA A 52 3.04 15.14 12.49
CA ALA A 52 1.88 15.12 11.60
C ALA A 52 0.67 14.49 12.29
N SER A 53 0.85 13.25 12.77
CA SER A 53 -0.21 12.52 13.48
C SER A 53 -1.50 12.44 12.67
N TRP A 54 -1.70 11.31 11.98
CA TRP A 54 -2.90 11.09 11.16
C TRP A 54 -2.91 12.04 9.97
N LYS A 55 -1.92 11.91 9.10
CA LYS A 55 -1.81 12.76 7.92
C LYS A 55 -2.43 12.09 6.69
N GLN A 56 -3.37 12.80 6.06
CA GLN A 56 -4.06 12.29 4.88
C GLN A 56 -4.38 13.43 3.91
N LYS A 57 -4.29 13.16 2.61
CA LYS A 57 -4.58 14.16 1.58
C LYS A 57 -5.66 13.66 0.62
N PRO A 58 -6.49 14.59 0.09
CA PRO A 58 -7.56 14.24 -0.86
C PRO A 58 -7.02 13.71 -2.18
N HIS A 59 -5.84 14.20 -2.57
CA HIS A 59 -5.21 13.77 -3.83
C HIS A 59 -4.43 12.46 -3.64
N ARG A 60 -4.49 11.88 -2.43
CA ARG A 60 -3.79 10.63 -2.15
C ARG A 60 -4.73 9.61 -1.51
N ALA A 61 -6.05 9.82 -1.68
CA ALA A 61 -7.06 8.91 -1.13
C ALA A 61 -6.70 7.46 -1.43
N TYR A 62 -6.42 7.17 -2.71
CA TYR A 62 -6.05 5.82 -3.12
C TYR A 62 -5.88 5.77 -4.65
N ARG A 63 -4.69 5.33 -5.09
CA ARG A 63 -4.39 5.24 -6.52
C ARG A 63 -4.91 3.93 -7.10
N TYR A 64 -5.54 4.02 -8.27
CA TYR A 64 -6.11 2.84 -8.94
C TYR A 64 -5.06 2.06 -9.71
N VAL A 65 -4.88 0.80 -9.31
CA VAL A 65 -3.95 -0.10 -9.98
C VAL A 65 -4.68 -1.39 -10.30
N GLY A 66 -5.03 -1.56 -11.58
CA GLY A 66 -5.78 -2.72 -12.04
C GLY A 66 -5.32 -4.04 -11.43
N GLU A 67 -6.18 -5.06 -11.56
CA GLU A 67 -5.91 -6.40 -11.04
C GLU A 67 -6.28 -6.54 -9.56
N ASN A 68 -7.26 -5.76 -9.11
CA ASN A 68 -7.71 -5.80 -7.72
C ASN A 68 -6.59 -5.37 -6.77
N THR A 69 -5.58 -4.67 -7.29
CA THR A 69 -4.47 -4.20 -6.49
C THR A 69 -4.69 -2.73 -6.10
N TYR A 70 -4.12 -2.32 -4.98
CA TYR A 70 -4.28 -0.95 -4.50
C TYR A 70 -2.92 -0.32 -4.19
N GLN A 71 -2.79 0.98 -4.50
CA GLN A 71 -1.54 1.70 -4.25
C GLN A 71 -1.82 3.13 -3.82
N ALA A 72 -1.10 3.61 -2.80
CA ALA A 72 -1.28 4.97 -2.31
C ALA A 72 0.02 5.54 -1.73
N VAL A 73 0.37 6.74 -2.15
CA VAL A 73 1.59 7.39 -1.66
C VAL A 73 1.34 8.06 -0.32
N VAL A 74 2.25 7.81 0.62
CA VAL A 74 2.14 8.38 1.97
C VAL A 74 3.41 9.12 2.35
N ASP A 75 3.24 10.20 3.11
CA ASP A 75 4.38 11.01 3.55
C ASP A 75 4.50 10.97 5.07
N GLU A 76 5.64 10.47 5.56
CA GLU A 76 5.87 10.35 6.99
C GLU A 76 7.21 11.00 7.38
N LYS A 77 7.37 11.26 8.68
CA LYS A 77 8.60 11.88 9.19
C LYS A 77 9.53 10.86 9.84
N ALA A 78 10.71 11.31 10.23
CA ALA A 78 11.71 10.44 10.87
C ALA A 78 11.26 10.00 12.26
N GLY A 79 11.21 8.69 12.46
CA GLY A 79 10.80 8.14 13.74
C GLY A 79 9.68 7.12 13.60
N ALA A 80 9.66 6.14 14.50
CA ALA A 80 8.64 5.09 14.48
C ALA A 80 7.24 5.68 14.51
N PHE A 81 6.38 5.20 13.60
CA PHE A 81 5.01 5.67 13.52
C PHE A 81 4.05 4.52 13.20
N ARG A 82 2.84 4.62 13.73
CA ARG A 82 1.81 3.61 13.49
C ARG A 82 0.79 4.13 12.49
N MET A 83 0.12 3.22 11.79
CA MET A 83 -0.89 3.62 10.79
C MET A 83 -1.95 2.54 10.59
N GLN A 84 -3.07 2.95 10.00
CA GLN A 84 -4.19 2.04 9.74
C GLN A 84 -5.06 2.59 8.60
N TYR A 85 -5.80 1.68 7.95
CA TYR A 85 -6.67 2.07 6.83
C TYR A 85 -8.14 1.86 7.19
N ALA A 86 -9.00 2.74 6.66
CA ALA A 86 -10.43 2.66 6.91
C ALA A 86 -11.21 3.54 5.93
N SER A 87 -12.14 2.93 5.20
CA SER A 87 -12.95 3.66 4.22
C SER A 87 -13.98 4.54 4.93
N LYS A 88 -14.29 5.68 4.32
CA LYS A 88 -15.26 6.62 4.87
C LYS A 88 -16.64 5.98 5.02
N ASP A 89 -16.95 5.02 4.13
CA ASP A 89 -18.25 4.33 4.16
C ASP A 89 -18.15 2.98 4.88
N TRP A 90 -17.21 2.85 5.82
CA TRP A 90 -17.01 1.61 6.56
C TRP A 90 -16.79 0.42 5.61
N SER A 91 -16.06 0.67 4.53
CA SER A 91 -15.77 -0.36 3.53
C SER A 91 -14.53 -1.17 3.91
N PRO A 92 -14.14 -2.19 3.10
CA PRO A 92 -12.97 -3.03 3.37
C PRO A 92 -11.76 -2.21 3.82
N GLN A 93 -11.30 -2.50 5.04
CA GLN A 93 -10.15 -1.79 5.62
C GLN A 93 -8.90 -2.67 5.60
N PHE A 94 -7.82 -2.16 6.20
CA PHE A 94 -6.56 -2.91 6.26
C PHE A 94 -6.06 -2.99 7.71
N THR A 95 -5.65 -4.20 8.10
CA THR A 95 -5.14 -4.44 9.45
C THR A 95 -4.32 -5.73 9.49
N ALA A 96 -3.01 -5.58 9.70
CA ALA A 96 -2.11 -6.72 9.75
C ALA A 96 -1.94 -7.21 11.19
N ASP A 97 -2.66 -8.28 11.54
CA ASP A 97 -2.63 -8.85 12.88
C ASP A 97 -1.22 -9.30 13.27
N GLY A 98 -0.61 -8.55 14.18
CA GLY A 98 0.73 -8.87 14.65
C GLY A 98 1.73 -9.00 13.52
N LEU A 99 2.19 -7.87 12.98
CA LEU A 99 3.13 -7.88 11.87
C LEU A 99 4.24 -6.84 11.99
N GLU A 100 3.92 -5.67 12.56
CA GLU A 100 4.89 -4.57 12.70
C GLU A 100 5.62 -4.32 11.39
N LEU A 101 4.95 -3.62 10.49
CA LEU A 101 5.50 -3.30 9.17
C LEU A 101 6.93 -2.77 9.25
N THR A 102 7.76 -3.21 8.30
CA THR A 102 9.16 -2.80 8.25
C THR A 102 9.51 -2.28 6.84
N PRO A 103 10.33 -1.22 6.76
CA PRO A 103 10.76 -0.62 5.48
C PRO A 103 11.30 -1.66 4.50
N GLY A 104 10.76 -1.66 3.28
CA GLY A 104 11.19 -2.60 2.26
C GLY A 104 11.00 -4.05 2.68
N LYS A 105 9.92 -4.32 3.43
CA LYS A 105 9.63 -5.66 3.91
C LYS A 105 8.19 -6.06 3.57
N THR A 106 8.00 -7.35 3.29
CA THR A 106 6.69 -7.89 2.95
C THR A 106 5.78 -7.92 4.18
N ALA A 107 4.50 -7.66 3.96
CA ALA A 107 3.52 -7.64 5.04
C ALA A 107 2.31 -8.54 4.72
N SER A 108 1.70 -9.09 5.76
CA SER A 108 0.54 -9.96 5.61
C SER A 108 -0.76 -9.17 5.80
N LEU A 109 -1.76 -9.47 4.96
CA LEU A 109 -3.05 -8.81 5.05
C LEU A 109 -4.13 -9.81 5.43
N LYS A 110 -4.46 -9.86 6.73
CA LYS A 110 -5.48 -10.77 7.23
C LYS A 110 -6.89 -10.29 6.90
N ARG A 111 -7.34 -9.24 7.61
CA ARG A 111 -8.67 -8.68 7.39
C ARG A 111 -8.66 -7.16 7.62
N GLY A 112 -9.83 -6.54 7.50
CA GLY A 112 -9.94 -5.10 7.69
C GLY A 112 -11.09 -4.72 8.61
N GLY A 113 -10.86 -3.73 9.46
CA GLY A 113 -11.90 -3.28 10.38
C GLY A 113 -11.35 -3.00 11.77
N TYR A 114 -11.36 -4.03 12.62
CA TYR A 114 -10.87 -3.89 13.99
C TYR A 114 -9.81 -4.96 14.29
N GLY A 115 -8.55 -4.62 14.04
CA GLY A 115 -7.47 -5.55 14.29
C GLY A 115 -6.28 -4.87 14.95
N GLN A 116 -5.08 -5.24 14.54
CA GLN A 116 -3.85 -4.66 15.10
C GLN A 116 -3.15 -3.78 14.07
N ASP A 117 -2.92 -2.51 14.44
CA ASP A 117 -2.25 -1.56 13.54
C ASP A 117 -0.80 -1.97 13.30
N THR A 118 -0.27 -1.60 12.14
CA THR A 118 1.11 -1.93 11.79
C THR A 118 2.05 -0.78 12.15
N ALA A 119 2.94 -1.04 13.11
CA ALA A 119 3.90 -0.05 13.56
C ALA A 119 5.23 -0.21 12.83
N VAL A 120 5.70 0.87 12.22
CA VAL A 120 6.97 0.83 11.49
C VAL A 120 8.00 1.76 12.12
N THR A 121 9.16 1.21 12.46
CA THR A 121 10.23 1.98 13.09
C THR A 121 11.21 2.49 12.04
N LEU A 122 11.00 3.72 11.58
CA LEU A 122 11.87 4.33 10.59
C LEU A 122 12.30 5.73 11.04
N PRO A 123 13.53 5.86 11.57
CA PRO A 123 14.08 7.13 12.05
C PRO A 123 14.43 8.11 10.93
N GLU A 124 14.03 7.79 9.69
CA GLU A 124 14.32 8.63 8.53
C GLU A 124 13.02 9.20 7.94
N ALA A 125 13.07 10.45 7.50
CA ALA A 125 11.91 11.11 6.90
C ALA A 125 12.00 11.11 5.37
N GLY A 126 10.87 10.89 4.71
CA GLY A 126 10.85 10.86 3.26
C GLY A 126 9.53 10.37 2.68
N GLN A 127 9.49 10.24 1.36
CA GLN A 127 8.28 9.76 0.67
C GLN A 127 8.14 8.24 0.80
N TYR A 128 6.92 7.79 1.00
CA TYR A 128 6.63 6.36 1.14
C TYR A 128 5.54 5.92 0.17
N VAL A 129 5.64 4.69 -0.31
CA VAL A 129 4.65 4.14 -1.24
C VAL A 129 4.04 2.86 -0.69
N TRP A 130 2.71 2.86 -0.55
CA TRP A 130 2.00 1.69 -0.03
C TRP A 130 1.59 0.75 -1.17
N SER A 131 2.15 -0.46 -1.17
CA SER A 131 1.86 -1.45 -2.20
C SER A 131 1.02 -2.58 -1.61
N LEU A 132 -0.11 -2.86 -2.25
CA LEU A 132 -1.01 -3.91 -1.79
C LEU A 132 -1.61 -4.68 -2.97
N LYS A 133 -1.64 -6.01 -2.86
CA LYS A 133 -2.18 -6.85 -3.92
C LYS A 133 -3.15 -7.90 -3.35
N PHE A 134 -4.40 -7.85 -3.80
CA PHE A 134 -5.42 -8.80 -3.34
C PHE A 134 -6.09 -9.48 -4.53
N THR A 135 -6.44 -10.75 -4.36
CA THR A 135 -7.08 -11.52 -5.42
C THR A 135 -8.52 -11.88 -5.07
N ASP A 136 -9.21 -12.53 -6.02
CA ASP A 136 -10.60 -12.94 -5.82
C ASP A 136 -10.69 -14.31 -5.15
N SER A 137 -9.60 -15.09 -5.19
CA SER A 137 -9.57 -16.42 -4.59
C SER A 137 -9.71 -16.35 -3.06
N GLY A 138 -9.27 -15.23 -2.47
CA GLY A 138 -9.36 -15.06 -1.02
C GLY A 138 -8.11 -15.55 -0.29
N ASP A 139 -7.29 -16.35 -0.96
CA ASP A 139 -6.05 -16.87 -0.37
C ASP A 139 -4.88 -15.96 -0.69
N PRO A 140 -4.62 -15.69 -1.99
CA PRO A 140 -3.50 -14.82 -2.41
C PRO A 140 -3.72 -13.37 -2.00
N GLU A 141 -3.51 -13.09 -0.72
CA GLU A 141 -3.68 -11.73 -0.19
C GLU A 141 -2.46 -11.34 0.65
N GLN A 142 -1.60 -10.49 0.06
CA GLN A 142 -0.40 -10.02 0.74
C GLN A 142 -0.11 -8.58 0.38
N ILE A 143 0.56 -7.87 1.28
CA ILE A 143 0.91 -6.47 1.06
C ILE A 143 2.42 -6.25 1.20
N MET A 144 2.91 -5.12 0.67
CA MET A 144 4.33 -4.80 0.73
C MET A 144 4.53 -3.31 0.96
N VAL A 145 5.70 -2.94 1.50
CA VAL A 145 6.02 -1.55 1.76
C VAL A 145 7.45 -1.21 1.33
N SER A 146 7.60 -0.08 0.64
CA SER A 146 8.91 0.35 0.16
C SER A 146 9.03 1.87 0.20
N LYS A 147 10.27 2.36 0.33
CA LYS A 147 10.54 3.79 0.40
C LYS A 147 11.28 4.28 -0.84
N CYS A 148 11.13 5.56 -1.15
CA CYS A 148 11.80 6.16 -2.30
C CYS A 148 13.20 6.63 -1.93
N PRO A 149 14.25 5.95 -2.43
CA PRO A 149 15.65 6.29 -2.14
C PRO A 149 16.10 7.58 -2.83
N THR A 1 5.30 -24.11 -1.64
CA THR A 1 4.53 -25.17 -0.94
C THR A 1 4.38 -26.41 -1.83
N PRO A 2 5.23 -27.44 -1.63
CA PRO A 2 5.19 -28.67 -2.42
C PRO A 2 3.81 -29.29 -2.48
N SER A 3 3.08 -29.00 -3.56
CA SER A 3 1.73 -29.52 -3.76
C SER A 3 1.26 -29.26 -5.19
N ALA A 4 1.37 -28.00 -5.63
CA ALA A 4 0.95 -27.62 -6.97
C ALA A 4 2.10 -27.03 -7.77
N SER A 5 2.88 -27.91 -8.42
CA SER A 5 4.03 -27.49 -9.23
C SER A 5 5.10 -26.81 -8.38
N GLY A 6 6.19 -27.55 -8.11
CA GLY A 6 7.28 -27.01 -7.31
C GLY A 6 8.37 -26.39 -8.17
N LEU A 7 7.97 -25.62 -9.18
CA LEU A 7 8.92 -24.97 -10.08
C LEU A 7 8.64 -23.46 -10.14
N THR A 8 9.70 -22.68 -10.37
CA THR A 8 9.58 -21.23 -10.46
C THR A 8 9.81 -20.75 -11.89
N LYS A 9 8.76 -20.74 -12.69
CA LYS A 9 8.84 -20.30 -14.08
C LYS A 9 8.68 -18.78 -14.19
N VAL A 10 9.70 -18.12 -14.73
CA VAL A 10 9.68 -16.66 -14.88
C VAL A 10 10.30 -16.24 -16.21
N ALA A 11 9.86 -15.09 -16.74
CA ALA A 11 10.37 -14.57 -18.00
C ALA A 11 11.73 -13.91 -17.82
N THR A 12 12.74 -14.45 -18.50
CA THR A 12 14.10 -13.91 -18.41
C THR A 12 14.36 -12.87 -19.51
N VAL A 13 14.75 -11.67 -19.09
CA VAL A 13 15.03 -10.56 -20.01
C VAL A 13 13.76 -10.07 -20.70
N SER A 14 13.58 -8.75 -20.70
CA SER A 14 12.39 -8.13 -21.32
C SER A 14 12.57 -8.02 -22.84
N ALA A 15 13.82 -7.91 -23.29
CA ALA A 15 14.13 -7.81 -24.72
C ALA A 15 13.59 -6.51 -25.30
N ALA A 16 14.43 -5.47 -25.29
CA ALA A 16 14.06 -4.16 -25.82
C ALA A 16 15.29 -3.24 -25.94
N SER A 17 15.40 -2.54 -27.07
CA SER A 17 16.51 -1.63 -27.31
C SER A 17 16.08 -0.19 -27.09
N SER A 18 16.37 0.34 -25.90
CA SER A 18 16.00 1.71 -25.57
C SER A 18 17.22 2.55 -25.19
N LEU A 19 17.37 3.71 -25.84
CA LEU A 19 18.50 4.60 -25.56
C LEU A 19 18.14 5.62 -24.48
N ILE A 20 16.86 5.99 -24.41
CA ILE A 20 16.40 6.96 -23.41
C ILE A 20 16.36 6.35 -22.01
N GLY A 21 16.83 7.12 -21.02
CA GLY A 21 16.84 6.64 -19.65
C GLY A 21 16.21 7.61 -18.68
N GLU A 22 15.49 7.09 -17.69
CA GLU A 22 14.81 7.92 -16.70
C GLU A 22 14.85 7.27 -15.32
N GLY A 23 15.10 8.09 -14.29
CA GLY A 23 15.15 7.58 -12.93
C GLY A 23 13.83 7.75 -12.19
N PHE A 24 12.72 7.64 -12.92
CA PHE A 24 11.39 7.78 -12.32
C PHE A 24 11.13 6.67 -11.30
N MET A 25 11.65 5.48 -11.59
CA MET A 25 11.48 4.32 -10.71
C MET A 25 12.13 4.57 -9.33
N ALA A 26 13.15 5.44 -9.31
CA ALA A 26 13.86 5.76 -8.07
C ALA A 26 12.97 6.54 -7.10
N GLN A 27 11.87 7.10 -7.60
CA GLN A 27 10.95 7.86 -6.76
C GLN A 27 9.91 6.95 -6.07
N CYS A 28 10.13 5.63 -6.13
CA CYS A 28 9.23 4.66 -5.51
C CYS A 28 7.85 4.68 -6.19
N ASP A 29 7.80 5.16 -7.44
CA ASP A 29 6.56 5.22 -8.19
C ASP A 29 6.42 4.00 -9.09
N ASN A 30 5.78 2.95 -8.58
CA ASN A 30 5.60 1.71 -9.33
C ASN A 30 4.31 1.76 -10.15
N PRO A 31 4.42 1.77 -11.49
CA PRO A 31 3.26 1.81 -12.36
C PRO A 31 2.69 0.41 -12.56
N THR A 32 1.64 0.13 -11.82
CA THR A 32 0.97 -1.16 -11.89
C THR A 32 -0.46 -0.99 -12.38
N ILE A 33 -0.69 -1.20 -13.67
CA ILE A 33 -2.03 -1.06 -14.21
C ILE A 33 -2.36 -2.20 -15.18
N GLU A 34 -3.15 -3.14 -14.66
CA GLU A 34 -3.62 -4.28 -15.45
C GLU A 34 -5.01 -4.67 -14.98
N GLY A 35 -6.03 -4.36 -15.77
CA GLY A 35 -7.39 -4.68 -15.36
C GLY A 35 -8.14 -3.46 -14.88
N ASP A 36 -9.00 -3.66 -13.90
CA ASP A 36 -9.80 -2.57 -13.35
C ASP A 36 -9.85 -2.63 -11.83
N GLY A 37 -9.14 -1.72 -11.17
CA GLY A 37 -9.13 -1.70 -9.71
C GLY A 37 -10.44 -1.18 -9.15
N PRO A 38 -10.48 -0.83 -7.85
CA PRO A 38 -11.70 -0.31 -7.20
C PRO A 38 -12.02 1.12 -7.62
N ILE A 39 -13.06 1.27 -8.44
CA ILE A 39 -13.47 2.60 -8.92
C ILE A 39 -14.49 3.24 -7.99
N GLY A 40 -14.52 4.57 -7.98
CA GLY A 40 -15.46 5.30 -7.15
C GLY A 40 -15.28 5.01 -5.67
N LYS A 41 -14.11 4.49 -5.29
CA LYS A 41 -13.83 4.18 -3.90
C LYS A 41 -12.50 4.75 -3.45
N THR A 42 -12.50 5.43 -2.30
CA THR A 42 -11.29 6.02 -1.74
C THR A 42 -10.94 5.37 -0.40
N LEU A 43 -9.64 5.17 -0.17
CA LEU A 43 -9.16 4.56 1.08
C LEU A 43 -8.65 5.64 2.02
N TYR A 44 -8.83 5.42 3.33
CA TYR A 44 -8.39 6.37 4.34
C TYR A 44 -7.48 5.68 5.37
N VAL A 45 -6.23 6.16 5.45
CA VAL A 45 -5.27 5.60 6.40
C VAL A 45 -4.95 6.58 7.53
N VAL A 46 -5.01 6.09 8.76
CA VAL A 46 -4.73 6.92 9.93
C VAL A 46 -4.00 6.12 11.01
N GLY A 47 -3.71 6.79 12.13
CA GLY A 47 -3.02 6.15 13.23
C GLY A 47 -2.19 7.13 14.03
N ASP A 48 -0.88 7.14 13.78
CA ASP A 48 0.02 8.06 14.46
C ASP A 48 1.42 8.01 13.87
N PHE A 49 1.85 9.14 13.31
CA PHE A 49 3.17 9.23 12.69
C PHE A 49 3.95 10.41 13.29
N ALA A 50 3.90 10.54 14.61
CA ALA A 50 4.58 11.63 15.32
C ALA A 50 3.86 12.96 15.10
N ASP A 51 3.92 13.46 13.88
CA ASP A 51 3.27 14.72 13.51
C ASP A 51 3.47 15.02 12.03
N ALA A 52 3.16 14.03 11.19
CA ALA A 52 3.32 14.17 9.75
C ALA A 52 2.34 13.28 8.98
N SER A 53 1.16 13.04 9.56
CA SER A 53 0.16 12.21 8.92
C SER A 53 -1.25 12.76 9.17
N TRP A 54 -2.23 11.87 9.37
CA TRP A 54 -3.61 12.27 9.61
C TRP A 54 -4.10 13.22 8.51
N LYS A 55 -3.62 13.00 7.28
CA LYS A 55 -4.01 13.82 6.14
C LYS A 55 -4.30 12.97 4.91
N GLN A 56 -5.49 13.14 4.34
CA GLN A 56 -5.88 12.38 3.14
C GLN A 56 -6.72 13.23 2.20
N LYS A 57 -6.05 14.14 1.50
CA LYS A 57 -6.73 15.04 0.55
C LYS A 57 -7.20 14.27 -0.70
N PRO A 58 -8.13 14.85 -1.48
CA PRO A 58 -8.66 14.22 -2.69
C PRO A 58 -7.58 13.96 -3.74
N HIS A 59 -6.57 14.85 -3.79
CA HIS A 59 -5.47 14.70 -4.74
C HIS A 59 -4.72 13.39 -4.54
N ARG A 60 -4.74 12.88 -3.30
CA ARG A 60 -4.06 11.62 -2.97
C ARG A 60 -5.01 10.68 -2.22
N ALA A 61 -6.32 10.90 -2.39
CA ALA A 61 -7.33 10.08 -1.74
C ALA A 61 -7.19 8.60 -2.13
N TYR A 62 -6.88 8.35 -3.41
CA TYR A 62 -6.73 6.98 -3.91
C TYR A 62 -6.18 6.96 -5.33
N ARG A 63 -5.28 6.03 -5.60
CA ARG A 63 -4.69 5.90 -6.94
C ARG A 63 -5.17 4.61 -7.60
N TYR A 64 -5.84 4.74 -8.74
CA TYR A 64 -6.37 3.60 -9.47
C TYR A 64 -5.28 2.80 -10.17
N VAL A 65 -5.13 1.54 -9.76
CA VAL A 65 -4.16 0.64 -10.35
C VAL A 65 -4.83 -0.70 -10.62
N GLY A 66 -4.96 -1.04 -11.91
CA GLY A 66 -5.63 -2.27 -12.34
C GLY A 66 -5.27 -3.50 -11.51
N GLU A 67 -6.06 -4.56 -11.70
CA GLU A 67 -5.85 -5.84 -11.00
C GLU A 67 -6.34 -5.79 -9.55
N ASN A 68 -7.31 -4.92 -9.27
CA ASN A 68 -7.86 -4.78 -7.92
C ASN A 68 -6.78 -4.32 -6.93
N THR A 69 -5.70 -3.73 -7.45
CA THR A 69 -4.61 -3.25 -6.62
C THR A 69 -4.84 -1.78 -6.25
N TYR A 70 -4.33 -1.37 -5.09
CA TYR A 70 -4.46 0.01 -4.65
C TYR A 70 -3.10 0.58 -4.26
N GLN A 71 -2.83 1.80 -4.73
CA GLN A 71 -1.56 2.46 -4.43
C GLN A 71 -1.80 3.89 -3.98
N ALA A 72 -1.09 4.32 -2.94
CA ALA A 72 -1.22 5.68 -2.43
C ALA A 72 0.08 6.19 -1.81
N VAL A 73 0.48 7.40 -2.18
CA VAL A 73 1.71 8.00 -1.65
C VAL A 73 1.46 8.60 -0.27
N VAL A 74 2.33 8.27 0.69
CA VAL A 74 2.18 8.77 2.06
C VAL A 74 3.48 9.40 2.57
N ASP A 75 3.34 10.49 3.33
CA ASP A 75 4.49 11.20 3.91
C ASP A 75 4.76 10.72 5.33
N GLU A 76 5.99 10.25 5.59
CA GLU A 76 6.35 9.77 6.92
C GLU A 76 7.46 10.61 7.55
N LYS A 77 7.63 10.47 8.86
CA LYS A 77 8.65 11.20 9.62
C LYS A 77 9.65 10.25 10.25
N ALA A 78 10.77 10.80 10.74
CA ALA A 78 11.81 10.00 11.38
C ALA A 78 11.33 9.43 12.71
N GLY A 79 11.25 8.10 12.77
CA GLY A 79 10.80 7.45 13.98
C GLY A 79 9.70 6.44 13.72
N ALA A 80 9.67 5.38 14.51
CA ALA A 80 8.66 4.32 14.36
C ALA A 80 7.26 4.88 14.55
N PHE A 81 6.32 4.45 13.70
CA PHE A 81 4.94 4.92 13.77
C PHE A 81 3.96 3.78 13.47
N ARG A 82 2.80 3.82 14.13
CA ARG A 82 1.77 2.81 13.94
C ARG A 82 0.58 3.40 13.18
N MET A 83 0.02 2.62 12.26
CA MET A 83 -1.11 3.07 11.46
C MET A 83 -1.98 1.91 10.98
N GLN A 84 -3.09 2.24 10.31
CA GLN A 84 -4.01 1.25 9.76
C GLN A 84 -4.86 1.86 8.65
N TYR A 85 -5.13 1.09 7.61
CA TYR A 85 -5.94 1.56 6.48
C TYR A 85 -7.39 1.11 6.62
N ALA A 86 -8.32 1.97 6.22
CA ALA A 86 -9.74 1.66 6.29
C ALA A 86 -10.56 2.59 5.40
N SER A 87 -11.35 2.00 4.50
CA SER A 87 -12.19 2.77 3.58
C SER A 87 -13.36 3.41 4.32
N LYS A 88 -14.19 4.16 3.59
CA LYS A 88 -15.36 4.82 4.18
C LYS A 88 -16.55 3.87 4.26
N ASP A 89 -16.84 3.19 3.15
CA ASP A 89 -17.97 2.25 3.09
C ASP A 89 -17.51 0.82 3.40
N TRP A 90 -16.72 0.67 4.46
CA TRP A 90 -16.21 -0.64 4.87
C TRP A 90 -15.68 -1.45 3.68
N SER A 91 -14.97 -0.76 2.79
CA SER A 91 -14.41 -1.39 1.60
C SER A 91 -13.03 -1.99 1.90
N PRO A 92 -12.47 -2.78 0.96
CA PRO A 92 -11.16 -3.42 1.12
C PRO A 92 -10.12 -2.50 1.77
N GLN A 93 -9.64 -2.90 2.94
CA GLN A 93 -8.66 -2.11 3.68
C GLN A 93 -7.40 -2.92 4.00
N PHE A 94 -6.47 -2.32 4.76
CA PHE A 94 -5.23 -2.99 5.14
C PHE A 94 -5.07 -3.03 6.66
N THR A 95 -4.71 -4.20 7.17
CA THR A 95 -4.50 -4.40 8.61
C THR A 95 -3.71 -5.69 8.87
N ALA A 96 -2.48 -5.52 9.37
CA ALA A 96 -1.61 -6.67 9.65
C ALA A 96 -1.59 -6.98 11.13
N ASP A 97 -2.14 -8.13 11.51
CA ASP A 97 -2.19 -8.56 12.90
C ASP A 97 -0.84 -9.12 13.36
N GLY A 98 -0.28 -8.52 14.42
CA GLY A 98 1.00 -8.97 14.96
C GLY A 98 2.03 -9.24 13.87
N LEU A 99 2.19 -8.28 12.96
CA LEU A 99 3.14 -8.43 11.86
C LEU A 99 4.36 -7.53 12.04
N GLU A 100 4.13 -6.23 12.25
CA GLU A 100 5.22 -5.27 12.42
C GLU A 100 6.06 -5.23 11.14
N LEU A 101 5.58 -4.47 10.17
CA LEU A 101 6.25 -4.35 8.87
C LEU A 101 7.56 -3.58 8.97
N THR A 102 8.51 -3.96 8.12
CA THR A 102 9.83 -3.34 8.08
C THR A 102 10.04 -2.68 6.70
N PRO A 103 10.74 -1.54 6.65
CA PRO A 103 11.00 -0.81 5.39
C PRO A 103 11.35 -1.75 4.23
N GLY A 104 10.44 -1.86 3.27
CA GLY A 104 10.65 -2.73 2.13
C GLY A 104 10.31 -4.18 2.43
N LYS A 105 9.29 -4.40 3.25
CA LYS A 105 8.87 -5.75 3.62
C LYS A 105 7.37 -5.92 3.46
N THR A 106 6.94 -7.17 3.29
CA THR A 106 5.53 -7.49 3.12
C THR A 106 4.86 -7.81 4.46
N ALA A 107 3.60 -7.41 4.58
CA ALA A 107 2.83 -7.64 5.80
C ALA A 107 1.54 -8.41 5.51
N SER A 108 1.12 -9.24 6.47
CA SER A 108 -0.10 -10.04 6.33
C SER A 108 -1.34 -9.15 6.36
N LEU A 109 -2.35 -9.54 5.59
CA LEU A 109 -3.61 -8.79 5.52
C LEU A 109 -4.80 -9.71 5.72
N LYS A 110 -5.74 -9.30 6.58
CA LYS A 110 -6.93 -10.09 6.87
C LYS A 110 -8.20 -9.26 6.72
N ARG A 111 -8.35 -8.26 7.60
CA ARG A 111 -9.52 -7.39 7.58
C ARG A 111 -9.35 -6.22 8.56
N GLY A 112 -9.82 -5.04 8.18
CA GLY A 112 -9.70 -3.87 9.02
C GLY A 112 -10.61 -3.92 10.24
N GLY A 113 -11.50 -2.93 10.34
CA GLY A 113 -12.42 -2.88 11.46
C GLY A 113 -11.69 -2.79 12.80
N TYR A 114 -10.67 -1.92 12.86
CA TYR A 114 -9.88 -1.74 14.07
C TYR A 114 -9.16 -3.02 14.46
N GLY A 115 -7.96 -3.22 13.90
CA GLY A 115 -7.18 -4.41 14.19
C GLY A 115 -5.88 -4.07 14.91
N GLN A 116 -4.80 -4.77 14.53
CA GLN A 116 -3.49 -4.53 15.13
C GLN A 116 -2.71 -3.48 14.34
N ASP A 117 -2.31 -2.41 15.03
CA ASP A 117 -1.57 -1.33 14.38
C ASP A 117 -0.20 -1.82 13.91
N THR A 118 0.07 -1.68 12.61
CA THR A 118 1.35 -2.11 12.05
C THR A 118 2.45 -1.11 12.38
N ALA A 119 3.42 -1.56 13.17
CA ALA A 119 4.53 -0.71 13.58
C ALA A 119 5.73 -0.91 12.66
N VAL A 120 6.20 0.19 12.06
CA VAL A 120 7.35 0.13 11.16
C VAL A 120 8.51 0.96 11.71
N THR A 121 9.69 0.37 11.72
CA THR A 121 10.89 1.05 12.23
C THR A 121 11.48 1.99 11.18
N LEU A 122 11.40 3.29 11.45
CA LEU A 122 11.93 4.30 10.54
C LEU A 122 12.91 5.23 11.28
N PRO A 123 14.22 5.10 11.00
CA PRO A 123 15.24 5.92 11.66
C PRO A 123 15.45 7.28 10.98
N GLU A 124 14.58 7.63 10.02
CA GLU A 124 14.69 8.90 9.31
C GLU A 124 13.43 9.21 8.51
N ALA A 125 13.14 10.50 8.34
CA ALA A 125 11.97 10.95 7.60
C ALA A 125 12.20 10.81 6.09
N GLY A 126 11.15 10.42 5.37
CA GLY A 126 11.26 10.26 3.93
C GLY A 126 9.94 9.86 3.28
N GLN A 127 9.86 10.01 1.96
CA GLN A 127 8.66 9.65 1.21
C GLN A 127 8.40 8.15 1.27
N TYR A 128 7.13 7.79 1.46
CA TYR A 128 6.74 6.38 1.52
C TYR A 128 5.65 6.07 0.51
N VAL A 129 5.63 4.83 0.03
CA VAL A 129 4.63 4.40 -0.94
C VAL A 129 3.87 3.17 -0.46
N TRP A 130 2.54 3.26 -0.47
CA TRP A 130 1.68 2.16 -0.03
C TRP A 130 1.09 1.42 -1.22
N SER A 131 1.49 0.17 -1.41
CA SER A 131 1.00 -0.64 -2.53
C SER A 131 0.62 -2.05 -2.06
N LEU A 132 -0.61 -2.46 -2.35
CA LEU A 132 -1.09 -3.79 -1.97
C LEU A 132 -2.09 -4.33 -2.99
N LYS A 133 -2.10 -5.66 -3.13
CA LYS A 133 -3.00 -6.32 -4.07
C LYS A 133 -4.08 -7.10 -3.33
N PHE A 134 -5.33 -6.95 -3.78
CA PHE A 134 -6.45 -7.65 -3.16
C PHE A 134 -7.07 -8.65 -4.11
N THR A 135 -7.54 -9.77 -3.54
CA THR A 135 -8.15 -10.84 -4.32
C THR A 135 -9.63 -10.55 -4.62
N ASP A 136 -10.18 -11.28 -5.58
CA ASP A 136 -11.59 -11.11 -5.97
C ASP A 136 -12.49 -12.06 -5.18
N SER A 137 -12.06 -13.32 -5.02
CA SER A 137 -12.85 -14.30 -4.29
C SER A 137 -12.90 -13.99 -2.80
N GLY A 138 -11.88 -13.29 -2.31
CA GLY A 138 -11.82 -12.92 -0.90
C GLY A 138 -10.99 -13.88 -0.07
N ASP A 139 -9.96 -14.47 -0.68
CA ASP A 139 -9.09 -15.40 0.04
C ASP A 139 -7.68 -14.82 0.24
N PRO A 140 -6.84 -14.77 -0.83
CA PRO A 140 -5.48 -14.24 -0.73
C PRO A 140 -5.41 -12.71 -0.70
N GLU A 141 -4.76 -12.16 0.34
CA GLU A 141 -4.62 -10.72 0.48
C GLU A 141 -3.25 -10.37 1.07
N GLN A 142 -2.41 -9.71 0.26
CA GLN A 142 -1.07 -9.32 0.68
C GLN A 142 -0.86 -7.81 0.54
N ILE A 143 -0.01 -7.27 1.40
CA ILE A 143 0.30 -5.83 1.39
C ILE A 143 1.75 -5.57 1.81
N MET A 144 2.44 -4.69 1.09
CA MET A 144 3.83 -4.35 1.41
C MET A 144 4.10 -2.88 1.11
N VAL A 145 5.05 -2.30 1.86
CA VAL A 145 5.40 -0.89 1.68
C VAL A 145 6.92 -0.69 1.70
N SER A 146 7.40 0.27 0.90
CA SER A 146 8.83 0.56 0.84
C SER A 146 9.09 2.07 0.92
N LYS A 147 10.29 2.43 1.37
CA LYS A 147 10.68 3.83 1.51
C LYS A 147 11.74 4.20 0.47
N CYS A 148 11.79 5.49 0.11
CA CYS A 148 12.75 5.98 -0.88
C CYS A 148 14.09 6.28 -0.22
N PRO A 149 15.20 6.11 -0.95
CA PRO A 149 16.55 6.37 -0.43
C PRO A 149 16.82 7.85 -0.21
N THR A 1 -10.62 -29.69 -4.06
CA THR A 1 -11.26 -30.48 -5.15
C THR A 1 -11.73 -29.57 -6.29
N PRO A 2 -10.86 -29.34 -7.29
CA PRO A 2 -11.18 -28.47 -8.44
C PRO A 2 -12.24 -29.09 -9.36
N SER A 3 -13.39 -28.45 -9.45
CA SER A 3 -14.48 -28.92 -10.29
C SER A 3 -15.59 -27.87 -10.43
N ALA A 4 -16.51 -28.10 -11.38
CA ALA A 4 -17.62 -27.18 -11.62
C ALA A 4 -17.13 -25.79 -12.02
N SER A 5 -16.65 -25.67 -13.26
CA SER A 5 -16.13 -24.40 -13.79
C SER A 5 -14.90 -23.94 -13.03
N GLY A 6 -13.71 -24.27 -13.56
CA GLY A 6 -12.47 -23.88 -12.92
C GLY A 6 -11.51 -23.18 -13.87
N LEU A 7 -11.16 -23.86 -14.96
CA LEU A 7 -10.24 -23.33 -15.97
C LEU A 7 -8.81 -23.26 -15.41
N THR A 8 -8.58 -22.30 -14.50
CA THR A 8 -7.26 -22.11 -13.86
C THR A 8 -6.11 -22.13 -14.88
N LYS A 9 -4.86 -22.11 -14.38
CA LYS A 9 -3.69 -22.12 -15.25
C LYS A 9 -2.87 -23.39 -15.09
N VAL A 10 -2.74 -24.14 -16.18
CA VAL A 10 -1.98 -25.40 -16.16
C VAL A 10 -1.19 -25.59 -17.45
N ALA A 11 -0.66 -24.50 -17.99
CA ALA A 11 0.12 -24.53 -19.22
C ALA A 11 1.41 -25.33 -19.05
N THR A 12 1.72 -26.16 -20.04
CA THR A 12 2.92 -27.00 -20.00
C THR A 12 4.07 -26.32 -20.75
N VAL A 13 5.25 -26.30 -20.12
CA VAL A 13 6.46 -25.70 -20.69
C VAL A 13 6.27 -24.19 -20.89
N SER A 14 6.65 -23.42 -19.88
CA SER A 14 6.53 -21.96 -19.93
C SER A 14 7.90 -21.30 -20.03
N ALA A 15 7.96 -20.13 -20.68
CA ALA A 15 9.21 -19.40 -20.85
C ALA A 15 9.29 -18.22 -19.88
N ALA A 16 10.36 -18.19 -19.09
CA ALA A 16 10.56 -17.11 -18.11
C ALA A 16 12.02 -16.64 -18.11
N SER A 17 12.24 -15.40 -18.53
CA SER A 17 13.59 -14.83 -18.58
C SER A 17 13.71 -13.64 -17.61
N SER A 18 14.83 -13.59 -16.90
CA SER A 18 15.09 -12.50 -15.95
C SER A 18 16.56 -12.46 -15.54
N LEU A 19 17.34 -11.67 -16.27
CA LEU A 19 18.77 -11.53 -16.00
C LEU A 19 19.12 -10.13 -15.47
N ILE A 20 18.23 -9.16 -15.72
CA ILE A 20 18.44 -7.79 -15.26
C ILE A 20 17.32 -7.34 -14.33
N GLY A 21 17.69 -6.58 -13.29
CA GLY A 21 16.71 -6.10 -12.33
C GLY A 21 16.83 -4.61 -12.09
N GLU A 22 15.67 -3.96 -11.89
CA GLU A 22 15.64 -2.53 -11.65
C GLU A 22 14.95 -2.22 -10.31
N GLY A 23 15.38 -1.14 -9.67
CA GLY A 23 14.80 -0.73 -8.40
C GLY A 23 13.59 0.17 -8.56
N PHE A 24 12.80 -0.07 -9.60
CA PHE A 24 11.59 0.73 -9.86
C PHE A 24 10.53 0.45 -8.80
N MET A 25 10.38 -0.82 -8.42
CA MET A 25 9.41 -1.23 -7.41
C MET A 25 9.73 -0.59 -6.05
N ALA A 26 11.01 -0.35 -5.81
CA ALA A 26 11.46 0.26 -4.56
C ALA A 26 11.50 1.80 -4.65
N GLN A 27 10.96 2.35 -5.74
CA GLN A 27 10.94 3.80 -5.93
C GLN A 27 9.53 4.36 -5.74
N CYS A 28 8.62 3.56 -5.16
CA CYS A 28 7.24 3.99 -4.91
C CYS A 28 6.54 4.36 -6.22
N ASP A 29 6.52 3.43 -7.18
CA ASP A 29 5.88 3.67 -8.46
C ASP A 29 5.50 2.38 -9.18
N ASN A 30 5.18 1.35 -8.41
CA ASN A 30 4.81 0.06 -8.97
C ASN A 30 3.35 0.08 -9.46
N PRO A 31 3.12 -0.01 -10.78
CA PRO A 31 1.79 0.00 -11.36
C PRO A 31 1.19 -1.38 -11.50
N THR A 32 0.33 -1.71 -10.55
CA THR A 32 -0.35 -3.00 -10.56
C THR A 32 -1.86 -2.79 -10.66
N ILE A 33 -2.39 -2.89 -11.88
CA ILE A 33 -3.82 -2.68 -12.08
C ILE A 33 -4.43 -3.77 -12.95
N GLU A 34 -5.12 -4.70 -12.28
CA GLU A 34 -5.83 -5.79 -12.95
C GLU A 34 -7.07 -6.15 -12.15
N GLY A 35 -8.24 -5.77 -12.65
CA GLY A 35 -9.48 -6.07 -11.94
C GLY A 35 -10.10 -4.85 -11.29
N ASP A 36 -10.64 -5.03 -10.07
CA ASP A 36 -11.29 -3.97 -9.32
C ASP A 36 -12.46 -3.39 -10.10
N GLY A 37 -12.18 -2.41 -10.95
CA GLY A 37 -13.21 -1.78 -11.76
C GLY A 37 -13.51 -0.36 -11.32
N PRO A 38 -14.13 -0.17 -10.13
CA PRO A 38 -14.50 1.16 -9.61
C PRO A 38 -13.30 2.12 -9.49
N ILE A 39 -13.03 2.85 -10.57
CA ILE A 39 -11.94 3.82 -10.60
C ILE A 39 -12.24 5.01 -9.69
N GLY A 40 -11.18 5.66 -9.19
CA GLY A 40 -11.35 6.80 -8.33
C GLY A 40 -11.75 6.42 -6.91
N LYS A 41 -11.15 5.34 -6.40
CA LYS A 41 -11.44 4.87 -5.05
C LYS A 41 -10.62 5.65 -4.01
N THR A 42 -11.29 6.12 -2.96
CA THR A 42 -10.63 6.88 -1.91
C THR A 42 -10.66 6.14 -0.58
N LEU A 43 -9.62 6.36 0.22
CA LEU A 43 -9.49 5.72 1.53
C LEU A 43 -9.02 6.74 2.58
N TYR A 44 -9.04 6.33 3.85
CA TYR A 44 -8.61 7.21 4.94
C TYR A 44 -7.54 6.53 5.79
N VAL A 45 -6.35 7.15 5.84
CA VAL A 45 -5.23 6.61 6.61
C VAL A 45 -4.92 7.51 7.82
N VAL A 46 -4.72 6.89 8.98
CA VAL A 46 -4.42 7.64 10.20
C VAL A 46 -3.22 7.04 10.93
N GLY A 47 -2.23 7.89 11.25
CA GLY A 47 -1.05 7.43 11.95
C GLY A 47 -1.09 7.76 13.43
N ASP A 48 -0.12 7.27 14.18
CA ASP A 48 -0.06 7.53 15.63
C ASP A 48 1.34 7.28 16.18
N PHE A 49 2.16 8.33 16.14
CA PHE A 49 3.54 8.30 16.63
C PHE A 49 4.29 9.53 16.12
N ALA A 50 4.75 9.45 14.88
CA ALA A 50 5.45 10.56 14.24
C ALA A 50 4.43 11.44 13.54
N ASP A 51 3.49 10.79 12.84
CA ASP A 51 2.43 11.49 12.15
C ASP A 51 1.07 11.07 12.72
N ALA A 52 0.83 11.49 13.97
CA ALA A 52 -0.43 11.18 14.64
C ALA A 52 -1.49 12.21 14.26
N SER A 53 -1.05 13.24 13.53
CA SER A 53 -1.94 14.31 13.07
C SER A 53 -3.19 13.75 12.37
N TRP A 54 -3.09 12.54 11.81
CA TRP A 54 -4.21 11.90 11.12
C TRP A 54 -4.57 12.66 9.85
N LYS A 55 -3.62 12.73 8.91
CA LYS A 55 -3.83 13.43 7.65
C LYS A 55 -4.27 12.47 6.55
N GLN A 56 -5.42 12.76 5.94
CA GLN A 56 -5.95 11.93 4.86
C GLN A 56 -6.04 12.72 3.56
N LYS A 57 -4.88 13.15 3.05
CA LYS A 57 -4.82 13.92 1.82
C LYS A 57 -5.36 13.10 0.64
N PRO A 58 -6.08 13.76 -0.30
CA PRO A 58 -6.65 13.07 -1.47
C PRO A 58 -5.56 12.51 -2.39
N HIS A 59 -4.59 13.34 -2.77
CA HIS A 59 -3.50 12.91 -3.63
C HIS A 59 -2.61 11.86 -2.94
N ARG A 60 -2.81 11.66 -1.63
CA ARG A 60 -2.03 10.69 -0.88
C ARG A 60 -2.76 9.34 -0.80
N ALA A 61 -4.09 9.37 -0.97
CA ALA A 61 -4.88 8.14 -0.92
C ALA A 61 -5.98 8.13 -2.00
N TYR A 62 -5.57 8.12 -3.26
CA TYR A 62 -6.51 8.13 -4.38
C TYR A 62 -6.07 7.17 -5.50
N ARG A 63 -5.22 6.19 -5.18
CA ARG A 63 -4.75 5.24 -6.17
C ARG A 63 -5.41 3.87 -6.00
N TYR A 64 -6.22 3.47 -6.98
CA TYR A 64 -6.89 2.18 -6.94
C TYR A 64 -6.15 1.17 -7.82
N VAL A 65 -5.68 0.09 -7.22
CA VAL A 65 -4.96 -0.93 -7.97
C VAL A 65 -5.78 -2.22 -8.04
N GLY A 66 -6.06 -2.65 -9.26
CA GLY A 66 -6.86 -3.86 -9.47
C GLY A 66 -6.38 -5.07 -8.70
N GLU A 67 -7.20 -6.12 -8.69
CA GLU A 67 -6.88 -7.38 -8.00
C GLU A 67 -7.12 -7.26 -6.49
N ASN A 68 -8.10 -6.43 -6.12
CA ASN A 68 -8.45 -6.20 -4.71
C ASN A 68 -7.28 -5.59 -3.93
N THR A 69 -6.35 -4.96 -4.65
CA THR A 69 -5.19 -4.33 -4.02
C THR A 69 -5.45 -2.85 -3.80
N TYR A 70 -4.75 -2.28 -2.82
CA TYR A 70 -4.89 -0.86 -2.51
C TYR A 70 -3.53 -0.18 -2.49
N GLN A 71 -3.43 0.98 -3.14
CA GLN A 71 -2.18 1.72 -3.19
C GLN A 71 -2.40 3.18 -2.82
N ALA A 72 -1.59 3.68 -1.89
CA ALA A 72 -1.69 5.06 -1.46
C ALA A 72 -0.34 5.61 -1.01
N VAL A 73 0.02 6.80 -1.51
CA VAL A 73 1.28 7.44 -1.15
C VAL A 73 1.13 8.19 0.17
N VAL A 74 1.99 7.88 1.13
CA VAL A 74 1.95 8.55 2.43
C VAL A 74 3.31 9.16 2.79
N ASP A 75 3.27 10.34 3.38
CA ASP A 75 4.48 11.04 3.78
C ASP A 75 4.54 11.20 5.30
N GLU A 76 5.62 10.70 5.91
CA GLU A 76 5.79 10.79 7.35
C GLU A 76 7.22 11.18 7.74
N LYS A 77 7.38 11.54 9.01
CA LYS A 77 8.68 11.95 9.54
C LYS A 77 9.50 10.74 10.00
N ALA A 78 10.76 11.00 10.38
CA ALA A 78 11.67 9.95 10.84
C ALA A 78 11.19 9.32 12.14
N GLY A 79 11.21 7.99 12.19
CA GLY A 79 10.79 7.28 13.38
C GLY A 79 9.66 6.32 13.10
N ALA A 80 9.63 5.21 13.83
CA ALA A 80 8.59 4.19 13.67
C ALA A 80 7.22 4.76 14.06
N PHE A 81 6.21 4.47 13.26
CA PHE A 81 4.85 4.94 13.52
C PHE A 81 3.81 3.90 13.17
N ARG A 82 2.71 3.90 13.93
CA ARG A 82 1.61 2.96 13.70
C ARG A 82 0.44 3.66 13.01
N MET A 83 -0.07 3.04 11.94
CA MET A 83 -1.19 3.62 11.20
C MET A 83 -2.25 2.58 10.85
N GLN A 84 -3.44 3.06 10.46
CA GLN A 84 -4.55 2.18 10.10
C GLN A 84 -5.32 2.75 8.91
N TYR A 85 -5.95 1.86 8.14
CA TYR A 85 -6.73 2.29 6.98
C TYR A 85 -8.21 1.91 7.13
N ALA A 86 -9.08 2.79 6.66
CA ALA A 86 -10.53 2.57 6.74
C ALA A 86 -11.27 3.47 5.76
N SER A 87 -12.23 2.89 5.03
CA SER A 87 -13.02 3.65 4.07
C SER A 87 -14.17 4.39 4.75
N LYS A 88 -14.61 5.48 4.15
CA LYS A 88 -15.71 6.28 4.69
C LYS A 88 -17.04 5.50 4.65
N ASP A 89 -17.19 4.61 3.67
CA ASP A 89 -18.41 3.81 3.53
C ASP A 89 -18.25 2.43 4.19
N TRP A 90 -17.42 2.37 5.24
CA TRP A 90 -17.19 1.11 5.97
C TRP A 90 -16.75 0.00 5.02
N SER A 91 -15.89 0.34 4.07
CA SER A 91 -15.38 -0.64 3.10
C SER A 91 -14.16 -1.37 3.68
N PRO A 92 -13.70 -2.45 3.01
CA PRO A 92 -12.53 -3.23 3.44
C PRO A 92 -11.41 -2.36 3.98
N GLN A 93 -10.96 -2.66 5.20
CA GLN A 93 -9.89 -1.89 5.85
C GLN A 93 -8.56 -2.66 5.83
N PHE A 94 -7.53 -2.06 6.44
CA PHE A 94 -6.21 -2.68 6.50
C PHE A 94 -5.69 -2.70 7.93
N THR A 95 -5.37 -3.91 8.42
CA THR A 95 -4.86 -4.09 9.78
C THR A 95 -3.95 -5.32 9.86
N ALA A 96 -2.76 -5.13 10.43
CA ALA A 96 -1.81 -6.23 10.59
C ALA A 96 -1.69 -6.64 12.05
N ASP A 97 -2.25 -7.82 12.37
CA ASP A 97 -2.23 -8.34 13.73
C ASP A 97 -0.81 -8.59 14.22
N GLY A 98 -0.25 -7.60 14.93
CA GLY A 98 1.10 -7.72 15.47
C GLY A 98 2.13 -8.09 14.43
N LEU A 99 2.61 -7.08 13.69
CA LEU A 99 3.62 -7.33 12.65
C LEU A 99 4.81 -6.37 12.80
N GLU A 100 4.64 -5.12 12.36
CA GLU A 100 5.70 -4.11 12.43
C GLU A 100 6.89 -4.51 11.54
N LEU A 101 7.13 -3.73 10.48
CA LEU A 101 8.23 -4.02 9.56
C LEU A 101 8.89 -2.75 9.02
N THR A 102 10.19 -2.86 8.72
CA THR A 102 10.98 -1.74 8.20
C THR A 102 10.70 -1.53 6.70
N PRO A 103 10.72 -0.27 6.22
CA PRO A 103 10.47 0.04 4.80
C PRO A 103 11.18 -0.92 3.85
N GLY A 104 10.44 -1.45 2.89
CA GLY A 104 11.00 -2.40 1.95
C GLY A 104 10.96 -3.84 2.48
N LYS A 105 10.01 -4.11 3.37
CA LYS A 105 9.85 -5.44 3.96
C LYS A 105 8.41 -5.90 3.91
N THR A 106 8.22 -7.21 3.86
CA THR A 106 6.89 -7.81 3.80
C THR A 106 6.22 -7.82 5.17
N ALA A 107 4.90 -7.65 5.17
CA ALA A 107 4.11 -7.64 6.41
C ALA A 107 2.92 -8.59 6.31
N SER A 108 2.73 -9.41 7.35
CA SER A 108 1.61 -10.36 7.37
C SER A 108 0.28 -9.64 7.52
N LEU A 109 -0.66 -9.95 6.62
CA LEU A 109 -1.99 -9.34 6.65
C LEU A 109 -3.04 -10.35 7.13
N LYS A 110 -3.96 -9.88 7.97
CA LYS A 110 -5.01 -10.74 8.50
C LYS A 110 -6.39 -10.32 7.98
N ARG A 111 -6.79 -9.09 8.27
CA ARG A 111 -8.08 -8.58 7.83
C ARG A 111 -8.16 -7.06 8.05
N GLY A 112 -9.34 -6.48 7.76
CA GLY A 112 -9.53 -5.07 7.93
C GLY A 112 -10.71 -4.74 8.83
N GLY A 113 -10.41 -4.16 9.99
CA GLY A 113 -11.46 -3.81 10.94
C GLY A 113 -10.94 -3.03 12.13
N TYR A 114 -10.92 -3.69 13.29
CA TYR A 114 -10.43 -3.07 14.52
C TYR A 114 -9.35 -3.92 15.19
N GLY A 115 -8.37 -4.35 14.39
CA GLY A 115 -7.29 -5.17 14.93
C GLY A 115 -6.13 -4.34 15.44
N GLN A 116 -4.91 -4.75 15.09
CA GLN A 116 -3.71 -4.03 15.52
C GLN A 116 -3.18 -3.14 14.39
N ASP A 117 -2.79 -1.92 14.75
CA ASP A 117 -2.27 -0.96 13.77
C ASP A 117 -0.85 -1.35 13.34
N THR A 118 -0.63 -1.37 12.03
CA THR A 118 0.69 -1.72 11.49
C THR A 118 1.67 -0.57 11.65
N ALA A 119 2.91 -0.89 11.97
CA ALA A 119 3.95 0.12 12.16
C ALA A 119 5.15 -0.15 11.26
N VAL A 120 5.75 0.92 10.76
CA VAL A 120 6.92 0.79 9.90
C VAL A 120 8.14 1.44 10.55
N THR A 121 9.21 0.66 10.69
CA THR A 121 10.43 1.15 11.31
C THR A 121 11.19 2.07 10.35
N LEU A 122 10.93 3.37 10.46
CA LEU A 122 11.58 4.36 9.61
C LEU A 122 12.64 5.14 10.39
N PRO A 123 13.92 4.96 10.03
CA PRO A 123 15.03 5.65 10.70
C PRO A 123 15.28 7.06 10.11
N GLU A 124 14.37 7.51 9.24
CA GLU A 124 14.50 8.82 8.60
C GLU A 124 13.20 9.21 7.92
N ALA A 125 12.95 10.52 7.84
CA ALA A 125 11.75 11.05 7.19
C ALA A 125 11.81 10.84 5.68
N GLY A 126 10.70 10.38 5.09
CA GLY A 126 10.66 10.16 3.65
C GLY A 126 9.31 9.68 3.16
N GLN A 127 9.15 9.66 1.83
CA GLN A 127 7.90 9.22 1.22
C GLN A 127 7.87 7.70 1.06
N TYR A 128 6.75 7.10 1.48
CA TYR A 128 6.58 5.65 1.38
C TYR A 128 5.20 5.32 0.83
N VAL A 129 5.10 4.20 0.11
CA VAL A 129 3.83 3.77 -0.48
C VAL A 129 3.34 2.47 0.14
N TRP A 130 2.08 2.44 0.55
CA TRP A 130 1.48 1.25 1.15
C TRP A 130 0.87 0.36 0.07
N SER A 131 1.43 -0.83 -0.08
CA SER A 131 0.96 -1.79 -1.08
C SER A 131 0.37 -3.02 -0.41
N LEU A 132 -0.79 -3.45 -0.90
CA LEU A 132 -1.47 -4.63 -0.38
C LEU A 132 -1.94 -5.52 -1.53
N LYS A 133 -1.73 -6.82 -1.41
CA LYS A 133 -2.14 -7.75 -2.48
C LYS A 133 -2.52 -9.12 -1.91
N PHE A 134 -3.76 -9.54 -2.19
CA PHE A 134 -4.24 -10.84 -1.73
C PHE A 134 -5.11 -11.50 -2.80
N THR A 135 -5.04 -12.83 -2.87
CA THR A 135 -5.81 -13.59 -3.84
C THR A 135 -7.28 -13.67 -3.43
N ASP A 136 -8.13 -14.15 -4.35
CA ASP A 136 -9.55 -14.30 -4.09
C ASP A 136 -9.86 -15.60 -3.34
N SER A 137 -8.84 -16.41 -3.06
CA SER A 137 -9.02 -17.66 -2.34
C SER A 137 -9.47 -17.42 -0.91
N GLY A 138 -9.11 -16.27 -0.35
CA GLY A 138 -9.50 -15.93 1.02
C GLY A 138 -8.38 -16.18 2.02
N ASP A 139 -7.37 -16.96 1.63
CA ASP A 139 -6.25 -17.26 2.52
C ASP A 139 -5.01 -16.43 2.18
N PRO A 140 -4.51 -16.53 0.93
CA PRO A 140 -3.32 -15.78 0.49
C PRO A 140 -3.49 -14.26 0.64
N GLU A 141 -3.03 -13.74 1.78
CA GLU A 141 -3.12 -12.31 2.07
C GLU A 141 -1.78 -11.77 2.54
N GLN A 142 -1.10 -11.04 1.66
CA GLN A 142 0.21 -10.47 2.00
C GLN A 142 0.29 -9.00 1.59
N ILE A 143 0.89 -8.18 2.47
CA ILE A 143 1.03 -6.75 2.20
C ILE A 143 2.41 -6.25 2.61
N MET A 144 2.98 -5.34 1.82
CA MET A 144 4.31 -4.80 2.12
C MET A 144 4.37 -3.29 1.84
N VAL A 145 5.31 -2.62 2.50
CA VAL A 145 5.49 -1.19 2.33
C VAL A 145 6.92 -0.87 1.89
N SER A 146 7.05 0.08 0.97
CA SER A 146 8.36 0.47 0.45
C SER A 146 8.55 1.98 0.53
N LYS A 147 9.73 2.40 0.98
CA LYS A 147 10.05 3.81 1.11
C LYS A 147 11.16 4.21 0.13
N CYS A 148 10.96 5.35 -0.54
CA CYS A 148 11.95 5.85 -1.51
C CYS A 148 12.51 7.19 -1.06
N PRO A 149 13.80 7.23 -0.65
CA PRO A 149 14.45 8.46 -0.20
C PRO A 149 14.73 9.43 -1.35
N THR A 1 -17.79 -32.38 -23.78
CA THR A 1 -17.46 -31.12 -23.06
C THR A 1 -16.69 -31.41 -21.76
N PRO A 2 -15.72 -30.54 -21.41
CA PRO A 2 -14.91 -30.71 -20.19
C PRO A 2 -15.70 -30.37 -18.92
N SER A 3 -15.16 -30.78 -17.78
CA SER A 3 -15.80 -30.52 -16.49
C SER A 3 -14.94 -29.61 -15.62
N ALA A 4 -15.51 -28.48 -15.19
CA ALA A 4 -14.80 -27.53 -14.36
C ALA A 4 -14.54 -28.10 -12.96
N SER A 5 -13.32 -27.91 -12.46
CA SER A 5 -12.95 -28.40 -11.14
C SER A 5 -12.35 -27.28 -10.29
N GLY A 6 -12.91 -26.07 -10.42
CA GLY A 6 -12.42 -24.93 -9.65
C GLY A 6 -10.98 -24.59 -9.96
N LEU A 7 -10.54 -24.90 -11.18
CA LEU A 7 -9.17 -24.62 -11.60
C LEU A 7 -9.09 -24.45 -13.12
N THR A 8 -9.42 -23.25 -13.59
CA THR A 8 -9.39 -22.96 -15.03
C THR A 8 -8.60 -21.68 -15.30
N LYS A 9 -9.11 -20.54 -14.81
CA LYS A 9 -8.45 -19.26 -15.01
C LYS A 9 -8.00 -18.68 -13.67
N VAL A 10 -6.69 -18.67 -13.43
CA VAL A 10 -6.14 -18.13 -12.18
C VAL A 10 -4.76 -17.51 -12.42
N ALA A 11 -3.79 -18.34 -12.79
CA ALA A 11 -2.42 -17.88 -13.04
C ALA A 11 -2.30 -17.29 -14.44
N THR A 12 -2.02 -16.00 -14.51
CA THR A 12 -1.87 -15.30 -15.80
C THR A 12 -0.41 -15.30 -16.24
N VAL A 13 -0.16 -15.85 -17.42
CA VAL A 13 1.21 -15.91 -17.96
C VAL A 13 1.28 -15.28 -19.35
N SER A 14 2.13 -14.28 -19.50
CA SER A 14 2.30 -13.58 -20.78
C SER A 14 3.70 -12.99 -20.91
N ALA A 15 4.45 -13.45 -21.92
CA ALA A 15 5.81 -12.97 -22.15
C ALA A 15 5.90 -12.20 -23.47
N ALA A 16 5.80 -10.87 -23.38
CA ALA A 16 5.87 -10.02 -24.57
C ALA A 16 6.29 -8.60 -24.21
N SER A 17 7.58 -8.30 -24.36
CA SER A 17 8.11 -6.97 -24.05
C SER A 17 9.25 -6.61 -24.98
N SER A 18 9.20 -5.40 -25.54
CA SER A 18 10.23 -4.92 -26.45
C SER A 18 10.78 -3.57 -26.00
N LEU A 19 12.10 -3.51 -25.80
CA LEU A 19 12.77 -2.28 -25.38
C LEU A 19 12.26 -1.82 -24.01
N ILE A 20 12.91 -2.30 -22.95
CA ILE A 20 12.52 -1.95 -21.58
C ILE A 20 13.73 -1.61 -20.72
N GLY A 21 13.58 -0.57 -19.89
CA GLY A 21 14.68 -0.16 -19.02
C GLY A 21 14.23 0.05 -17.59
N GLU A 22 15.11 -0.29 -16.65
CA GLU A 22 14.81 -0.14 -15.22
C GLU A 22 15.64 0.98 -14.61
N GLY A 23 15.00 1.77 -13.74
CA GLY A 23 15.68 2.87 -13.10
C GLY A 23 15.43 2.94 -11.60
N PHE A 24 16.39 3.51 -10.86
CA PHE A 24 16.28 3.65 -9.41
C PHE A 24 15.13 4.59 -9.02
N MET A 25 14.98 5.68 -9.79
CA MET A 25 13.91 6.66 -9.53
C MET A 25 12.53 6.03 -9.71
N ALA A 26 12.46 5.00 -10.56
CA ALA A 26 11.19 4.30 -10.81
C ALA A 26 10.70 3.53 -9.58
N GLN A 27 11.56 3.40 -8.57
CA GLN A 27 11.19 2.68 -7.34
C GLN A 27 10.37 3.59 -6.42
N CYS A 28 10.62 4.90 -6.48
CA CYS A 28 9.89 5.87 -5.66
C CYS A 28 8.40 5.85 -6.02
N ASP A 29 8.12 5.69 -7.31
CA ASP A 29 6.74 5.65 -7.81
C ASP A 29 6.62 4.68 -8.98
N ASN A 30 6.07 3.49 -8.72
CA ASN A 30 5.90 2.48 -9.75
C ASN A 30 4.81 2.89 -10.73
N PRO A 31 5.03 2.70 -12.05
CA PRO A 31 4.07 3.06 -13.08
C PRO A 31 2.70 2.44 -12.83
N THR A 32 1.70 3.29 -12.61
CA THR A 32 0.35 2.83 -12.36
C THR A 32 -0.57 3.08 -13.55
N ILE A 33 -0.74 2.04 -14.36
CA ILE A 33 -1.59 2.10 -15.54
C ILE A 33 -3.00 1.62 -15.21
N GLU A 34 -3.95 1.99 -16.04
CA GLU A 34 -5.33 1.60 -15.81
C GLU A 34 -5.49 0.08 -15.88
N GLY A 35 -5.68 -0.54 -14.71
CA GLY A 35 -5.85 -1.98 -14.64
C GLY A 35 -7.29 -2.37 -14.33
N ASP A 36 -7.47 -3.06 -13.21
CA ASP A 36 -8.80 -3.48 -12.79
C ASP A 36 -9.22 -2.76 -11.50
N GLY A 37 -8.71 -1.54 -11.30
CA GLY A 37 -9.05 -0.77 -10.12
C GLY A 37 -10.54 -0.43 -10.06
N PRO A 38 -11.25 -0.92 -9.03
CA PRO A 38 -12.69 -0.66 -8.87
C PRO A 38 -13.00 0.84 -8.85
N ILE A 39 -13.70 1.31 -9.88
CA ILE A 39 -14.07 2.71 -10.00
C ILE A 39 -15.12 3.08 -8.96
N GLY A 40 -15.15 4.36 -8.58
CA GLY A 40 -16.13 4.83 -7.60
C GLY A 40 -15.76 4.39 -6.19
N LYS A 41 -14.49 4.11 -5.96
CA LYS A 41 -14.03 3.68 -4.63
C LYS A 41 -12.84 4.53 -4.16
N THR A 42 -12.93 5.00 -2.92
CA THR A 42 -11.86 5.82 -2.32
C THR A 42 -11.23 5.09 -1.14
N LEU A 43 -9.90 5.22 -1.03
CA LEU A 43 -9.16 4.58 0.06
C LEU A 43 -8.73 5.62 1.09
N TYR A 44 -9.12 5.42 2.34
CA TYR A 44 -8.78 6.37 3.40
C TYR A 44 -7.51 5.92 4.13
N VAL A 45 -6.58 6.86 4.29
CA VAL A 45 -5.31 6.59 4.96
C VAL A 45 -5.21 7.34 6.28
N VAL A 46 -4.80 6.63 7.34
CA VAL A 46 -4.66 7.23 8.67
C VAL A 46 -3.38 6.75 9.34
N GLY A 47 -2.93 7.49 10.36
CA GLY A 47 -1.74 7.13 11.07
C GLY A 47 -1.98 7.01 12.56
N ASP A 48 -0.90 7.11 13.34
CA ASP A 48 -1.00 7.02 14.79
C ASP A 48 0.38 6.98 15.44
N PHE A 49 0.54 7.75 16.51
CA PHE A 49 1.80 7.82 17.25
C PHE A 49 2.87 8.57 16.48
N ALA A 50 3.51 9.53 17.15
CA ALA A 50 4.57 10.33 16.54
C ALA A 50 4.07 11.19 15.37
N ASP A 51 2.74 11.26 15.19
CA ASP A 51 2.14 12.03 14.10
C ASP A 51 2.94 11.88 12.81
N ALA A 52 2.97 10.66 12.27
CA ALA A 52 3.70 10.40 11.04
C ALA A 52 2.79 10.56 9.82
N SER A 53 1.54 10.13 9.98
CA SER A 53 0.57 10.24 8.89
C SER A 53 -0.67 11.05 9.33
N TRP A 54 -1.77 10.35 9.66
CA TRP A 54 -3.01 11.00 10.08
C TRP A 54 -3.39 12.11 9.10
N LYS A 55 -3.03 11.92 7.82
CA LYS A 55 -3.34 12.90 6.78
C LYS A 55 -3.92 12.21 5.56
N GLN A 56 -5.18 12.54 5.23
CA GLN A 56 -5.85 11.93 4.10
C GLN A 56 -6.13 12.98 3.01
N LYS A 57 -5.33 12.94 1.95
CA LYS A 57 -5.47 13.87 0.84
C LYS A 57 -6.26 13.23 -0.31
N PRO A 58 -7.44 13.78 -0.63
CA PRO A 58 -8.30 13.26 -1.72
C PRO A 58 -7.56 13.16 -3.06
N HIS A 59 -6.63 14.09 -3.29
CA HIS A 59 -5.85 14.11 -4.53
C HIS A 59 -5.06 12.80 -4.71
N ARG A 60 -4.71 12.16 -3.60
CA ARG A 60 -3.97 10.89 -3.64
C ARG A 60 -4.62 9.83 -2.76
N ALA A 61 -5.92 10.02 -2.47
CA ALA A 61 -6.67 9.07 -1.64
C ALA A 61 -6.75 7.70 -2.31
N TYR A 62 -6.78 7.69 -3.65
CA TYR A 62 -6.87 6.44 -4.39
C TYR A 62 -6.21 6.57 -5.76
N ARG A 63 -5.21 5.72 -6.01
CA ARG A 63 -4.50 5.72 -7.28
C ARG A 63 -4.68 4.38 -7.99
N TYR A 64 -5.25 4.43 -9.19
CA TYR A 64 -5.50 3.22 -9.97
C TYR A 64 -4.20 2.51 -10.31
N VAL A 65 -4.06 1.28 -9.83
CA VAL A 65 -2.87 0.48 -10.11
C VAL A 65 -3.23 -0.59 -11.14
N GLY A 66 -2.51 -0.60 -12.25
CA GLY A 66 -2.79 -1.56 -13.31
C GLY A 66 -2.48 -2.98 -12.88
N GLU A 67 -3.38 -3.54 -12.07
CA GLU A 67 -3.22 -4.91 -11.55
C GLU A 67 -4.21 -5.21 -10.41
N ASN A 68 -5.39 -4.56 -10.43
CA ASN A 68 -6.39 -4.76 -9.38
C ASN A 68 -5.83 -4.33 -8.01
N THR A 69 -4.85 -3.44 -8.02
CA THR A 69 -4.21 -2.96 -6.81
C THR A 69 -4.50 -1.48 -6.57
N TYR A 70 -4.41 -1.05 -5.30
CA TYR A 70 -4.64 0.34 -4.93
C TYR A 70 -3.46 0.87 -4.11
N GLN A 71 -2.99 2.07 -4.45
CA GLN A 71 -1.86 2.66 -3.74
C GLN A 71 -2.02 4.18 -3.58
N ALA A 72 -1.32 4.74 -2.59
CA ALA A 72 -1.36 6.17 -2.32
C ALA A 72 -0.05 6.66 -1.70
N VAL A 73 0.49 7.76 -2.24
CA VAL A 73 1.73 8.33 -1.73
C VAL A 73 1.50 9.04 -0.40
N VAL A 74 2.28 8.67 0.61
CA VAL A 74 2.15 9.25 1.95
C VAL A 74 3.49 9.74 2.51
N ASP A 75 3.45 10.85 3.24
CA ASP A 75 4.65 11.40 3.86
C ASP A 75 4.68 11.06 5.35
N GLU A 76 5.86 10.67 5.85
CA GLU A 76 6.01 10.30 7.25
C GLU A 76 7.22 10.98 7.90
N LYS A 77 7.27 10.93 9.24
CA LYS A 77 8.35 11.54 10.00
C LYS A 77 9.39 10.50 10.42
N ALA A 78 10.51 10.97 10.97
CA ALA A 78 11.59 10.09 11.41
C ALA A 78 11.25 9.41 12.74
N GLY A 79 11.22 8.08 12.72
CA GLY A 79 10.91 7.32 13.92
C GLY A 79 9.84 6.28 13.69
N ALA A 80 9.87 5.21 14.48
CA ALA A 80 8.90 4.13 14.37
C ALA A 80 7.49 4.59 14.70
N PHE A 81 6.55 4.36 13.79
CA PHE A 81 5.16 4.76 13.99
C PHE A 81 4.19 3.71 13.46
N ARG A 82 3.01 3.67 14.06
CA ARG A 82 1.96 2.74 13.65
C ARG A 82 0.90 3.48 12.83
N MET A 83 0.25 2.80 11.89
CA MET A 83 -0.76 3.45 11.06
C MET A 83 -1.99 2.57 10.84
N GLN A 84 -3.17 3.19 10.93
CA GLN A 84 -4.44 2.51 10.72
C GLN A 84 -5.09 3.03 9.44
N TYR A 85 -5.82 2.17 8.74
CA TYR A 85 -6.47 2.56 7.48
C TYR A 85 -7.96 2.24 7.47
N ALA A 86 -8.67 2.93 6.58
CA ALA A 86 -10.11 2.74 6.43
C ALA A 86 -10.46 2.31 5.00
N SER A 87 -11.58 1.61 4.85
CA SER A 87 -12.02 1.13 3.55
C SER A 87 -13.13 2.03 2.99
N LYS A 88 -13.53 1.77 1.74
CA LYS A 88 -14.58 2.55 1.08
C LYS A 88 -15.98 2.17 1.58
N ASP A 89 -16.07 1.08 2.36
CA ASP A 89 -17.35 0.63 2.90
C ASP A 89 -17.65 1.30 4.24
N TRP A 90 -17.18 2.55 4.39
CA TRP A 90 -17.39 3.32 5.62
C TRP A 90 -16.78 2.64 6.85
N SER A 91 -15.86 1.69 6.63
CA SER A 91 -15.21 1.00 7.72
C SER A 91 -13.85 1.62 8.00
N PRO A 92 -13.66 2.19 9.21
CA PRO A 92 -12.41 2.85 9.59
C PRO A 92 -11.48 1.97 10.40
N GLN A 93 -11.03 0.84 9.83
CA GLN A 93 -10.13 -0.06 10.55
C GLN A 93 -9.32 -0.96 9.63
N PHE A 94 -7.99 -0.89 9.79
CA PHE A 94 -7.05 -1.72 9.04
C PHE A 94 -5.92 -2.13 9.98
N THR A 95 -5.66 -3.44 10.07
CA THR A 95 -4.61 -3.93 10.96
C THR A 95 -4.11 -5.31 10.52
N ALA A 96 -2.95 -5.69 11.04
CA ALA A 96 -2.35 -6.99 10.73
C ALA A 96 -1.88 -7.69 12.01
N ASP A 97 -2.71 -8.60 12.51
CA ASP A 97 -2.41 -9.34 13.73
C ASP A 97 -1.01 -9.96 13.67
N GLY A 98 -0.10 -9.43 14.49
CA GLY A 98 1.27 -9.93 14.52
C GLY A 98 1.94 -9.84 13.16
N LEU A 99 2.38 -8.64 12.79
CA LEU A 99 3.02 -8.43 11.50
C LEU A 99 4.29 -7.57 11.62
N GLU A 100 4.09 -6.29 11.96
CA GLU A 100 5.21 -5.34 12.08
C GLU A 100 5.76 -5.02 10.70
N LEU A 101 5.11 -4.09 10.02
CA LEU A 101 5.50 -3.66 8.67
C LEU A 101 6.93 -3.11 8.65
N THR A 102 7.64 -3.36 7.57
CA THR A 102 9.02 -2.89 7.42
C THR A 102 9.26 -2.30 6.03
N PRO A 103 10.19 -1.33 5.91
CA PRO A 103 10.51 -0.68 4.63
C PRO A 103 10.82 -1.69 3.53
N GLY A 104 10.01 -1.67 2.46
CA GLY A 104 10.21 -2.58 1.35
C GLY A 104 9.85 -4.01 1.73
N LYS A 105 8.84 -4.18 2.58
CA LYS A 105 8.41 -5.51 3.02
C LYS A 105 6.89 -5.65 2.90
N THR A 106 6.45 -6.86 2.55
CA THR A 106 5.01 -7.14 2.41
C THR A 106 4.33 -7.21 3.78
N ALA A 107 3.09 -6.71 3.83
CA ALA A 107 2.32 -6.70 5.07
C ALA A 107 1.03 -7.49 4.92
N SER A 108 0.71 -8.29 5.94
CA SER A 108 -0.51 -9.11 5.92
C SER A 108 -1.74 -8.24 6.11
N LEU A 109 -2.80 -8.53 5.35
CA LEU A 109 -4.04 -7.77 5.45
C LEU A 109 -5.19 -8.67 5.91
N LYS A 110 -5.54 -8.57 7.19
CA LYS A 110 -6.60 -9.37 7.76
C LYS A 110 -7.97 -8.75 7.48
N ARG A 111 -8.26 -7.62 8.13
CA ARG A 111 -9.52 -6.91 7.94
C ARG A 111 -9.58 -5.65 8.81
N GLY A 112 -9.57 -5.84 10.14
CA GLY A 112 -9.63 -4.71 11.05
C GLY A 112 -10.32 -5.05 12.35
N GLY A 113 -11.27 -4.20 12.76
CA GLY A 113 -11.99 -4.43 14.00
C GLY A 113 -11.11 -4.36 15.22
N TYR A 114 -10.30 -3.29 15.31
CA TYR A 114 -9.39 -3.10 16.43
C TYR A 114 -8.40 -4.26 16.55
N GLY A 115 -7.53 -4.39 15.54
CA GLY A 115 -6.53 -5.44 15.54
C GLY A 115 -5.15 -4.93 15.89
N GLN A 116 -4.13 -5.40 15.17
CA GLN A 116 -2.75 -4.97 15.42
C GLN A 116 -2.30 -3.96 14.37
N ASP A 117 -2.06 -2.72 14.81
CA ASP A 117 -1.62 -1.64 13.91
C ASP A 117 -0.24 -1.95 13.34
N THR A 118 -0.02 -1.54 12.08
CA THR A 118 1.25 -1.77 11.41
C THR A 118 2.24 -0.65 11.71
N ALA A 119 3.37 -1.03 12.31
CA ALA A 119 4.42 -0.07 12.64
C ALA A 119 5.64 -0.29 11.77
N VAL A 120 6.25 0.80 11.30
CA VAL A 120 7.44 0.72 10.46
C VAL A 120 8.64 1.37 11.14
N THR A 121 9.73 0.61 11.25
CA THR A 121 10.95 1.09 11.88
C THR A 121 11.76 1.96 10.92
N LEU A 122 11.57 3.28 11.01
CA LEU A 122 12.27 4.23 10.17
C LEU A 122 13.01 5.26 11.02
N PRO A 123 14.35 5.25 10.99
CA PRO A 123 15.17 6.19 11.77
C PRO A 123 15.32 7.57 11.10
N GLU A 124 14.56 7.80 10.03
CA GLU A 124 14.64 9.08 9.30
C GLU A 124 13.34 9.36 8.55
N ALA A 125 13.05 10.65 8.37
CA ALA A 125 11.85 11.09 7.67
C ALA A 125 12.07 11.12 6.16
N GLY A 126 11.03 10.76 5.41
CA GLY A 126 11.12 10.77 3.96
C GLY A 126 9.81 10.36 3.29
N GLN A 127 9.75 10.50 1.97
CA GLN A 127 8.56 10.14 1.21
C GLN A 127 8.30 8.64 1.27
N TYR A 128 7.03 8.26 1.41
CA TYR A 128 6.64 6.85 1.48
C TYR A 128 5.48 6.56 0.52
N VAL A 129 5.51 5.38 -0.09
CA VAL A 129 4.45 4.99 -1.01
C VAL A 129 3.71 3.76 -0.48
N TRP A 130 2.41 3.90 -0.28
CA TRP A 130 1.59 2.82 0.24
C TRP A 130 0.85 2.08 -0.88
N SER A 131 1.16 0.80 -1.04
CA SER A 131 0.52 -0.02 -2.06
C SER A 131 -0.07 -1.29 -1.43
N LEU A 132 -1.23 -1.72 -1.92
CA LEU A 132 -1.90 -2.91 -1.39
C LEU A 132 -2.39 -3.82 -2.52
N LYS A 133 -2.30 -5.13 -2.29
CA LYS A 133 -2.71 -6.11 -3.29
C LYS A 133 -3.95 -6.87 -2.82
N PHE A 134 -5.03 -6.78 -3.58
CA PHE A 134 -6.28 -7.46 -3.25
C PHE A 134 -6.60 -8.54 -4.28
N THR A 135 -7.18 -9.64 -3.82
CA THR A 135 -7.54 -10.75 -4.70
C THR A 135 -8.94 -10.54 -5.30
N ASP A 136 -9.38 -11.51 -6.10
CA ASP A 136 -10.69 -11.44 -6.75
C ASP A 136 -11.77 -12.11 -5.91
N SER A 137 -11.43 -13.26 -5.31
CA SER A 137 -12.37 -14.00 -4.47
C SER A 137 -12.72 -13.23 -3.20
N GLY A 138 -11.85 -12.31 -2.80
CA GLY A 138 -12.09 -11.52 -1.59
C GLY A 138 -11.60 -12.22 -0.33
N ASP A 139 -10.74 -13.22 -0.48
CA ASP A 139 -10.20 -13.95 0.68
C ASP A 139 -8.77 -13.50 0.98
N PRO A 140 -7.77 -13.91 0.16
CA PRO A 140 -6.37 -13.52 0.37
C PRO A 140 -6.12 -12.04 0.13
N GLU A 141 -5.51 -11.37 1.11
CA GLU A 141 -5.21 -9.95 1.01
C GLU A 141 -3.83 -9.64 1.58
N GLN A 142 -2.96 -9.16 0.70
CA GLN A 142 -1.58 -8.82 1.08
C GLN A 142 -1.28 -7.35 0.76
N ILE A 143 -0.28 -6.80 1.45
CA ILE A 143 0.11 -5.41 1.26
C ILE A 143 1.60 -5.31 0.88
N MET A 144 1.94 -4.24 0.17
CA MET A 144 3.33 -4.01 -0.25
C MET A 144 3.71 -2.54 -0.07
N VAL A 145 4.68 -2.29 0.81
CA VAL A 145 5.13 -0.91 1.07
C VAL A 145 6.62 -0.76 0.81
N SER A 146 7.02 0.44 0.38
CA SER A 146 8.42 0.73 0.08
C SER A 146 8.71 2.22 0.24
N LYS A 147 9.98 2.56 0.45
CA LYS A 147 10.39 3.95 0.60
C LYS A 147 11.33 4.37 -0.52
N CYS A 148 11.26 5.64 -0.90
CA CYS A 148 12.11 6.16 -1.98
C CYS A 148 13.57 6.26 -1.52
N PRO A 149 14.51 5.88 -2.41
CA PRO A 149 15.95 5.92 -2.09
C PRO A 149 16.51 7.34 -2.07
N THR A 1 -13.71 -35.11 34.35
CA THR A 1 -12.25 -35.34 34.49
C THR A 1 -11.68 -34.59 35.68
N PRO A 2 -11.43 -35.30 36.81
CA PRO A 2 -10.88 -34.69 38.03
C PRO A 2 -9.62 -33.87 37.75
N SER A 3 -8.82 -34.32 36.77
CA SER A 3 -7.58 -33.62 36.40
C SER A 3 -7.37 -33.66 34.89
N ALA A 4 -7.07 -32.50 34.31
CA ALA A 4 -6.85 -32.40 32.86
C ALA A 4 -6.03 -31.16 32.50
N SER A 5 -5.25 -31.26 31.43
CA SER A 5 -4.41 -30.15 30.97
C SER A 5 -4.36 -30.10 29.44
N GLY A 6 -4.98 -29.07 28.86
CA GLY A 6 -4.99 -28.92 27.41
C GLY A 6 -6.13 -28.05 26.92
N LEU A 7 -6.67 -28.39 25.75
CA LEU A 7 -7.78 -27.64 25.16
C LEU A 7 -7.39 -26.19 24.91
N THR A 8 -6.12 -25.95 24.57
CA THR A 8 -5.63 -24.61 24.30
C THR A 8 -4.89 -24.56 22.96
N LYS A 9 -5.53 -23.92 21.97
CA LYS A 9 -4.95 -23.80 20.63
C LYS A 9 -3.71 -22.89 20.64
N VAL A 10 -2.55 -23.49 20.41
CA VAL A 10 -1.29 -22.74 20.39
C VAL A 10 -0.67 -22.73 18.99
N ALA A 11 0.26 -21.78 18.76
CA ALA A 11 0.93 -21.65 17.48
C ALA A 11 1.75 -22.89 17.14
N THR A 12 1.35 -23.58 16.08
CA THR A 12 2.03 -24.80 15.64
C THR A 12 2.97 -24.52 14.46
N VAL A 13 4.21 -24.99 14.57
CA VAL A 13 5.20 -24.81 13.51
C VAL A 13 6.14 -26.01 13.42
N SER A 14 6.36 -26.50 12.20
CA SER A 14 7.24 -27.65 11.97
C SER A 14 8.00 -27.53 10.65
N ALA A 15 9.04 -26.72 10.63
CA ALA A 15 9.87 -26.51 9.43
C ALA A 15 9.10 -25.77 8.34
N ALA A 16 9.56 -24.56 8.02
CA ALA A 16 8.92 -23.73 7.00
C ALA A 16 9.85 -23.48 5.82
N SER A 17 9.42 -23.87 4.62
CA SER A 17 10.21 -23.70 3.41
C SER A 17 9.66 -22.55 2.57
N SER A 18 10.56 -21.71 2.04
CA SER A 18 10.15 -20.57 1.22
C SER A 18 10.89 -20.55 -0.11
N LEU A 19 10.13 -20.66 -1.20
CA LEU A 19 10.71 -20.66 -2.55
C LEU A 19 10.28 -19.41 -3.33
N ILE A 20 10.09 -18.30 -2.62
CA ILE A 20 9.70 -17.04 -3.25
C ILE A 20 10.45 -15.85 -2.65
N GLY A 21 10.83 -14.91 -3.51
CA GLY A 21 11.57 -13.74 -3.05
C GLY A 21 11.43 -12.56 -4.00
N GLU A 22 11.43 -11.36 -3.44
CA GLU A 22 11.30 -10.15 -4.23
C GLU A 22 12.40 -9.15 -3.89
N GLY A 23 12.86 -8.41 -4.89
CA GLY A 23 13.91 -7.42 -4.68
C GLY A 23 13.48 -6.01 -5.03
N PHE A 24 14.47 -5.16 -5.32
CA PHE A 24 14.22 -3.76 -5.67
C PHE A 24 13.23 -3.63 -6.83
N MET A 25 13.28 -4.58 -7.78
CA MET A 25 12.41 -4.55 -8.95
C MET A 25 10.93 -4.50 -8.54
N ALA A 26 10.60 -5.08 -7.39
CA ALA A 26 9.22 -5.08 -6.90
C ALA A 26 9.06 -4.18 -5.67
N GLN A 27 10.08 -3.39 -5.36
CA GLN A 27 10.03 -2.48 -4.21
C GLN A 27 9.57 -1.09 -4.62
N CYS A 28 9.88 -0.68 -5.86
CA CYS A 28 9.49 0.64 -6.36
C CYS A 28 9.77 0.75 -7.86
N ASP A 29 9.08 -0.07 -8.65
CA ASP A 29 9.26 -0.05 -10.10
C ASP A 29 8.02 -0.58 -10.83
N ASN A 30 6.86 -0.51 -10.17
CA ASN A 30 5.61 -0.98 -10.77
C ASN A 30 4.82 0.18 -11.39
N PRO A 31 4.65 0.18 -12.73
CA PRO A 31 3.91 1.24 -13.44
C PRO A 31 2.41 1.17 -13.18
N THR A 32 1.77 2.34 -13.07
CA THR A 32 0.33 2.39 -12.81
C THR A 32 -0.46 2.85 -14.04
N ILE A 33 -1.31 1.96 -14.53
CA ILE A 33 -2.16 2.21 -15.70
C ILE A 33 -3.60 1.80 -15.39
N GLU A 34 -4.52 2.26 -16.22
CA GLU A 34 -5.93 1.94 -16.03
C GLU A 34 -6.15 0.43 -16.08
N GLY A 35 -6.42 -0.18 -14.91
CA GLY A 35 -6.64 -1.62 -14.84
C GLY A 35 -8.04 -1.96 -14.37
N ASP A 36 -8.13 -2.91 -13.44
CA ASP A 36 -9.43 -3.32 -12.89
C ASP A 36 -9.62 -2.79 -11.46
N GLY A 37 -9.13 -1.56 -11.22
CA GLY A 37 -9.28 -0.97 -9.90
C GLY A 37 -10.71 -0.61 -9.57
N PRO A 38 -11.22 -1.03 -8.39
CA PRO A 38 -12.59 -0.75 -7.97
C PRO A 38 -12.91 0.75 -7.96
N ILE A 39 -13.86 1.14 -8.80
CA ILE A 39 -14.26 2.54 -8.89
C ILE A 39 -15.23 2.93 -7.77
N GLY A 40 -15.26 4.22 -7.45
CA GLY A 40 -16.14 4.72 -6.40
C GLY A 40 -15.63 4.46 -5.00
N LYS A 41 -14.35 4.09 -4.87
CA LYS A 41 -13.75 3.82 -3.56
C LYS A 41 -12.42 4.55 -3.39
N THR A 42 -12.27 5.23 -2.25
CA THR A 42 -11.04 5.97 -1.95
C THR A 42 -10.31 5.37 -0.76
N LEU A 43 -8.98 5.39 -0.81
CA LEU A 43 -8.16 4.86 0.28
C LEU A 43 -7.92 5.94 1.34
N TYR A 44 -8.30 5.65 2.57
CA TYR A 44 -8.13 6.58 3.67
C TYR A 44 -6.97 6.16 4.57
N VAL A 45 -5.95 7.00 4.67
CA VAL A 45 -4.78 6.70 5.50
C VAL A 45 -4.65 7.69 6.65
N VAL A 46 -4.38 7.16 7.85
CA VAL A 46 -4.23 8.01 9.04
C VAL A 46 -2.96 7.64 9.81
N GLY A 47 -2.08 8.63 9.98
CA GLY A 47 -0.83 8.41 10.69
C GLY A 47 -1.01 8.39 12.19
N ASP A 48 -0.75 7.24 12.81
CA ASP A 48 -0.88 7.08 14.25
C ASP A 48 0.37 7.57 14.97
N PHE A 49 0.39 8.86 15.29
CA PHE A 49 1.50 9.50 16.00
C PHE A 49 2.71 9.68 15.08
N ALA A 50 3.81 10.19 15.66
CA ALA A 50 5.05 10.43 14.92
C ALA A 50 4.90 11.62 13.97
N ASP A 51 4.42 12.74 14.51
CA ASP A 51 4.23 13.96 13.73
C ASP A 51 3.34 13.73 12.51
N ALA A 52 2.37 12.80 12.65
CA ALA A 52 1.46 12.49 11.55
C ALA A 52 0.14 13.23 11.73
N SER A 53 -0.35 13.29 12.96
CA SER A 53 -1.60 13.98 13.27
C SER A 53 -2.77 13.41 12.46
N TRP A 54 -2.66 12.13 12.05
CA TRP A 54 -3.71 11.47 11.27
C TRP A 54 -4.16 12.34 10.09
N LYS A 55 -3.23 12.61 9.17
CA LYS A 55 -3.51 13.44 8.00
C LYS A 55 -3.90 12.58 6.80
N GLN A 56 -4.91 13.03 6.06
CA GLN A 56 -5.39 12.30 4.89
C GLN A 56 -5.80 13.27 3.77
N LYS A 57 -4.85 13.60 2.90
CA LYS A 57 -5.12 14.51 1.79
C LYS A 57 -5.86 13.81 0.65
N PRO A 58 -6.97 14.41 0.17
CA PRO A 58 -7.78 13.83 -0.92
C PRO A 58 -6.95 13.52 -2.18
N HIS A 59 -5.85 14.26 -2.35
CA HIS A 59 -4.96 14.06 -3.51
C HIS A 59 -4.18 12.74 -3.41
N ARG A 60 -4.29 12.05 -2.27
CA ARG A 60 -3.59 10.77 -2.09
C ARG A 60 -4.56 9.68 -1.62
N ALA A 61 -5.86 9.90 -1.87
CA ALA A 61 -6.88 8.94 -1.48
C ALA A 61 -6.61 7.56 -2.09
N TYR A 62 -7.07 7.33 -3.32
CA TYR A 62 -6.84 6.05 -4.00
C TYR A 62 -6.27 6.26 -5.40
N ARG A 63 -5.28 5.44 -5.75
CA ARG A 63 -4.64 5.51 -7.06
C ARG A 63 -4.85 4.21 -7.82
N TYR A 64 -5.47 4.30 -9.00
CA TYR A 64 -5.73 3.12 -9.81
C TYR A 64 -4.45 2.43 -10.24
N VAL A 65 -4.28 1.18 -9.81
CA VAL A 65 -3.12 0.39 -10.19
C VAL A 65 -3.54 -0.67 -11.19
N GLY A 66 -3.14 -0.47 -12.45
CA GLY A 66 -3.50 -1.40 -13.51
C GLY A 66 -3.09 -2.83 -13.18
N GLU A 67 -3.99 -3.54 -12.50
CA GLU A 67 -3.73 -4.93 -12.09
C GLU A 67 -4.64 -5.38 -10.94
N ASN A 68 -5.82 -4.75 -10.78
CA ASN A 68 -6.73 -5.10 -9.69
C ASN A 68 -6.06 -4.83 -8.34
N THR A 69 -5.07 -3.93 -8.33
CA THR A 69 -4.34 -3.59 -7.12
C THR A 69 -4.54 -2.12 -6.75
N TYR A 70 -4.36 -1.80 -5.46
CA TYR A 70 -4.53 -0.43 -4.98
C TYR A 70 -3.19 0.15 -4.53
N GLN A 71 -3.04 1.48 -4.68
CA GLN A 71 -1.81 2.16 -4.29
C GLN A 71 -2.11 3.57 -3.78
N ALA A 72 -1.40 3.98 -2.72
CA ALA A 72 -1.58 5.31 -2.15
C ALA A 72 -0.29 5.82 -1.50
N VAL A 73 0.08 7.06 -1.84
CA VAL A 73 1.30 7.66 -1.29
C VAL A 73 1.04 8.22 0.11
N VAL A 74 1.98 7.97 1.01
CA VAL A 74 1.86 8.43 2.39
C VAL A 74 3.13 9.15 2.84
N ASP A 75 2.95 10.17 3.68
CA ASP A 75 4.08 10.94 4.21
C ASP A 75 4.27 10.64 5.69
N GLU A 76 5.52 10.36 6.07
CA GLU A 76 5.83 10.03 7.46
C GLU A 76 7.05 10.81 7.96
N LYS A 77 7.23 10.81 9.28
CA LYS A 77 8.35 11.51 9.91
C LYS A 77 9.38 10.54 10.49
N ALA A 78 10.54 11.07 10.86
CA ALA A 78 11.63 10.27 11.43
C ALA A 78 11.23 9.64 12.76
N GLY A 79 11.36 8.31 12.84
CA GLY A 79 11.01 7.59 14.04
C GLY A 79 9.89 6.60 13.84
N ALA A 80 9.91 5.51 14.61
CA ALA A 80 8.91 4.46 14.51
C ALA A 80 7.49 5.03 14.57
N PHE A 81 6.66 4.67 13.59
CA PHE A 81 5.29 5.16 13.51
C PHE A 81 4.33 4.07 13.02
N ARG A 82 3.09 4.14 13.50
CA ARG A 82 2.05 3.19 13.11
C ARG A 82 0.99 3.90 12.27
N MET A 83 0.25 3.15 11.44
CA MET A 83 -0.76 3.78 10.59
C MET A 83 -2.00 2.91 10.40
N GLN A 84 -3.14 3.57 10.21
CA GLN A 84 -4.41 2.89 9.97
C GLN A 84 -4.96 3.28 8.59
N TYR A 85 -5.61 2.32 7.93
CA TYR A 85 -6.13 2.56 6.59
C TYR A 85 -7.61 2.18 6.48
N ALA A 86 -8.25 2.73 5.45
CA ALA A 86 -9.66 2.47 5.17
C ALA A 86 -9.81 1.67 3.89
N SER A 87 -10.46 0.51 3.98
CA SER A 87 -10.68 -0.37 2.84
C SER A 87 -11.61 0.27 1.79
N LYS A 88 -11.88 -0.49 0.72
CA LYS A 88 -12.75 -0.02 -0.35
C LYS A 88 -14.23 -0.19 0.01
N ASP A 89 -14.54 -0.97 1.04
CA ASP A 89 -15.93 -1.19 1.46
C ASP A 89 -16.39 -0.12 2.46
N TRP A 90 -16.02 1.15 2.19
CA TRP A 90 -16.40 2.27 3.06
C TRP A 90 -16.02 2.00 4.52
N SER A 91 -15.04 1.12 4.75
CA SER A 91 -14.61 0.79 6.10
C SER A 91 -13.31 1.51 6.43
N PRO A 92 -13.34 2.39 7.46
CA PRO A 92 -12.17 3.15 7.87
C PRO A 92 -11.33 2.41 8.92
N GLN A 93 -10.94 1.17 8.62
CA GLN A 93 -10.15 0.38 9.57
C GLN A 93 -9.25 -0.66 8.88
N PHE A 94 -7.95 -0.58 9.17
CA PHE A 94 -6.97 -1.51 8.64
C PHE A 94 -5.93 -1.82 9.73
N THR A 95 -5.81 -3.10 10.09
CA THR A 95 -4.87 -3.49 11.14
C THR A 95 -4.39 -4.93 10.94
N ALA A 96 -3.08 -5.11 10.89
CA ALA A 96 -2.48 -6.44 10.71
C ALA A 96 -2.09 -7.03 12.06
N ASP A 97 -2.94 -7.93 12.56
CA ASP A 97 -2.71 -8.58 13.85
C ASP A 97 -1.37 -9.32 13.88
N GLY A 98 -0.46 -8.85 14.73
CA GLY A 98 0.85 -9.47 14.85
C GLY A 98 1.62 -9.46 13.54
N LEU A 99 2.32 -8.36 13.27
CA LEU A 99 3.09 -8.24 12.03
C LEU A 99 4.30 -7.31 12.19
N GLU A 100 4.04 -6.05 12.60
CA GLU A 100 5.09 -5.05 12.75
C GLU A 100 5.71 -4.76 11.38
N LEU A 101 5.00 -3.93 10.62
CA LEU A 101 5.42 -3.55 9.27
C LEU A 101 6.85 -3.02 9.24
N THR A 102 7.55 -3.34 8.16
CA THR A 102 8.94 -2.91 7.97
C THR A 102 9.13 -2.31 6.57
N PRO A 103 10.08 -1.36 6.42
CA PRO A 103 10.36 -0.71 5.13
C PRO A 103 10.69 -1.72 4.03
N GLY A 104 9.88 -1.74 2.98
CA GLY A 104 10.09 -2.67 1.89
C GLY A 104 9.90 -4.12 2.33
N LYS A 105 8.94 -4.33 3.24
CA LYS A 105 8.67 -5.67 3.76
C LYS A 105 7.20 -6.03 3.59
N THR A 106 6.94 -7.33 3.38
CA THR A 106 5.58 -7.84 3.20
C THR A 106 4.80 -7.81 4.50
N ALA A 107 3.50 -7.54 4.39
CA ALA A 107 2.62 -7.47 5.57
C ALA A 107 1.38 -8.34 5.38
N SER A 108 0.93 -8.95 6.48
CA SER A 108 -0.26 -9.81 6.45
C SER A 108 -1.54 -8.98 6.53
N LEU A 109 -2.47 -9.24 5.61
CA LEU A 109 -3.74 -8.51 5.58
C LEU A 109 -4.82 -9.29 6.32
N LYS A 110 -5.03 -8.96 7.59
CA LYS A 110 -6.03 -9.64 8.41
C LYS A 110 -7.44 -9.20 8.02
N ARG A 111 -7.76 -7.93 8.24
CA ARG A 111 -9.08 -7.39 7.91
C ARG A 111 -9.16 -5.89 8.19
N GLY A 112 -9.08 -5.51 9.46
CA GLY A 112 -9.15 -4.10 9.83
C GLY A 112 -10.36 -3.79 10.69
N GLY A 113 -10.11 -3.40 11.94
CA GLY A 113 -11.19 -3.07 12.85
C GLY A 113 -10.74 -3.02 14.30
N TYR A 114 -10.04 -1.94 14.66
CA TYR A 114 -9.52 -1.76 16.02
C TYR A 114 -8.58 -2.90 16.40
N GLY A 115 -7.81 -3.40 15.43
CA GLY A 115 -6.88 -4.48 15.69
C GLY A 115 -5.49 -3.96 16.02
N GLN A 116 -4.48 -4.49 15.34
CA GLN A 116 -3.09 -4.07 15.56
C GLN A 116 -2.57 -3.25 14.39
N ASP A 117 -2.33 -1.96 14.63
CA ASP A 117 -1.82 -1.08 13.58
C ASP A 117 -0.41 -1.49 13.16
N THR A 118 -0.06 -1.22 11.91
CA THR A 118 1.26 -1.59 11.41
C THR A 118 2.28 -0.51 11.77
N ALA A 119 3.24 -0.89 12.63
CA ALA A 119 4.28 0.04 13.06
C ALA A 119 5.59 -0.23 12.33
N VAL A 120 6.14 0.81 11.71
CA VAL A 120 7.39 0.70 10.98
C VAL A 120 8.48 1.55 11.64
N THR A 121 9.60 0.91 11.98
CA THR A 121 10.70 1.61 12.62
C THR A 121 11.63 2.26 11.59
N LEU A 122 11.35 3.54 11.29
CA LEU A 122 12.17 4.29 10.34
C LEU A 122 12.55 5.65 10.93
N PRO A 123 13.79 5.77 11.44
CA PRO A 123 14.30 7.02 12.04
C PRO A 123 14.50 8.17 11.03
N GLU A 124 14.04 7.98 9.80
CA GLU A 124 14.18 8.99 8.75
C GLU A 124 12.82 9.36 8.17
N ALA A 125 12.66 10.65 7.84
CA ALA A 125 11.40 11.14 7.27
C ALA A 125 11.49 11.28 5.75
N GLY A 126 10.39 10.95 5.07
CA GLY A 126 10.36 11.04 3.62
C GLY A 126 9.09 10.48 3.01
N GLN A 127 8.96 10.62 1.68
CA GLN A 127 7.79 10.12 0.97
C GLN A 127 7.72 8.59 0.99
N TYR A 128 6.53 8.05 1.16
CA TYR A 128 6.33 6.61 1.20
C TYR A 128 5.21 6.18 0.26
N VAL A 129 5.33 4.97 -0.28
CA VAL A 129 4.32 4.42 -1.19
C VAL A 129 3.82 3.07 -0.69
N TRP A 130 2.50 2.94 -0.62
CA TRP A 130 1.88 1.70 -0.16
C TRP A 130 1.27 0.93 -1.31
N SER A 131 1.85 -0.23 -1.62
CA SER A 131 1.36 -1.08 -2.70
C SER A 131 0.72 -2.34 -2.13
N LEU A 132 -0.45 -2.70 -2.64
CA LEU A 132 -1.16 -3.90 -2.16
C LEU A 132 -1.64 -4.75 -3.33
N LYS A 133 -1.44 -6.07 -3.23
CA LYS A 133 -1.84 -7.00 -4.27
C LYS A 133 -3.09 -7.80 -3.88
N PHE A 134 -4.07 -7.84 -4.77
CA PHE A 134 -5.32 -8.58 -4.53
C PHE A 134 -5.78 -9.29 -5.79
N THR A 135 -6.38 -10.48 -5.61
CA THR A 135 -6.86 -11.28 -6.73
C THR A 135 -8.39 -11.32 -6.76
N ASP A 136 -8.94 -12.03 -7.75
CA ASP A 136 -10.39 -12.17 -7.89
C ASP A 136 -10.93 -13.38 -7.10
N SER A 137 -10.05 -14.34 -6.81
CA SER A 137 -10.44 -15.54 -6.07
C SER A 137 -10.88 -15.22 -4.64
N GLY A 138 -10.37 -14.12 -4.08
CA GLY A 138 -10.73 -13.73 -2.72
C GLY A 138 -9.80 -14.32 -1.67
N ASP A 139 -9.04 -15.36 -2.02
CA ASP A 139 -8.12 -16.00 -1.09
C ASP A 139 -6.77 -15.27 -1.07
N PRO A 140 -6.10 -15.15 -2.24
CA PRO A 140 -4.81 -14.47 -2.33
C PRO A 140 -4.91 -12.99 -1.98
N GLU A 141 -4.55 -12.65 -0.75
CA GLU A 141 -4.60 -11.28 -0.26
C GLU A 141 -3.31 -10.92 0.48
N GLN A 142 -2.47 -10.11 -0.15
CA GLN A 142 -1.20 -9.69 0.46
C GLN A 142 -1.01 -8.18 0.35
N ILE A 143 -0.38 -7.60 1.37
CA ILE A 143 -0.13 -6.16 1.41
C ILE A 143 1.30 -5.86 1.86
N MET A 144 1.95 -4.90 1.23
CA MET A 144 3.32 -4.55 1.59
C MET A 144 3.60 -3.05 1.38
N VAL A 145 4.64 -2.55 2.02
CA VAL A 145 5.01 -1.14 1.90
C VAL A 145 6.47 -0.98 1.45
N SER A 146 6.73 0.05 0.66
CA SER A 146 8.08 0.32 0.17
C SER A 146 8.34 1.82 0.08
N LYS A 147 9.60 2.20 0.23
CA LYS A 147 9.99 3.61 0.17
C LYS A 147 10.69 3.94 -1.14
N CYS A 148 10.40 5.11 -1.69
CA CYS A 148 11.00 5.55 -2.95
C CYS A 148 11.76 6.87 -2.77
N PRO A 149 13.02 6.94 -3.26
CA PRO A 149 13.84 8.14 -3.13
C PRO A 149 13.16 9.38 -3.70
N THR A 1 -4.66 -34.21 -9.67
CA THR A 1 -5.36 -33.25 -8.78
C THR A 1 -5.09 -31.80 -9.22
N PRO A 2 -6.16 -30.98 -9.32
CA PRO A 2 -6.06 -29.57 -9.74
C PRO A 2 -5.11 -28.75 -8.85
N SER A 3 -4.54 -27.68 -9.42
CA SER A 3 -3.63 -26.81 -8.69
C SER A 3 -3.69 -25.37 -9.23
N ALA A 4 -3.55 -24.40 -8.32
CA ALA A 4 -3.59 -22.98 -8.69
C ALA A 4 -2.23 -22.53 -9.26
N SER A 5 -2.26 -21.92 -10.44
CA SER A 5 -1.03 -21.45 -11.09
C SER A 5 -0.71 -20.01 -10.69
N GLY A 6 0.23 -19.85 -9.77
CA GLY A 6 0.62 -18.53 -9.31
C GLY A 6 1.45 -17.79 -10.35
N LEU A 7 2.57 -18.39 -10.75
CA LEU A 7 3.45 -17.77 -11.75
C LEU A 7 4.02 -18.82 -12.70
N THR A 8 3.31 -19.07 -13.80
CA THR A 8 3.74 -20.05 -14.80
C THR A 8 3.15 -19.73 -16.18
N LYS A 9 1.83 -19.50 -16.21
CA LYS A 9 1.13 -19.19 -17.46
C LYS A 9 1.64 -17.88 -18.07
N VAL A 10 1.84 -17.88 -19.39
CA VAL A 10 2.33 -16.70 -20.10
C VAL A 10 1.15 -15.88 -20.67
N ALA A 11 1.35 -14.57 -20.78
CA ALA A 11 0.32 -13.67 -21.29
C ALA A 11 -0.04 -14.01 -22.73
N THR A 12 -1.30 -14.43 -22.94
CA THR A 12 -1.78 -14.80 -24.26
C THR A 12 -2.74 -13.76 -24.82
N VAL A 13 -2.45 -13.27 -26.04
CA VAL A 13 -3.27 -12.28 -26.71
C VAL A 13 -3.23 -10.92 -26.00
N SER A 14 -2.55 -9.95 -26.63
CA SER A 14 -2.43 -8.60 -26.08
C SER A 14 -1.58 -8.59 -24.81
N ALA A 15 -0.29 -8.30 -24.95
CA ALA A 15 0.63 -8.26 -23.81
C ALA A 15 1.90 -7.46 -24.14
N ALA A 16 1.93 -6.19 -23.73
CA ALA A 16 3.09 -5.33 -23.96
C ALA A 16 2.94 -4.00 -23.23
N SER A 17 3.91 -3.68 -22.37
CA SER A 17 3.89 -2.44 -21.60
C SER A 17 5.30 -2.04 -21.14
N SER A 18 5.99 -1.25 -21.97
CA SER A 18 7.35 -0.78 -21.67
C SER A 18 8.36 -1.94 -21.60
N LEU A 19 9.17 -2.06 -22.65
CA LEU A 19 10.18 -3.12 -22.71
C LEU A 19 11.31 -2.86 -21.71
N ILE A 20 11.78 -1.61 -21.64
CA ILE A 20 12.84 -1.23 -20.72
C ILE A 20 12.35 -1.18 -19.27
N GLY A 21 13.18 -1.64 -18.35
CA GLY A 21 12.82 -1.64 -16.94
C GLY A 21 13.79 -2.44 -16.09
N GLU A 22 14.07 -1.93 -14.89
CA GLU A 22 14.97 -2.58 -13.95
C GLU A 22 14.28 -2.90 -12.64
N GLY A 23 14.54 -4.09 -12.10
CA GLY A 23 13.94 -4.49 -10.84
C GLY A 23 14.25 -3.52 -9.71
N PHE A 24 15.38 -2.83 -9.80
CA PHE A 24 15.79 -1.87 -8.78
C PHE A 24 14.76 -0.74 -8.64
N MET A 25 14.40 -0.14 -9.78
CA MET A 25 13.42 0.95 -9.78
C MET A 25 11.99 0.40 -9.75
N ALA A 26 11.82 -0.87 -10.12
CA ALA A 26 10.50 -1.50 -10.13
C ALA A 26 10.13 -2.10 -8.76
N GLN A 27 10.91 -1.76 -7.72
CA GLN A 27 10.62 -2.28 -6.37
C GLN A 27 9.70 -1.33 -5.61
N CYS A 28 9.80 -0.03 -5.90
CA CYS A 28 8.99 0.99 -5.25
C CYS A 28 8.05 1.70 -6.23
N ASP A 29 8.49 1.86 -7.47
CA ASP A 29 7.69 2.53 -8.49
C ASP A 29 7.34 1.58 -9.64
N ASN A 30 6.12 1.03 -9.59
CA ASN A 30 5.64 0.12 -10.63
C ASN A 30 4.78 0.86 -11.66
N PRO A 31 4.72 0.37 -12.91
CA PRO A 31 3.94 1.00 -13.98
C PRO A 31 2.45 1.02 -13.65
N THR A 32 1.87 2.22 -13.58
CA THR A 32 0.46 2.37 -13.29
C THR A 32 -0.34 2.59 -14.57
N ILE A 33 -1.51 1.98 -14.63
CA ILE A 33 -2.39 2.07 -15.79
C ILE A 33 -3.85 2.00 -15.37
N GLU A 34 -4.73 2.36 -16.28
CA GLU A 34 -6.17 2.34 -16.01
C GLU A 34 -6.64 0.92 -15.71
N GLY A 35 -6.97 0.67 -14.44
CA GLY A 35 -7.44 -0.63 -14.01
C GLY A 35 -8.43 -0.54 -12.87
N ASP A 36 -8.60 -1.64 -12.13
CA ASP A 36 -9.52 -1.69 -10.99
C ASP A 36 -10.97 -1.42 -11.43
N GLY A 37 -11.27 -0.16 -11.74
CA GLY A 37 -12.61 0.22 -12.16
C GLY A 37 -13.42 0.76 -11.00
N PRO A 38 -14.49 0.06 -10.57
CA PRO A 38 -15.33 0.50 -9.45
C PRO A 38 -14.63 0.38 -8.10
N ILE A 39 -13.57 -0.43 -8.03
CA ILE A 39 -12.82 -0.63 -6.79
C ILE A 39 -11.69 0.39 -6.65
N GLY A 40 -11.10 0.48 -5.46
CA GLY A 40 -10.03 1.44 -5.21
C GLY A 40 -10.54 2.84 -4.99
N LYS A 41 -11.50 2.99 -4.09
CA LYS A 41 -12.08 4.30 -3.76
C LYS A 41 -11.24 5.04 -2.73
N THR A 42 -11.39 6.36 -2.71
CA THR A 42 -10.66 7.21 -1.78
C THR A 42 -10.84 6.75 -0.33
N LEU A 43 -9.72 6.43 0.33
CA LEU A 43 -9.74 5.98 1.73
C LEU A 43 -8.92 6.92 2.61
N TYR A 44 -8.92 6.64 3.92
CA TYR A 44 -8.17 7.46 4.88
C TYR A 44 -7.31 6.59 5.79
N VAL A 45 -5.99 6.79 5.74
CA VAL A 45 -5.06 6.03 6.57
C VAL A 45 -4.69 6.83 7.83
N VAL A 46 -4.77 6.17 8.98
CA VAL A 46 -4.44 6.81 10.26
C VAL A 46 -3.72 5.83 11.20
N GLY A 47 -3.39 6.31 12.40
CA GLY A 47 -2.70 5.48 13.37
C GLY A 47 -1.32 6.01 13.72
N ASP A 48 -0.78 6.89 12.87
CA ASP A 48 0.56 7.46 13.07
C ASP A 48 0.81 7.89 14.52
N PHE A 49 0.30 9.07 14.92
CA PHE A 49 0.49 9.59 16.27
C PHE A 49 1.94 9.98 16.56
N ALA A 50 2.81 9.88 15.55
CA ALA A 50 4.21 10.23 15.70
C ALA A 50 4.52 11.51 14.94
N ASP A 51 3.84 12.59 15.34
CA ASP A 51 4.01 13.90 14.70
C ASP A 51 3.38 13.91 13.31
N ALA A 52 2.44 12.98 13.06
CA ALA A 52 1.77 12.90 11.77
C ALA A 52 0.37 13.52 11.85
N SER A 53 -0.35 13.21 12.92
CA SER A 53 -1.70 13.73 13.14
C SER A 53 -2.71 13.10 12.17
N TRP A 54 -2.40 11.89 11.68
CA TRP A 54 -3.29 11.17 10.76
C TRP A 54 -3.73 12.07 9.60
N LYS A 55 -2.77 12.53 8.80
CA LYS A 55 -3.05 13.39 7.66
C LYS A 55 -3.17 12.58 6.37
N GLN A 56 -4.17 12.91 5.56
CA GLN A 56 -4.39 12.22 4.28
C GLN A 56 -4.71 13.22 3.17
N LYS A 57 -3.68 13.60 2.41
CA LYS A 57 -3.83 14.56 1.31
C LYS A 57 -4.81 14.02 0.27
N PRO A 58 -5.96 14.70 0.07
CA PRO A 58 -6.98 14.28 -0.91
C PRO A 58 -6.41 14.12 -2.31
N HIS A 59 -5.40 14.94 -2.65
CA HIS A 59 -4.75 14.87 -3.96
C HIS A 59 -4.16 13.49 -4.24
N ARG A 60 -3.85 12.74 -3.16
CA ARG A 60 -3.29 11.39 -3.30
C ARG A 60 -4.06 10.40 -2.41
N ALA A 61 -5.30 10.74 -2.08
CA ALA A 61 -6.15 9.88 -1.24
C ALA A 61 -6.23 8.46 -1.80
N TYR A 62 -6.13 8.33 -3.13
CA TYR A 62 -6.19 7.02 -3.79
C TYR A 62 -5.65 7.10 -5.22
N ARG A 63 -4.77 6.15 -5.56
CA ARG A 63 -4.19 6.10 -6.90
C ARG A 63 -4.54 4.76 -7.56
N TYR A 64 -5.31 4.82 -8.65
CA TYR A 64 -5.72 3.60 -9.35
C TYR A 64 -4.53 2.84 -9.88
N VAL A 65 -4.36 1.61 -9.39
CA VAL A 65 -3.27 0.76 -9.83
C VAL A 65 -3.80 -0.26 -10.82
N GLY A 66 -3.65 0.04 -12.11
CA GLY A 66 -4.13 -0.84 -13.17
C GLY A 66 -3.80 -2.28 -12.92
N GLU A 67 -4.69 -2.97 -12.19
CA GLU A 67 -4.51 -4.37 -11.83
C GLU A 67 -5.30 -4.77 -10.57
N ASN A 68 -6.39 -4.07 -10.26
CA ASN A 68 -7.19 -4.37 -9.07
C ASN A 68 -6.36 -4.17 -7.79
N THR A 69 -5.34 -3.32 -7.87
CA THR A 69 -4.47 -3.02 -6.74
C THR A 69 -4.66 -1.57 -6.27
N TYR A 70 -4.36 -1.30 -5.00
CA TYR A 70 -4.51 0.06 -4.47
C TYR A 70 -3.16 0.61 -4.00
N GLN A 71 -2.87 1.85 -4.38
CA GLN A 71 -1.62 2.51 -4.02
C GLN A 71 -1.84 3.97 -3.70
N ALA A 72 -1.27 4.43 -2.59
CA ALA A 72 -1.40 5.82 -2.16
C ALA A 72 -0.16 6.29 -1.41
N VAL A 73 0.50 7.33 -1.94
CA VAL A 73 1.70 7.88 -1.33
C VAL A 73 1.35 8.73 -0.11
N VAL A 74 2.01 8.48 1.02
CA VAL A 74 1.74 9.22 2.24
C VAL A 74 3.02 9.82 2.84
N ASP A 75 2.94 11.09 3.23
CA ASP A 75 4.07 11.80 3.83
C ASP A 75 3.88 11.94 5.34
N GLU A 76 4.53 11.05 6.10
CA GLU A 76 4.42 11.06 7.57
C GLU A 76 5.80 11.11 8.23
N LYS A 77 5.80 11.40 9.53
CA LYS A 77 7.06 11.49 10.29
C LYS A 77 7.80 10.14 10.31
N ALA A 78 9.03 10.17 10.79
CA ALA A 78 9.86 8.96 10.85
C ALA A 78 10.28 8.64 12.29
N GLY A 79 10.34 7.33 12.58
CA GLY A 79 10.74 6.88 13.90
C GLY A 79 9.55 6.56 14.79
N ALA A 80 9.20 5.26 14.85
CA ALA A 80 8.07 4.79 15.66
C ALA A 80 6.74 5.39 15.18
N PHE A 81 6.27 4.91 14.03
CA PHE A 81 5.01 5.38 13.46
C PHE A 81 4.16 4.20 12.98
N ARG A 82 2.86 4.26 13.23
CA ARG A 82 1.93 3.20 12.84
C ARG A 82 0.87 3.73 11.89
N MET A 83 0.28 2.85 11.08
CA MET A 83 -0.76 3.26 10.14
C MET A 83 -1.70 2.10 9.78
N GLN A 84 -2.93 2.46 9.38
CA GLN A 84 -3.93 1.48 8.99
C GLN A 84 -4.95 2.11 8.03
N TYR A 85 -5.37 1.37 7.01
CA TYR A 85 -6.33 1.89 6.03
C TYR A 85 -7.76 1.46 6.35
N ALA A 86 -8.71 2.37 6.12
CA ALA A 86 -10.13 2.10 6.37
C ALA A 86 -11.01 3.12 5.64
N SER A 87 -11.92 2.62 4.80
CA SER A 87 -12.82 3.50 4.06
C SER A 87 -13.92 4.05 4.97
N LYS A 88 -14.62 5.08 4.50
CA LYS A 88 -15.70 5.71 5.27
C LYS A 88 -16.91 4.79 5.38
N ASP A 89 -17.36 4.26 4.24
CA ASP A 89 -18.52 3.36 4.21
C ASP A 89 -18.12 1.89 4.38
N TRP A 90 -17.09 1.64 5.21
CA TRP A 90 -16.62 0.27 5.47
C TRP A 90 -16.32 -0.47 4.16
N SER A 91 -15.72 0.23 3.20
CA SER A 91 -15.37 -0.34 1.90
C SER A 91 -13.99 -1.02 1.96
N PRO A 92 -13.55 -1.66 0.85
CA PRO A 92 -12.26 -2.36 0.78
C PRO A 92 -11.12 -1.53 1.38
N GLN A 93 -10.59 -1.99 2.51
CA GLN A 93 -9.50 -1.33 3.21
C GLN A 93 -8.35 -2.29 3.50
N PHE A 94 -7.34 -1.81 4.23
CA PHE A 94 -6.19 -2.64 4.58
C PHE A 94 -6.01 -2.69 6.10
N THR A 95 -6.08 -3.90 6.65
CA THR A 95 -5.95 -4.11 8.09
C THR A 95 -4.92 -5.19 8.38
N ALA A 96 -4.04 -4.91 9.35
CA ALA A 96 -2.98 -5.84 9.75
C ALA A 96 -3.03 -6.12 11.24
N ASP A 97 -2.79 -7.38 11.63
CA ASP A 97 -2.82 -7.77 13.03
C ASP A 97 -1.55 -8.53 13.44
N GLY A 98 -0.66 -7.83 14.17
CA GLY A 98 0.58 -8.45 14.63
C GLY A 98 1.53 -8.80 13.50
N LEU A 99 2.56 -7.98 13.30
CA LEU A 99 3.54 -8.24 12.24
C LEU A 99 4.77 -7.32 12.34
N GLU A 100 4.55 -6.05 12.70
CA GLU A 100 5.64 -5.08 12.80
C GLU A 100 6.31 -4.93 11.44
N LEU A 101 5.64 -4.21 10.56
CA LEU A 101 6.10 -3.99 9.19
C LEU A 101 7.50 -3.37 9.16
N THR A 102 8.28 -3.79 8.16
CA THR A 102 9.64 -3.28 7.99
C THR A 102 9.84 -2.84 6.53
N PRO A 103 10.62 -1.74 6.32
CA PRO A 103 10.88 -1.21 4.98
C PRO A 103 11.28 -2.30 3.98
N GLY A 104 10.47 -2.47 2.94
CA GLY A 104 10.74 -3.48 1.93
C GLY A 104 10.30 -4.87 2.37
N LYS A 105 9.21 -4.94 3.12
CA LYS A 105 8.67 -6.21 3.62
C LYS A 105 7.18 -6.33 3.33
N THR A 106 6.74 -7.56 3.04
CA THR A 106 5.34 -7.82 2.74
C THR A 106 4.51 -7.89 4.02
N ALA A 107 3.32 -7.26 3.98
CA ALA A 107 2.43 -7.23 5.13
C ALA A 107 1.19 -8.11 4.90
N SER A 108 0.71 -8.74 5.97
CA SER A 108 -0.46 -9.61 5.88
C SER A 108 -1.76 -8.80 5.91
N LEU A 109 -2.69 -9.12 5.02
CA LEU A 109 -3.96 -8.40 4.95
C LEU A 109 -5.08 -9.24 5.55
N LYS A 110 -6.00 -8.57 6.23
CA LYS A 110 -7.13 -9.25 6.87
C LYS A 110 -8.42 -9.07 6.05
N ARG A 111 -8.96 -7.85 6.05
CA ARG A 111 -10.19 -7.55 5.31
C ARG A 111 -10.60 -6.08 5.48
N GLY A 112 -10.97 -5.72 6.70
CA GLY A 112 -11.38 -4.35 6.98
C GLY A 112 -12.29 -4.26 8.19
N GLY A 113 -12.18 -3.15 8.93
CA GLY A 113 -13.00 -2.95 10.11
C GLY A 113 -12.18 -3.01 11.39
N TYR A 114 -11.14 -3.85 11.40
CA TYR A 114 -10.27 -3.99 12.55
C TYR A 114 -8.84 -4.29 12.12
N GLY A 115 -8.01 -3.24 12.07
CA GLY A 115 -6.63 -3.40 11.66
C GLY A 115 -5.67 -2.81 12.66
N GLN A 116 -5.05 -3.67 13.47
CA GLN A 116 -4.09 -3.23 14.48
C GLN A 116 -3.04 -2.32 13.87
N ASP A 117 -2.62 -1.31 14.63
CA ASP A 117 -1.63 -0.36 14.15
C ASP A 117 -0.28 -1.05 13.89
N THR A 118 0.19 -0.93 12.65
CA THR A 118 1.46 -1.52 12.25
C THR A 118 2.58 -0.50 12.39
N ALA A 119 3.51 -0.76 13.31
CA ALA A 119 4.62 0.14 13.56
C ALA A 119 5.81 -0.17 12.66
N VAL A 120 6.44 0.90 12.13
CA VAL A 120 7.59 0.76 11.25
C VAL A 120 8.76 1.58 11.79
N THR A 121 9.96 0.97 11.82
CA THR A 121 11.15 1.64 12.31
C THR A 121 11.90 2.32 11.15
N LEU A 122 11.60 3.60 10.93
CA LEU A 122 12.25 4.37 9.87
C LEU A 122 12.74 5.71 10.41
N PRO A 123 14.07 5.89 10.58
CA PRO A 123 14.66 7.14 11.08
C PRO A 123 14.71 8.27 10.05
N GLU A 124 14.07 8.06 8.89
CA GLU A 124 14.06 9.05 7.81
C GLU A 124 12.62 9.44 7.44
N ALA A 125 12.29 10.72 7.65
CA ALA A 125 10.95 11.21 7.34
C ALA A 125 10.80 11.50 5.85
N GLY A 126 9.63 11.18 5.30
CA GLY A 126 9.38 11.41 3.89
C GLY A 126 8.07 10.79 3.40
N GLN A 127 7.92 10.68 2.09
CA GLN A 127 6.72 10.11 1.50
C GLN A 127 6.93 8.63 1.17
N TYR A 128 6.10 7.77 1.76
CA TYR A 128 6.20 6.33 1.54
C TYR A 128 5.07 5.85 0.62
N VAL A 129 5.30 4.73 -0.06
CA VAL A 129 4.29 4.19 -0.97
C VAL A 129 3.71 2.88 -0.45
N TRP A 130 2.40 2.86 -0.24
CA TRP A 130 1.70 1.68 0.25
C TRP A 130 1.01 0.96 -0.89
N SER A 131 1.50 -0.24 -1.22
CA SER A 131 0.93 -1.04 -2.31
C SER A 131 0.49 -2.42 -1.82
N LEU A 132 -0.72 -2.83 -2.20
CA LEU A 132 -1.22 -4.14 -1.79
C LEU A 132 -1.88 -4.86 -2.97
N LYS A 133 -1.60 -6.16 -3.11
CA LYS A 133 -2.17 -6.96 -4.19
C LYS A 133 -2.91 -8.17 -3.64
N PHE A 134 -4.20 -8.24 -3.94
CA PHE A 134 -5.03 -9.34 -3.49
C PHE A 134 -6.05 -9.71 -4.56
N THR A 135 -6.45 -10.96 -4.56
CA THR A 135 -7.42 -11.46 -5.54
C THR A 135 -8.83 -10.92 -5.24
N ASP A 136 -9.67 -10.89 -6.28
CA ASP A 136 -11.04 -10.41 -6.13
C ASP A 136 -12.02 -11.56 -5.84
N SER A 137 -11.57 -12.80 -6.02
CA SER A 137 -12.42 -13.97 -5.78
C SER A 137 -12.29 -14.52 -4.35
N GLY A 138 -11.72 -13.75 -3.44
CA GLY A 138 -11.58 -14.21 -2.06
C GLY A 138 -10.28 -14.95 -1.79
N ASP A 139 -9.51 -15.24 -2.85
CA ASP A 139 -8.23 -15.95 -2.73
C ASP A 139 -7.22 -15.15 -1.88
N PRO A 140 -5.98 -15.67 -1.73
CA PRO A 140 -4.92 -15.02 -0.93
C PRO A 140 -4.85 -13.50 -1.11
N GLU A 141 -4.34 -12.82 -0.08
CA GLU A 141 -4.21 -11.37 -0.08
C GLU A 141 -2.88 -10.96 0.55
N GLN A 142 -2.02 -10.34 -0.25
CA GLN A 142 -0.70 -9.92 0.25
C GLN A 142 -0.48 -8.41 0.06
N ILE A 143 0.37 -7.83 0.90
CA ILE A 143 0.68 -6.40 0.84
C ILE A 143 2.18 -6.17 0.67
N MET A 144 2.54 -5.02 0.12
CA MET A 144 3.95 -4.66 -0.09
C MET A 144 4.23 -3.23 0.36
N VAL A 145 5.32 -3.05 1.11
CA VAL A 145 5.70 -1.73 1.59
C VAL A 145 7.14 -1.39 1.20
N SER A 146 7.33 -0.22 0.60
CA SER A 146 8.65 0.23 0.17
C SER A 146 8.81 1.73 0.37
N LYS A 147 10.02 2.15 0.72
CA LYS A 147 10.31 3.57 0.94
C LYS A 147 11.35 4.08 -0.07
N CYS A 148 10.89 4.81 -1.08
CA CYS A 148 11.77 5.37 -2.10
C CYS A 148 11.79 6.89 -2.03
N PRO A 149 12.96 7.50 -2.25
CA PRO A 149 13.10 8.97 -2.22
C PRO A 149 12.45 9.65 -3.42
#